data_6QPU
#
_entry.id   6QPU
#
_cell.length_a   165.884
_cell.length_b   167.520
_cell.length_c   143.982
_cell.angle_alpha   90.00
_cell.angle_beta   90.00
_cell.angle_gamma   90.00
#
_symmetry.space_group_name_H-M   'C 2 2 21'
#
loop_
_entity.id
_entity.type
_entity.pdbx_description
1 polymer 'Copper-containing nitrite reductase'
2 non-polymer 'COPPER (II) ION'
3 non-polymer 'CHLORIDE ION'
4 non-polymer 'TETRAETHYLENE GLYCOL'
5 water water
#
_entity_poly.entity_id   1
_entity_poly.type   'polypeptide(L)'
_entity_poly.pdbx_seq_one_letter_code
;ASAKLPGDFGPPRGEPIHAVLTSPPLVPPPVNRTYPAKVIVELEVVEKEMQISEGVSYTFWTFGGTVPGSFIRVRQGDTV
EFHLKNHPSSKMPHNIDLHGVTGPGGGAASSFTAPGHESQFTFKALNEGIYVYHCATAPVGMHIANGMYGLILVEPPEGL
PKVDHEYYVMQGDFYTAGKYREKGLQPFDMEKAIDERPSYVLFNGAEGALTGDKALHAKVGETVRIFVGNGGPNLVSSFH
VIGAIFDQVRYEGGTNVQKNVQTTLIPAGGAAVVKFTARVPGSYVLVDHSIFRAFNKGAMAILKIDGAENKLVYSGKELD
SVYLGDRAAPN
;
_entity_poly.pdbx_strand_id   A,B,C,D,E,F
#
loop_
_chem_comp.id
_chem_comp.type
_chem_comp.name
_chem_comp.formula
CL non-polymer 'CHLORIDE ION' 'Cl -1'
CU non-polymer 'COPPER (II) ION' 'Cu 2'
PG4 non-polymer 'TETRAETHYLENE GLYCOL' 'C8 H18 O5'
#
# COMPACT_ATOMS: atom_id res chain seq x y z
N PRO A 6 -30.65 43.77 9.49
CA PRO A 6 -29.85 42.69 10.14
C PRO A 6 -30.06 42.61 11.66
N GLY A 7 -31.30 42.79 12.13
CA GLY A 7 -31.66 43.14 13.53
C GLY A 7 -31.98 44.62 13.68
N ASP A 8 -32.40 45.27 12.59
CA ASP A 8 -32.55 46.74 12.46
C ASP A 8 -34.02 47.10 12.68
N PHE A 9 -34.41 47.37 13.93
CA PHE A 9 -35.79 47.78 14.28
C PHE A 9 -35.83 49.29 14.50
N GLY A 10 -34.71 49.95 14.26
CA GLY A 10 -34.59 51.42 14.23
C GLY A 10 -33.94 51.93 15.51
N PRO A 11 -34.07 53.23 15.82
CA PRO A 11 -33.46 53.80 17.02
C PRO A 11 -34.16 53.37 18.32
N PRO A 12 -33.44 53.35 19.47
CA PRO A 12 -34.07 53.14 20.76
C PRO A 12 -35.22 54.11 21.03
N ARG A 13 -36.34 53.58 21.51
CA ARG A 13 -37.56 54.35 21.85
C ARG A 13 -37.94 54.10 23.31
N GLY A 14 -38.86 54.92 23.81
CA GLY A 14 -39.41 54.83 25.16
C GLY A 14 -38.37 55.13 26.22
N GLU A 15 -38.72 54.79 27.44
CA GLU A 15 -37.92 55.07 28.67
C GLU A 15 -36.66 54.22 28.60
N PRO A 16 -35.50 54.75 29.03
CA PRO A 16 -34.34 53.89 29.25
C PRO A 16 -34.73 52.83 30.29
N ILE A 17 -34.30 51.58 30.08
CA ILE A 17 -34.58 50.43 30.99
C ILE A 17 -33.29 50.11 31.76
N HIS A 18 -33.34 50.19 33.09
CA HIS A 18 -32.30 49.68 34.02
C HIS A 18 -32.56 48.18 34.20
N ALA A 19 -31.90 47.34 33.39
CA ALA A 19 -32.04 45.86 33.38
C ALA A 19 -32.01 45.32 34.81
N VAL A 20 -33.05 44.56 35.17
CA VAL A 20 -33.11 43.75 36.42
C VAL A 20 -32.46 42.41 36.10
N LEU A 21 -31.27 42.18 36.67
CA LEU A 21 -30.52 40.92 36.50
C LEU A 21 -30.97 39.96 37.60
N THR A 22 -30.84 38.65 37.35
CA THR A 22 -31.17 37.61 38.34
C THR A 22 -29.93 36.79 38.69
N SER A 23 -29.90 36.34 39.94
CA SER A 23 -28.98 35.32 40.47
C SER A 23 -29.46 33.97 39.99
N PRO A 24 -28.54 33.11 39.48
CA PRO A 24 -28.89 31.73 39.17
C PRO A 24 -29.52 31.06 40.38
N PRO A 25 -30.50 30.15 40.18
CA PRO A 25 -30.90 29.73 38.84
C PRO A 25 -32.12 30.45 38.26
N LEU A 26 -32.41 31.67 38.73
CA LEU A 26 -33.65 32.41 38.33
C LEU A 26 -33.34 33.24 37.09
N VAL A 27 -34.41 33.62 36.39
CA VAL A 27 -34.37 34.30 35.06
C VAL A 27 -35.26 35.53 35.14
N PRO A 28 -34.85 36.69 34.58
CA PRO A 28 -35.71 37.85 34.52
C PRO A 28 -36.98 37.47 33.77
N PRO A 29 -38.12 38.16 34.00
CA PRO A 29 -39.35 37.85 33.27
C PRO A 29 -39.20 38.23 31.79
N PRO A 30 -40.06 37.71 30.89
CA PRO A 30 -40.11 38.17 29.51
C PRO A 30 -40.10 39.69 29.41
N VAL A 31 -39.52 40.25 28.35
CA VAL A 31 -39.33 41.72 28.23
C VAL A 31 -40.67 42.35 27.80
N ASN A 32 -41.49 41.57 27.09
CA ASN A 32 -42.92 41.87 26.86
C ASN A 32 -43.01 43.30 26.33
N ARG A 33 -42.49 43.49 25.12
CA ARG A 33 -42.18 44.81 24.56
C ARG A 33 -42.15 44.66 23.03
N THR A 34 -42.77 45.59 22.30
CA THR A 34 -42.87 45.56 20.80
C THR A 34 -41.95 46.62 20.18
N TYR A 35 -41.18 47.36 20.98
CA TYR A 35 -40.30 48.46 20.49
C TYR A 35 -38.86 48.18 20.93
N PRO A 36 -37.85 48.59 20.13
CA PRO A 36 -36.46 48.58 20.60
C PRO A 36 -36.20 49.67 21.65
N ALA A 37 -35.41 49.35 22.67
CA ALA A 37 -35.12 50.24 23.83
C ALA A 37 -33.60 50.39 24.05
N LYS A 38 -33.24 51.41 24.82
CA LYS A 38 -31.90 51.54 25.44
C LYS A 38 -31.97 50.78 26.77
N VAL A 39 -31.11 49.78 26.94
CA VAL A 39 -31.06 48.97 28.20
C VAL A 39 -29.72 49.24 28.87
N ILE A 40 -29.76 49.74 30.10
CA ILE A 40 -28.56 50.00 30.94
C ILE A 40 -28.31 48.79 31.82
N VAL A 41 -27.22 48.05 31.55
CA VAL A 41 -26.80 46.85 32.33
C VAL A 41 -25.65 47.25 33.25
N GLU A 42 -25.82 47.10 34.56
CA GLU A 42 -24.76 47.28 35.59
C GLU A 42 -24.41 45.90 36.14
N LEU A 43 -23.11 45.58 36.18
CA LEU A 43 -22.57 44.25 36.55
C LEU A 43 -21.25 44.44 37.31
N GLU A 44 -21.25 44.04 38.58
CA GLU A 44 -20.12 44.17 39.52
C GLU A 44 -19.31 42.88 39.49
N VAL A 45 -18.01 42.98 39.23
CA VAL A 45 -17.05 41.84 39.36
C VAL A 45 -16.62 41.79 40.84
N VAL A 46 -16.78 40.63 41.48
CA VAL A 46 -16.40 40.37 42.89
C VAL A 46 -15.56 39.09 42.96
N GLU A 47 -14.35 39.16 43.51
CA GLU A 47 -13.50 37.98 43.79
C GLU A 47 -13.76 37.56 45.23
N LYS A 48 -14.14 36.31 45.48
CA LYS A 48 -14.51 35.86 46.85
C LYS A 48 -14.38 34.34 47.02
N GLU A 49 -13.90 33.92 48.18
CA GLU A 49 -13.97 32.52 48.68
C GLU A 49 -15.45 32.12 48.77
N MET A 50 -15.81 30.96 48.22
CA MET A 50 -17.11 30.28 48.47
C MET A 50 -16.84 28.78 48.61
N GLN A 51 -17.80 28.03 49.16
CA GLN A 51 -17.72 26.54 49.29
C GLN A 51 -17.95 25.94 47.88
N ILE A 52 -17.04 25.08 47.41
CA ILE A 52 -17.15 24.36 46.12
C ILE A 52 -17.61 22.92 46.41
N SER A 53 -17.39 22.44 47.62
CA SER A 53 -17.87 21.12 48.12
C SER A 53 -17.93 21.15 49.64
N GLU A 54 -18.53 20.14 50.27
CA GLU A 54 -18.52 19.97 51.76
C GLU A 54 -17.06 20.07 52.23
N GLY A 55 -16.74 21.13 52.99
CA GLY A 55 -15.42 21.37 53.62
C GLY A 55 -14.34 21.84 52.65
N VAL A 56 -14.71 22.11 51.39
CA VAL A 56 -13.78 22.58 50.32
C VAL A 56 -14.14 24.00 49.93
N SER A 57 -13.19 24.92 50.00
CA SER A 57 -13.39 26.31 49.56
C SER A 57 -12.51 26.61 48.34
N TYR A 58 -12.92 27.63 47.58
CA TYR A 58 -12.31 28.03 46.30
C TYR A 58 -12.47 29.55 46.18
N THR A 59 -11.40 30.23 45.77
CA THR A 59 -11.46 31.67 45.45
C THR A 59 -12.05 31.79 44.05
N PHE A 60 -13.36 32.06 43.97
CA PHE A 60 -14.07 32.29 42.68
C PHE A 60 -13.90 33.76 42.29
N TRP A 61 -13.89 34.01 40.97
CA TRP A 61 -14.02 35.36 40.34
C TRP A 61 -15.38 35.39 39.66
N THR A 62 -16.22 36.35 39.99
CA THR A 62 -17.67 36.24 39.71
C THR A 62 -18.18 37.55 39.10
N PHE A 63 -19.11 37.44 38.16
CA PHE A 63 -19.98 38.55 37.72
C PHE A 63 -21.24 38.53 38.59
N GLY A 64 -21.35 39.44 39.58
CA GLY A 64 -22.56 39.66 40.40
C GLY A 64 -22.54 38.89 41.70
N GLY A 65 -21.42 38.22 42.02
CA GLY A 65 -21.25 37.47 43.28
C GLY A 65 -21.68 36.01 43.16
N THR A 66 -21.95 35.52 41.95
CA THR A 66 -22.41 34.13 41.72
C THR A 66 -21.64 33.49 40.57
N VAL A 67 -21.70 32.15 40.52
CA VAL A 67 -21.23 31.31 39.38
C VAL A 67 -22.37 30.37 39.03
N PRO A 68 -23.02 30.51 37.84
CA PRO A 68 -22.61 31.50 36.85
C PRO A 68 -22.99 32.91 37.30
N GLY A 69 -22.55 33.89 36.53
CA GLY A 69 -22.91 35.31 36.75
C GLY A 69 -24.41 35.56 36.59
N SER A 70 -24.82 36.79 36.87
CA SER A 70 -26.21 37.28 36.76
C SER A 70 -26.74 37.06 35.35
N PHE A 71 -27.96 36.56 35.23
CA PHE A 71 -28.64 36.41 33.93
C PHE A 71 -29.07 37.80 33.44
N ILE A 72 -28.77 38.11 32.18
CA ILE A 72 -29.12 39.40 31.52
C ILE A 72 -30.13 39.05 30.43
N ARG A 73 -31.19 39.85 30.30
CA ARG A 73 -32.30 39.58 29.37
C ARG A 73 -32.68 40.84 28.60
N VAL A 74 -32.48 40.84 27.28
CA VAL A 74 -32.84 41.98 26.38
C VAL A 74 -33.54 41.43 25.15
N ARG A 75 -33.85 42.32 24.22
CA ARG A 75 -34.60 42.04 22.98
C ARG A 75 -33.69 42.33 21.79
N GLN A 76 -33.69 41.46 20.79
CA GLN A 76 -32.97 41.69 19.52
C GLN A 76 -33.38 43.08 19.03
N GLY A 77 -32.41 43.96 18.76
CA GLY A 77 -32.62 45.34 18.28
C GLY A 77 -32.34 46.36 19.36
N ASP A 78 -32.14 45.92 20.60
CA ASP A 78 -31.90 46.79 21.78
C ASP A 78 -30.48 47.36 21.73
N THR A 79 -30.34 48.58 22.20
CA THR A 79 -29.04 49.23 22.45
C THR A 79 -28.71 49.01 23.92
N VAL A 80 -27.62 48.28 24.18
CA VAL A 80 -27.22 47.91 25.56
C VAL A 80 -26.08 48.85 25.95
N GLU A 81 -26.32 49.69 26.95
CA GLU A 81 -25.25 50.50 27.58
C GLU A 81 -24.71 49.68 28.74
N PHE A 82 -23.56 49.05 28.55
CA PHE A 82 -22.96 48.12 29.55
C PHE A 82 -22.05 48.90 30.50
N HIS A 83 -22.23 48.64 31.79
CA HIS A 83 -21.42 49.19 32.91
C HIS A 83 -20.78 48.02 33.66
N LEU A 84 -19.48 47.80 33.46
CA LEU A 84 -18.72 46.76 34.22
C LEU A 84 -17.99 47.44 35.38
N LYS A 85 -18.51 47.28 36.59
CA LYS A 85 -17.87 47.73 37.86
C LYS A 85 -16.97 46.58 38.34
N ASN A 86 -15.79 46.92 38.88
CA ASN A 86 -14.78 45.97 39.43
C ASN A 86 -14.47 46.42 40.86
N HIS A 87 -15.07 45.76 41.86
CA HIS A 87 -14.97 46.08 43.31
C HIS A 87 -13.52 46.34 43.66
N PRO A 88 -13.19 47.35 44.50
CA PRO A 88 -11.80 47.71 44.79
C PRO A 88 -11.03 46.60 45.53
N SER A 89 -11.74 45.65 46.12
CA SER A 89 -11.18 44.44 46.79
C SER A 89 -10.57 43.45 45.80
N SER A 90 -10.79 43.60 44.48
CA SER A 90 -10.24 42.73 43.40
C SER A 90 -8.72 42.85 43.34
N LYS A 91 -8.02 41.71 43.20
CA LYS A 91 -6.55 41.63 42.99
C LYS A 91 -6.22 41.88 41.51
N MET A 92 -7.19 41.61 40.64
CA MET A 92 -7.00 41.49 39.17
C MET A 92 -7.93 42.46 38.44
N PRO A 93 -7.46 43.05 37.31
CA PRO A 93 -8.35 43.68 36.34
C PRO A 93 -9.15 42.59 35.61
N HIS A 94 -10.32 42.96 35.12
CA HIS A 94 -11.32 42.06 34.50
C HIS A 94 -11.98 42.82 33.34
N ASN A 95 -12.60 42.08 32.44
CA ASN A 95 -13.36 42.67 31.30
C ASN A 95 -14.50 41.69 31.01
N ILE A 96 -15.22 41.92 29.92
CA ILE A 96 -16.37 41.05 29.55
C ILE A 96 -16.39 40.92 28.04
N ASP A 97 -16.40 39.68 27.59
CA ASP A 97 -16.75 39.26 26.21
C ASP A 97 -18.15 38.67 26.29
N LEU A 98 -19.13 39.27 25.65
CA LEU A 98 -20.46 38.62 25.51
C LEU A 98 -20.55 38.10 24.08
N HIS A 99 -20.96 36.84 23.91
CA HIS A 99 -21.14 36.19 22.59
C HIS A 99 -22.28 36.88 21.82
N GLY A 100 -23.13 37.64 22.50
CA GLY A 100 -24.20 38.42 21.86
C GLY A 100 -23.68 39.70 21.19
N VAL A 101 -22.43 40.10 21.47
CA VAL A 101 -21.86 41.41 20.99
C VAL A 101 -21.21 41.18 19.63
N THR A 102 -21.59 42.01 18.66
CA THR A 102 -20.94 42.09 17.33
C THR A 102 -19.89 43.21 17.42
N GLY A 103 -18.62 42.82 17.50
CA GLY A 103 -17.48 43.76 17.57
C GLY A 103 -16.30 43.19 18.35
N PRO A 104 -15.10 43.79 18.20
CA PRO A 104 -13.87 43.25 18.79
C PRO A 104 -14.04 42.77 20.25
N GLY A 105 -13.65 41.51 20.50
CA GLY A 105 -13.61 40.91 21.85
C GLY A 105 -14.98 40.64 22.45
N GLY A 106 -16.05 40.71 21.66
CA GLY A 106 -17.43 40.77 22.19
C GLY A 106 -17.56 41.79 23.32
N GLY A 107 -16.76 42.88 23.29
CA GLY A 107 -16.78 43.91 24.34
C GLY A 107 -15.50 43.96 25.15
N ALA A 108 -14.67 42.92 25.06
CA ALA A 108 -13.44 42.76 25.86
C ALA A 108 -12.52 43.98 25.65
N ALA A 109 -12.29 44.37 24.40
CA ALA A 109 -11.39 45.50 24.05
C ALA A 109 -11.89 46.80 24.70
N SER A 110 -13.20 46.90 24.99
CA SER A 110 -13.85 48.16 25.44
C SER A 110 -14.20 48.12 26.94
N SER A 111 -13.76 47.09 27.68
CA SER A 111 -14.22 46.85 29.08
C SER A 111 -13.07 46.45 30.03
N PHE A 112 -11.82 46.65 29.66
CA PHE A 112 -10.67 46.50 30.59
C PHE A 112 -10.92 47.41 31.78
N THR A 113 -11.06 46.82 32.96
CA THR A 113 -11.51 47.49 34.20
C THR A 113 -10.58 47.06 35.33
N ALA A 114 -9.76 47.99 35.84
CA ALA A 114 -8.88 47.77 37.02
C ALA A 114 -9.72 47.80 38.29
N PRO A 115 -9.25 47.21 39.41
CA PRO A 115 -9.97 47.29 40.68
C PRO A 115 -10.34 48.74 41.06
N GLY A 116 -11.56 48.92 41.59
CA GLY A 116 -12.09 50.25 41.94
C GLY A 116 -12.40 51.09 40.71
N HIS A 117 -12.60 50.47 39.55
CA HIS A 117 -12.97 51.17 38.28
C HIS A 117 -14.24 50.59 37.67
N GLU A 118 -14.86 51.37 36.78
CA GLU A 118 -16.11 51.09 36.05
C GLU A 118 -15.91 51.47 34.59
N SER A 119 -15.91 50.48 33.67
CA SER A 119 -15.91 50.67 32.20
C SER A 119 -17.36 50.77 31.70
N GLN A 120 -17.60 51.73 30.79
CA GLN A 120 -18.86 51.84 30.01
C GLN A 120 -18.54 51.60 28.55
N PHE A 121 -19.38 50.80 27.89
CA PHE A 121 -19.38 50.62 26.42
C PHE A 121 -20.80 50.26 25.99
N THR A 122 -21.14 50.55 24.75
CA THR A 122 -22.50 50.37 24.19
C THR A 122 -22.42 49.44 22.98
N PHE A 123 -23.42 48.60 22.78
CA PHE A 123 -23.54 47.74 21.60
C PHE A 123 -25.02 47.59 21.25
N LYS A 124 -25.33 47.44 19.97
CA LYS A 124 -26.66 46.96 19.53
C LYS A 124 -26.65 45.43 19.56
N ALA A 125 -27.68 44.82 20.16
CA ALA A 125 -27.88 43.34 20.16
C ALA A 125 -28.55 42.95 18.85
N LEU A 126 -27.75 42.61 17.84
CA LEU A 126 -28.20 42.39 16.43
C LEU A 126 -28.88 41.03 16.26
N ASN A 127 -28.51 40.02 17.05
CA ASN A 127 -28.97 38.62 16.85
C ASN A 127 -29.71 38.10 18.07
N GLU A 128 -30.91 37.56 17.87
CA GLU A 128 -31.60 36.74 18.90
C GLU A 128 -30.72 35.52 19.24
N GLY A 129 -30.79 35.08 20.49
CA GLY A 129 -30.13 33.84 20.91
C GLY A 129 -29.91 33.80 22.41
N ILE A 130 -29.21 32.76 22.87
CA ILE A 130 -28.81 32.58 24.29
C ILE A 130 -27.29 32.48 24.31
N TYR A 131 -26.63 33.54 24.84
CA TYR A 131 -25.20 33.83 24.61
C TYR A 131 -24.45 33.78 25.93
N VAL A 132 -23.35 33.03 25.93
CA VAL A 132 -22.34 33.04 27.01
C VAL A 132 -21.68 34.43 26.99
N TYR A 133 -21.48 35.01 28.17
CA TYR A 133 -20.47 36.05 28.41
C TYR A 133 -19.43 35.46 29.38
N HIS A 134 -18.20 35.93 29.27
CA HIS A 134 -17.08 35.48 30.13
C HIS A 134 -16.03 36.59 30.14
N CYS A 135 -15.25 36.65 31.21
CA CYS A 135 -14.07 37.52 31.24
C CYS A 135 -13.13 37.08 30.11
N ALA A 136 -12.37 38.01 29.56
CA ALA A 136 -11.35 37.77 28.51
C ALA A 136 -10.07 38.51 28.86
N THR A 137 -9.72 38.53 30.15
CA THR A 137 -8.45 39.09 30.70
C THR A 137 -7.37 37.98 30.75
N ALA A 138 -6.16 38.24 30.25
CA ALA A 138 -5.03 37.27 30.28
C ALA A 138 -4.71 36.95 31.73
N PRO A 139 -4.47 35.68 32.12
CA PRO A 139 -4.65 34.51 31.26
C PRO A 139 -6.13 34.10 31.17
N VAL A 140 -6.70 34.12 29.95
CA VAL A 140 -8.16 33.99 29.70
C VAL A 140 -8.68 32.68 30.31
N GLY A 141 -7.98 31.56 30.07
CA GLY A 141 -8.34 30.23 30.59
C GLY A 141 -8.58 30.26 32.08
N MET A 142 -7.72 30.95 32.82
CA MET A 142 -7.76 31.02 34.32
C MET A 142 -8.97 31.85 34.79
N HIS A 143 -9.28 32.95 34.11
CA HIS A 143 -10.40 33.84 34.51
C HIS A 143 -11.71 33.08 34.32
N ILE A 144 -11.85 32.38 33.20
CA ILE A 144 -13.00 31.46 32.95
C ILE A 144 -13.01 30.35 34.02
N ALA A 145 -11.86 29.73 34.30
CA ALA A 145 -11.77 28.58 35.24
C ALA A 145 -12.24 29.00 36.64
N ASN A 146 -12.04 30.26 37.00
CA ASN A 146 -12.37 30.81 38.34
C ASN A 146 -13.84 31.27 38.41
N GLY A 147 -14.60 31.07 37.32
CA GLY A 147 -16.08 31.16 37.31
C GLY A 147 -16.60 32.41 36.64
N MET A 148 -15.78 33.08 35.82
CA MET A 148 -16.16 34.39 35.19
C MET A 148 -16.90 34.11 33.88
N TYR A 149 -18.15 33.66 34.00
CA TYR A 149 -19.05 33.33 32.87
C TYR A 149 -20.50 33.36 33.34
N GLY A 150 -21.38 33.62 32.38
CA GLY A 150 -22.83 33.77 32.57
C GLY A 150 -23.53 33.80 31.22
N LEU A 151 -24.82 34.14 31.20
CA LEU A 151 -25.69 34.07 30.00
C LEU A 151 -26.41 35.41 29.82
N ILE A 152 -26.54 35.80 28.56
CA ILE A 152 -27.41 36.92 28.17
C ILE A 152 -28.40 36.38 27.13
N LEU A 153 -29.68 36.43 27.46
CA LEU A 153 -30.79 36.13 26.53
C LEU A 153 -31.04 37.37 25.69
N VAL A 154 -30.99 37.23 24.37
CA VAL A 154 -31.52 38.24 23.41
C VAL A 154 -32.80 37.65 22.81
N GLU A 155 -33.95 38.13 23.29
CA GLU A 155 -35.27 37.62 22.85
C GLU A 155 -35.45 37.91 21.37
N PRO A 156 -36.12 37.05 20.60
CA PRO A 156 -36.60 37.46 19.28
C PRO A 156 -37.63 38.58 19.45
N PRO A 157 -37.90 39.36 18.38
CA PRO A 157 -38.80 40.51 18.46
C PRO A 157 -40.20 40.18 18.99
N GLU A 158 -40.73 39.00 18.63
CA GLU A 158 -42.07 38.51 19.05
C GLU A 158 -42.01 37.90 20.47
N GLY A 159 -40.80 37.64 20.98
CA GLY A 159 -40.60 36.99 22.29
C GLY A 159 -40.65 35.47 22.20
N LEU A 160 -40.30 34.79 23.30
CA LEU A 160 -40.30 33.30 23.41
C LEU A 160 -41.70 32.81 23.75
N PRO A 161 -42.14 31.66 23.21
CA PRO A 161 -43.40 31.04 23.66
C PRO A 161 -43.39 30.96 25.19
N LYS A 162 -44.51 31.26 25.83
CA LYS A 162 -44.62 31.37 27.31
C LYS A 162 -44.59 29.96 27.89
N VAL A 163 -44.06 29.82 29.11
CA VAL A 163 -44.02 28.57 29.90
C VAL A 163 -44.24 28.94 31.36
N ASP A 164 -44.39 27.93 32.21
CA ASP A 164 -44.66 28.10 33.66
C ASP A 164 -43.35 28.43 34.42
N HIS A 165 -42.21 27.89 33.97
CA HIS A 165 -40.91 28.03 34.69
C HIS A 165 -39.78 28.17 33.69
N GLU A 166 -38.94 29.18 33.88
CA GLU A 166 -37.64 29.32 33.18
C GLU A 166 -36.57 29.17 34.25
N TYR A 167 -35.52 28.41 33.96
CA TYR A 167 -34.39 28.15 34.88
C TYR A 167 -33.06 28.43 34.16
N TYR A 168 -32.07 28.82 34.96
CA TYR A 168 -30.71 29.23 34.56
C TYR A 168 -29.73 28.26 35.20
N VAL A 169 -29.11 27.45 34.37
CA VAL A 169 -28.14 26.39 34.76
C VAL A 169 -26.94 26.54 33.85
N MET A 170 -25.74 26.45 34.41
CA MET A 170 -24.50 26.61 33.64
C MET A 170 -23.44 25.66 34.19
N GLN A 171 -22.95 24.77 33.33
CA GLN A 171 -21.92 23.77 33.67
C GLN A 171 -20.57 24.47 33.58
N GLY A 172 -19.63 24.02 34.41
CA GLY A 172 -18.22 24.47 34.40
C GLY A 172 -17.32 23.33 34.82
N ASP A 173 -16.12 23.26 34.26
CA ASP A 173 -15.03 22.38 34.74
C ASP A 173 -14.10 23.25 35.62
N PHE A 174 -13.68 22.69 36.75
CA PHE A 174 -12.86 23.41 37.76
C PHE A 174 -11.59 22.61 38.03
N TYR A 175 -10.50 23.33 38.27
CA TYR A 175 -9.13 22.80 38.37
C TYR A 175 -8.54 23.25 39.71
N THR A 176 -8.60 22.35 40.70
CA THR A 176 -7.99 22.51 42.03
C THR A 176 -6.64 21.77 42.07
N ALA A 177 -5.64 22.38 42.73
CA ALA A 177 -4.34 21.75 43.04
C ALA A 177 -4.58 20.37 43.64
N GLY A 178 -5.52 20.26 44.60
CA GLY A 178 -5.87 18.99 45.27
C GLY A 178 -6.82 18.16 44.41
N LYS A 179 -7.08 16.93 44.81
CA LYS A 179 -8.03 16.03 44.11
C LYS A 179 -9.44 16.26 44.69
N TYR A 180 -10.45 15.78 43.97
CA TYR A 180 -11.88 15.79 44.34
C TYR A 180 -12.05 15.62 45.87
N ARG A 181 -12.66 16.62 46.51
CA ARG A 181 -13.14 16.58 47.93
C ARG A 181 -11.99 16.54 48.94
N GLU A 182 -10.77 16.88 48.52
CA GLU A 182 -9.63 17.22 49.43
C GLU A 182 -9.96 18.55 50.11
N LYS A 183 -10.02 18.56 51.45
CA LYS A 183 -10.58 19.68 52.25
C LYS A 183 -9.70 20.93 52.15
N GLY A 184 -10.26 22.09 52.52
CA GLY A 184 -9.55 23.37 52.67
C GLY A 184 -9.68 24.26 51.43
N LEU A 185 -9.03 25.42 51.49
CA LEU A 185 -8.98 26.37 50.35
C LEU A 185 -8.15 25.73 49.25
N GLN A 186 -8.77 25.40 48.12
CA GLN A 186 -8.09 24.76 46.98
C GLN A 186 -7.70 25.85 45.99
N PRO A 187 -6.39 26.02 45.72
CA PRO A 187 -5.96 26.98 44.73
C PRO A 187 -6.27 26.42 43.34
N PHE A 188 -6.22 27.31 42.35
CA PHE A 188 -6.33 26.97 40.91
C PHE A 188 -5.05 26.25 40.45
N ASP A 189 -5.21 25.25 39.58
CA ASP A 189 -4.12 24.42 39.02
C ASP A 189 -4.07 24.58 37.48
N MET A 190 -3.27 25.54 37.01
CA MET A 190 -3.01 25.82 35.57
C MET A 190 -2.65 24.54 34.80
N GLU A 191 -1.80 23.67 35.38
CA GLU A 191 -1.35 22.41 34.69
C GLU A 191 -2.55 21.49 34.42
N LYS A 192 -3.41 21.27 35.42
CA LYS A 192 -4.62 20.42 35.27
C LYS A 192 -5.55 21.09 34.24
N ALA A 193 -5.65 22.43 34.26
CA ALA A 193 -6.47 23.19 33.28
C ALA A 193 -5.92 22.99 31.87
N ILE A 194 -4.60 23.11 31.66
CA ILE A 194 -3.99 23.03 30.30
C ILE A 194 -4.22 21.60 29.79
N ASP A 195 -4.23 20.63 30.71
CA ASP A 195 -4.35 19.18 30.40
C ASP A 195 -5.81 18.78 30.18
N GLU A 196 -6.78 19.66 30.50
CA GLU A 196 -8.23 19.34 30.41
C GLU A 196 -8.55 18.17 31.34
N ARG A 197 -7.96 18.18 32.53
CA ARG A 197 -8.16 17.16 33.59
C ARG A 197 -8.74 17.86 34.81
N PRO A 198 -10.05 18.21 34.81
CA PRO A 198 -10.67 18.90 35.94
C PRO A 198 -10.84 17.99 37.16
N SER A 199 -10.71 18.56 38.36
CA SER A 199 -10.96 17.88 39.64
C SER A 199 -12.47 17.82 39.88
N TYR A 200 -13.23 18.87 39.51
CA TYR A 200 -14.71 18.93 39.65
C TYR A 200 -15.36 19.38 38.33
N VAL A 201 -16.55 18.84 38.05
CA VAL A 201 -17.46 19.28 36.96
C VAL A 201 -18.80 19.57 37.63
N LEU A 202 -19.26 20.82 37.55
CA LEU A 202 -20.35 21.36 38.41
C LEU A 202 -21.40 22.10 37.60
N PHE A 203 -22.62 22.15 38.13
CA PHE A 203 -23.67 23.08 37.69
C PHE A 203 -23.70 24.21 38.71
N ASN A 204 -23.64 25.45 38.24
CA ASN A 204 -23.86 26.65 39.09
C ASN A 204 -22.86 26.66 40.24
N GLY A 205 -21.62 26.20 39.98
CA GLY A 205 -20.40 26.68 40.67
C GLY A 205 -20.08 25.97 41.97
N ALA A 206 -20.77 24.87 42.28
CA ALA A 206 -20.61 24.15 43.56
C ALA A 206 -21.32 22.81 43.54
N GLU A 207 -20.69 21.80 44.13
CA GLU A 207 -21.31 20.48 44.38
C GLU A 207 -22.48 20.72 45.35
N GLY A 208 -23.70 20.33 44.95
CA GLY A 208 -24.92 20.53 45.75
C GLY A 208 -25.54 21.91 45.57
N ALA A 209 -25.04 22.71 44.63
CA ALA A 209 -25.58 24.06 44.33
C ALA A 209 -27.09 23.98 44.05
N LEU A 210 -27.55 22.95 43.34
CA LEU A 210 -28.98 22.74 42.99
C LEU A 210 -29.47 21.38 43.52
N THR A 211 -29.21 21.08 44.79
CA THR A 211 -29.74 19.89 45.51
C THR A 211 -30.46 20.35 46.79
N GLY A 212 -31.22 19.45 47.44
CA GLY A 212 -31.90 19.70 48.73
C GLY A 212 -32.78 20.93 48.67
N ASP A 213 -32.57 21.88 49.58
CA ASP A 213 -33.33 23.16 49.68
C ASP A 213 -33.22 23.96 48.37
N LYS A 214 -32.11 23.81 47.62
CA LYS A 214 -31.77 24.66 46.44
C LYS A 214 -32.16 23.98 45.13
N ALA A 215 -32.83 22.84 45.16
CA ALA A 215 -33.34 22.15 43.95
C ALA A 215 -34.23 23.10 43.16
N LEU A 216 -34.29 22.93 41.84
CA LEU A 216 -35.34 23.54 40.98
C LEU A 216 -36.66 22.88 41.37
N HIS A 217 -37.77 23.61 41.20
CA HIS A 217 -39.14 23.19 41.57
C HIS A 217 -40.03 23.43 40.36
N ALA A 218 -40.88 22.45 40.04
CA ALA A 218 -42.05 22.59 39.16
C ALA A 218 -43.17 21.69 39.70
N LYS A 219 -44.40 21.90 39.24
CA LYS A 219 -45.55 21.01 39.58
C LYS A 219 -45.92 20.22 38.34
N VAL A 220 -46.39 18.99 38.55
CA VAL A 220 -47.04 18.13 37.52
C VAL A 220 -47.91 19.04 36.65
N GLY A 221 -47.78 18.94 35.33
CA GLY A 221 -48.59 19.66 34.34
C GLY A 221 -47.93 20.95 33.84
N GLU A 222 -46.89 21.43 34.53
CA GLU A 222 -46.19 22.69 34.15
C GLU A 222 -45.11 22.40 33.10
N THR A 223 -44.98 23.29 32.11
CA THR A 223 -43.90 23.27 31.09
C THR A 223 -42.70 24.05 31.63
N VAL A 224 -41.52 23.46 31.49
CA VAL A 224 -40.23 23.99 32.02
C VAL A 224 -39.33 24.31 30.83
N ARG A 225 -38.76 25.52 30.80
CA ARG A 225 -37.65 25.89 29.88
C ARG A 225 -36.38 26.10 30.71
N ILE A 226 -35.30 25.40 30.36
CA ILE A 226 -33.97 25.63 30.99
C ILE A 226 -33.05 26.20 29.93
N PHE A 227 -32.48 27.37 30.23
CA PHE A 227 -31.33 27.99 29.53
C PHE A 227 -30.08 27.34 30.14
N VAL A 228 -29.36 26.56 29.32
CA VAL A 228 -28.24 25.69 29.78
C VAL A 228 -26.94 26.17 29.12
N GLY A 229 -26.17 26.93 29.88
CA GLY A 229 -24.85 27.41 29.43
C GLY A 229 -23.78 26.38 29.75
N ASN A 230 -22.72 26.37 28.96
CA ASN A 230 -21.47 25.63 29.28
C ASN A 230 -20.32 26.65 29.23
N GLY A 231 -19.90 27.17 30.39
CA GLY A 231 -18.76 28.10 30.48
C GLY A 231 -17.43 27.44 30.19
N GLY A 232 -17.38 26.11 30.24
CA GLY A 232 -16.14 25.33 30.18
C GLY A 232 -15.34 25.54 31.46
N PRO A 233 -14.04 25.90 31.36
CA PRO A 233 -13.42 26.32 30.10
C PRO A 233 -13.25 25.27 28.98
N ASN A 234 -13.17 23.96 29.26
CA ASN A 234 -12.65 22.97 28.28
C ASN A 234 -13.64 21.85 27.92
N LEU A 235 -14.48 21.41 28.86
CA LEU A 235 -15.35 20.23 28.65
C LEU A 235 -16.56 20.59 27.80
N VAL A 236 -17.05 19.61 27.02
CA VAL A 236 -18.34 19.66 26.29
C VAL A 236 -19.34 18.78 27.05
N SER A 237 -20.52 19.28 27.39
CA SER A 237 -21.51 18.58 28.23
C SER A 237 -22.40 17.69 27.35
N SER A 238 -22.50 16.39 27.66
CA SER A 238 -23.55 15.49 27.11
C SER A 238 -24.77 15.67 28.02
N PHE A 239 -25.45 16.80 27.86
CA PHE A 239 -26.47 17.27 28.81
C PHE A 239 -27.74 16.43 28.67
N HIS A 240 -28.21 15.89 29.80
CA HIS A 240 -29.38 14.97 29.95
C HIS A 240 -30.09 15.33 31.25
N VAL A 241 -31.41 15.21 31.33
CA VAL A 241 -32.03 15.14 32.68
C VAL A 241 -32.62 13.76 32.86
N ILE A 242 -32.17 13.10 33.92
CA ILE A 242 -32.62 11.73 34.31
C ILE A 242 -34.13 11.82 34.50
N GLY A 243 -34.89 11.13 33.64
CA GLY A 243 -36.34 10.93 33.81
C GLY A 243 -37.15 11.86 32.92
N ALA A 244 -36.51 12.75 32.16
CA ALA A 244 -37.16 13.62 31.17
C ALA A 244 -36.62 13.33 29.77
N ILE A 245 -37.42 13.69 28.79
CA ILE A 245 -37.06 13.80 27.36
C ILE A 245 -37.28 15.27 27.01
N PHE A 246 -36.38 15.88 26.26
CA PHE A 246 -36.58 17.24 25.72
C PHE A 246 -37.52 17.12 24.51
N ASP A 247 -38.75 17.63 24.68
CA ASP A 247 -39.74 17.79 23.58
C ASP A 247 -39.08 18.62 22.49
N GLN A 248 -38.37 19.69 22.88
CA GLN A 248 -37.66 20.62 21.97
C GLN A 248 -36.30 20.97 22.53
N VAL A 249 -35.29 20.98 21.66
CA VAL A 249 -33.95 21.54 21.97
C VAL A 249 -33.66 22.61 20.95
N ARG A 250 -33.25 23.79 21.40
CA ARG A 250 -32.53 24.78 20.56
C ARG A 250 -31.07 24.34 20.51
N TYR A 251 -30.75 23.43 19.60
CA TYR A 251 -29.42 22.78 19.52
C TYR A 251 -28.39 23.88 19.27
N GLU A 252 -27.37 23.93 20.11
CA GLU A 252 -26.26 24.92 20.05
C GLU A 252 -26.87 26.31 20.25
N GLY A 253 -28.08 26.38 20.82
CA GLY A 253 -28.71 27.64 21.26
C GLY A 253 -29.33 28.43 20.12
N GLY A 254 -29.27 27.91 18.89
CA GLY A 254 -29.80 28.60 17.70
C GLY A 254 -31.32 28.63 17.70
N THR A 255 -31.90 29.28 16.68
CA THR A 255 -33.35 29.52 16.53
C THR A 255 -34.10 28.21 16.27
N ASN A 256 -33.58 27.34 15.40
CA ASN A 256 -34.28 26.09 14.98
C ASN A 256 -34.25 25.09 16.14
N VAL A 257 -35.23 24.18 16.15
CA VAL A 257 -35.36 23.16 17.23
C VAL A 257 -35.12 21.77 16.64
N GLN A 258 -34.61 20.87 17.47
CA GLN A 258 -34.75 19.40 17.28
C GLN A 258 -35.79 18.96 18.31
N LYS A 259 -36.52 17.87 18.03
CA LYS A 259 -37.61 17.34 18.90
C LYS A 259 -37.25 15.95 19.40
N ASN A 260 -37.70 15.63 20.62
CA ASN A 260 -37.62 14.29 21.26
C ASN A 260 -36.15 13.88 21.36
N VAL A 261 -35.42 14.59 22.21
CA VAL A 261 -33.95 14.44 22.42
C VAL A 261 -33.73 14.08 23.88
N GLN A 262 -33.01 12.99 24.12
CA GLN A 262 -32.64 12.49 25.47
C GLN A 262 -31.45 13.28 25.99
N THR A 263 -30.47 13.54 25.14
CA THR A 263 -29.15 14.06 25.52
C THR A 263 -28.63 14.95 24.39
N THR A 264 -28.30 16.20 24.70
CA THR A 264 -27.80 17.21 23.72
C THR A 264 -26.40 17.68 24.11
N LEU A 265 -25.55 17.93 23.10
CA LEU A 265 -24.14 18.36 23.29
C LEU A 265 -24.06 19.88 23.39
N ILE A 266 -23.53 20.38 24.50
CA ILE A 266 -23.37 21.84 24.76
C ILE A 266 -21.89 22.18 24.66
N PRO A 267 -21.46 22.82 23.55
CA PRO A 267 -20.05 23.14 23.36
C PRO A 267 -19.55 23.98 24.54
N ALA A 268 -18.25 23.93 24.80
CA ALA A 268 -17.52 24.90 25.64
C ALA A 268 -17.74 26.30 25.04
N GLY A 269 -18.05 27.28 25.86
CA GLY A 269 -18.44 28.63 25.43
C GLY A 269 -19.66 28.59 24.51
N GLY A 270 -20.53 27.61 24.70
CA GLY A 270 -21.77 27.44 23.94
C GLY A 270 -22.95 27.38 24.89
N ALA A 271 -24.17 27.24 24.37
CA ALA A 271 -25.37 27.07 25.20
C ALA A 271 -26.42 26.28 24.42
N ALA A 272 -27.46 25.84 25.12
CA ALA A 272 -28.69 25.29 24.53
C ALA A 272 -29.90 25.72 25.36
N VAL A 273 -31.08 25.54 24.78
CA VAL A 273 -32.37 25.74 25.48
C VAL A 273 -33.09 24.40 25.38
N VAL A 274 -33.57 23.89 26.50
CA VAL A 274 -34.38 22.64 26.51
C VAL A 274 -35.74 22.97 27.12
N LYS A 275 -36.79 22.35 26.59
CA LYS A 275 -38.18 22.54 27.06
C LYS A 275 -38.81 21.16 27.18
N PHE A 276 -39.45 20.89 28.33
CA PHE A 276 -40.27 19.68 28.55
C PHE A 276 -41.44 20.06 29.47
N THR A 277 -42.38 19.15 29.63
CA THR A 277 -43.55 19.30 30.54
C THR A 277 -43.40 18.30 31.67
N ALA A 278 -43.57 18.74 32.91
CA ALA A 278 -43.60 17.85 34.09
C ALA A 278 -44.88 17.02 33.99
N ARG A 279 -44.79 15.69 34.10
CA ARG A 279 -45.92 14.73 33.94
C ARG A 279 -46.07 13.82 35.16
N VAL A 280 -44.98 13.55 35.88
CA VAL A 280 -45.01 12.65 37.08
C VAL A 280 -44.13 13.26 38.16
N PRO A 281 -44.58 13.14 39.44
CA PRO A 281 -43.86 13.73 40.56
C PRO A 281 -42.54 12.99 40.81
N GLY A 282 -41.56 13.69 41.35
CA GLY A 282 -40.33 13.08 41.90
C GLY A 282 -39.11 13.92 41.58
N SER A 283 -37.93 13.32 41.75
CA SER A 283 -36.62 13.96 41.52
C SER A 283 -36.14 13.63 40.12
N TYR A 284 -35.86 14.68 39.35
CA TYR A 284 -35.18 14.65 38.03
C TYR A 284 -33.80 15.25 38.21
N VAL A 285 -32.80 14.66 37.55
CA VAL A 285 -31.37 15.00 37.80
C VAL A 285 -30.75 15.54 36.51
N LEU A 286 -30.30 16.79 36.52
CA LEU A 286 -29.49 17.33 35.39
C LEU A 286 -28.11 16.71 35.55
N VAL A 287 -27.56 16.12 34.48
CA VAL A 287 -26.22 15.47 34.47
C VAL A 287 -25.50 15.87 33.18
N ASP A 288 -24.18 15.84 33.25
CA ASP A 288 -23.30 15.60 32.09
C ASP A 288 -23.24 14.07 31.96
N HIS A 289 -23.83 13.52 30.90
CA HIS A 289 -23.94 12.05 30.72
C HIS A 289 -22.60 11.43 30.29
N SER A 290 -21.52 12.22 30.17
CA SER A 290 -20.13 11.73 30.31
C SER A 290 -19.97 11.35 31.78
N ILE A 291 -20.52 10.21 32.16
CA ILE A 291 -21.33 10.02 33.41
C ILE A 291 -20.45 9.95 34.67
N PHE A 292 -19.13 9.73 34.55
CA PHE A 292 -18.17 9.84 35.69
C PHE A 292 -18.12 11.30 36.16
N ARG A 293 -18.32 12.25 35.27
CA ARG A 293 -18.44 13.67 35.70
C ARG A 293 -19.58 13.80 36.71
N ALA A 294 -20.72 13.22 36.37
CA ALA A 294 -21.98 13.40 37.12
C ALA A 294 -21.85 12.74 38.50
N PHE A 295 -21.39 11.49 38.55
CA PHE A 295 -21.48 10.67 39.78
C PHE A 295 -20.14 10.57 40.53
N ASN A 296 -19.05 11.14 40.00
CA ASN A 296 -17.70 11.07 40.63
C ASN A 296 -16.99 12.44 40.67
N LYS A 297 -17.52 13.49 40.03
CA LYS A 297 -16.87 14.83 40.03
C LYS A 297 -17.85 15.98 40.30
N GLY A 298 -19.15 15.73 40.51
CA GLY A 298 -20.09 16.70 41.09
C GLY A 298 -21.13 17.23 40.09
N ALA A 299 -21.15 16.75 38.85
CA ALA A 299 -21.96 17.34 37.75
C ALA A 299 -23.40 16.81 37.82
N MET A 300 -24.11 17.17 38.87
CA MET A 300 -25.55 16.85 38.96
C MET A 300 -26.29 17.93 39.73
N ALA A 301 -27.49 18.24 39.24
CA ALA A 301 -28.44 19.21 39.80
C ALA A 301 -29.81 18.54 39.79
N ILE A 302 -30.70 18.99 40.66
CA ILE A 302 -32.01 18.33 40.89
C ILE A 302 -33.12 19.30 40.47
N LEU A 303 -34.06 18.79 39.68
CA LEU A 303 -35.41 19.38 39.50
C LEU A 303 -36.40 18.51 40.27
N LYS A 304 -37.04 19.06 41.30
CA LYS A 304 -38.13 18.38 42.06
C LYS A 304 -39.48 18.68 41.42
N ILE A 305 -40.26 17.65 41.12
CA ILE A 305 -41.68 17.79 40.67
C ILE A 305 -42.60 17.39 41.83
N ASP A 306 -43.45 18.32 42.27
CA ASP A 306 -44.51 18.13 43.30
C ASP A 306 -45.84 17.94 42.59
N GLY A 307 -46.71 17.09 43.14
CA GLY A 307 -48.10 16.95 42.67
C GLY A 307 -48.53 15.50 42.59
N ALA A 308 -49.61 15.24 41.84
CA ALA A 308 -50.35 13.96 41.85
C ALA A 308 -49.58 12.94 41.04
N GLU A 309 -49.34 11.77 41.63
CA GLU A 309 -48.93 10.53 40.91
C GLU A 309 -49.85 10.36 39.70
N ASN A 310 -49.30 9.90 38.58
CA ASN A 310 -50.08 9.46 37.40
C ASN A 310 -49.60 8.05 37.04
N LYS A 311 -50.24 7.04 37.63
CA LYS A 311 -49.79 5.62 37.56
C LYS A 311 -49.95 5.08 36.13
N LEU A 312 -50.73 5.76 35.27
CA LEU A 312 -50.98 5.37 33.86
C LEU A 312 -49.79 5.78 32.98
N VAL A 313 -49.01 6.76 33.42
CA VAL A 313 -47.75 7.20 32.74
C VAL A 313 -46.53 6.54 33.41
N TYR A 314 -46.50 6.45 34.74
CA TYR A 314 -45.36 5.88 35.51
C TYR A 314 -45.91 5.27 36.81
N SER A 315 -45.82 3.94 36.97
CA SER A 315 -46.51 3.18 38.04
C SER A 315 -45.78 3.26 39.37
N GLY A 316 -44.46 3.45 39.35
CA GLY A 316 -43.56 3.09 40.45
C GLY A 316 -43.34 1.58 40.47
N LYS A 317 -42.57 1.04 41.41
CA LYS A 317 -42.40 -0.43 41.51
C LYS A 317 -43.76 -1.03 41.93
N GLU A 318 -44.24 -1.95 41.10
CA GLU A 318 -45.55 -2.63 41.26
C GLU A 318 -45.35 -3.94 41.99
N LEU A 319 -44.20 -4.61 41.81
CA LEU A 319 -44.04 -6.03 42.25
C LEU A 319 -42.56 -6.41 42.28
N ASP A 320 -42.15 -7.09 43.35
CA ASP A 320 -40.88 -7.83 43.45
C ASP A 320 -41.25 -9.31 43.57
N SER A 321 -40.57 -10.18 42.85
CA SER A 321 -40.83 -11.64 42.91
C SER A 321 -39.49 -12.38 42.91
N VAL A 322 -39.48 -13.58 43.47
CA VAL A 322 -38.40 -14.59 43.30
C VAL A 322 -38.20 -14.85 41.81
N TYR A 323 -36.94 -14.94 41.37
CA TYR A 323 -36.54 -15.30 39.99
C TYR A 323 -35.47 -16.39 40.07
N LEU A 324 -35.67 -17.50 39.37
CA LEU A 324 -34.77 -18.69 39.41
C LEU A 324 -33.84 -18.73 38.18
N GLY A 325 -34.35 -18.36 37.00
CA GLY A 325 -33.54 -18.28 35.75
C GLY A 325 -33.30 -19.63 35.14
N PRO B 6 -30.03 10.11 -7.34
CA PRO B 6 -28.96 10.04 -6.32
C PRO B 6 -27.72 10.88 -6.66
N GLY B 7 -27.90 12.07 -7.23
CA GLY B 7 -26.85 12.87 -7.92
C GLY B 7 -26.77 12.52 -9.40
N ASP B 8 -27.93 12.17 -9.99
CA ASP B 8 -28.08 11.53 -11.32
C ASP B 8 -28.35 12.63 -12.35
N PHE B 9 -27.33 13.45 -12.63
CA PHE B 9 -27.36 14.49 -13.69
C PHE B 9 -26.71 13.89 -14.95
N GLY B 10 -26.32 12.61 -14.86
CA GLY B 10 -26.04 11.71 -16.00
C GLY B 10 -24.58 11.74 -16.45
N PRO B 11 -24.33 11.61 -17.77
CA PRO B 11 -22.97 11.51 -18.31
C PRO B 11 -22.27 12.86 -18.39
N PRO B 12 -20.95 12.94 -18.12
CA PRO B 12 -20.22 14.20 -18.20
C PRO B 12 -20.28 14.79 -19.62
N ARG B 13 -20.39 16.12 -19.71
CA ARG B 13 -20.56 16.85 -21.00
C ARG B 13 -19.43 17.87 -21.15
N GLY B 14 -19.01 18.11 -22.40
CA GLY B 14 -17.97 19.10 -22.75
C GLY B 14 -16.57 18.49 -22.66
N GLU B 15 -15.55 19.34 -22.75
CA GLU B 15 -14.13 18.96 -22.56
C GLU B 15 -13.92 18.63 -21.08
N PRO B 16 -12.98 17.72 -20.75
CA PRO B 16 -12.52 17.60 -19.37
C PRO B 16 -11.98 18.94 -18.85
N ILE B 17 -12.29 19.23 -17.58
CA ILE B 17 -11.83 20.44 -16.84
C ILE B 17 -10.67 20.01 -15.95
N HIS B 18 -9.51 20.64 -16.10
CA HIS B 18 -8.36 20.52 -15.17
C HIS B 18 -8.65 21.40 -13.96
N ALA B 19 -9.09 20.79 -12.85
CA ALA B 19 -9.49 21.50 -11.62
C ALA B 19 -8.35 22.41 -11.19
N VAL B 20 -8.66 23.65 -10.82
CA VAL B 20 -7.68 24.54 -10.17
C VAL B 20 -7.96 24.51 -8.67
N LEU B 21 -6.99 23.97 -7.91
CA LEU B 21 -7.02 23.86 -6.43
C LEU B 21 -6.38 25.12 -5.85
N THR B 22 -6.76 25.52 -4.63
CA THR B 22 -6.18 26.69 -3.92
C THR B 22 -5.47 26.22 -2.67
N SER B 23 -4.37 26.90 -2.33
CA SER B 23 -3.70 26.79 -1.00
C SER B 23 -4.59 27.44 0.05
N PRO B 24 -4.65 26.92 1.29
CA PRO B 24 -5.34 27.64 2.36
C PRO B 24 -4.64 28.99 2.57
N PRO B 25 -5.35 30.05 2.99
CA PRO B 25 -6.75 29.96 3.42
C PRO B 25 -7.79 30.30 2.33
N LEU B 26 -7.41 30.13 1.06
CA LEU B 26 -8.21 30.55 -0.12
C LEU B 26 -8.99 29.35 -0.70
N VAL B 27 -10.00 29.68 -1.49
CA VAL B 27 -11.02 28.73 -2.02
C VAL B 27 -11.09 28.96 -3.53
N PRO B 28 -11.26 27.92 -4.37
CA PRO B 28 -11.47 28.13 -5.80
C PRO B 28 -12.81 28.82 -6.03
N PRO B 29 -12.99 29.56 -7.16
CA PRO B 29 -14.25 30.26 -7.41
C PRO B 29 -15.37 29.26 -7.68
N PRO B 30 -16.65 29.66 -7.59
CA PRO B 30 -17.76 28.77 -7.89
C PRO B 30 -17.60 28.14 -9.28
N VAL B 31 -18.06 26.91 -9.48
CA VAL B 31 -17.91 26.18 -10.77
C VAL B 31 -18.75 26.87 -11.85
N ASN B 32 -19.82 27.58 -11.46
CA ASN B 32 -20.64 28.46 -12.34
C ASN B 32 -21.05 27.63 -13.57
N ARG B 33 -21.93 26.66 -13.38
CA ARG B 33 -22.08 25.51 -14.30
C ARG B 33 -23.40 24.79 -14.04
N THR B 34 -24.14 24.51 -15.13
CA THR B 34 -25.51 23.95 -15.16
C THR B 34 -25.47 22.48 -15.61
N TYR B 35 -24.30 21.97 -15.99
CA TYR B 35 -24.10 20.60 -16.53
C TYR B 35 -23.04 19.88 -15.69
N PRO B 36 -23.05 18.54 -15.65
CA PRO B 36 -21.99 17.79 -14.98
C PRO B 36 -20.81 17.61 -15.94
N ALA B 37 -19.59 17.61 -15.40
CA ALA B 37 -18.34 17.56 -16.20
C ALA B 37 -17.45 16.41 -15.71
N LYS B 38 -16.50 15.98 -16.55
CA LYS B 38 -15.33 15.20 -16.10
C LYS B 38 -14.30 16.19 -15.56
N VAL B 39 -13.94 16.07 -14.29
CA VAL B 39 -12.96 16.96 -13.61
C VAL B 39 -11.71 16.15 -13.29
N ILE B 40 -10.56 16.51 -13.89
CA ILE B 40 -9.22 15.96 -13.55
C ILE B 40 -8.66 16.73 -12.36
N VAL B 41 -8.48 16.06 -11.22
CA VAL B 41 -7.80 16.63 -10.02
C VAL B 41 -6.39 16.04 -9.94
N GLU B 42 -5.37 16.90 -9.80
CA GLU B 42 -3.97 16.50 -9.57
C GLU B 42 -3.52 17.08 -8.22
N LEU B 43 -3.02 16.20 -7.34
CA LEU B 43 -2.58 16.53 -5.96
C LEU B 43 -1.30 15.75 -5.63
N GLU B 44 -0.29 16.48 -5.19
CA GLU B 44 1.09 15.98 -4.96
C GLU B 44 1.36 15.93 -3.45
N VAL B 45 1.72 14.76 -2.91
CA VAL B 45 2.18 14.60 -1.51
C VAL B 45 3.66 15.00 -1.43
N VAL B 46 3.98 15.84 -0.43
CA VAL B 46 5.34 16.34 -0.08
C VAL B 46 5.52 16.22 1.43
N GLU B 47 6.60 15.57 1.87
CA GLU B 47 7.09 15.60 3.28
C GLU B 47 8.11 16.74 3.36
N LYS B 48 7.90 17.69 4.27
CA LYS B 48 8.76 18.88 4.41
C LYS B 48 8.75 19.33 5.87
N GLU B 49 9.90 19.78 6.34
CA GLU B 49 10.06 20.48 7.64
C GLU B 49 9.50 21.90 7.46
N MET B 50 8.56 22.30 8.32
CA MET B 50 8.04 23.70 8.38
C MET B 50 7.99 24.12 9.86
N GLN B 51 7.85 25.41 10.10
CA GLN B 51 7.72 25.98 11.47
C GLN B 51 6.30 25.69 11.97
N ILE B 52 6.18 24.94 13.07
CA ILE B 52 4.89 24.67 13.79
C ILE B 52 4.65 25.81 14.77
N SER B 53 5.73 26.39 15.30
CA SER B 53 5.71 27.52 16.25
C SER B 53 7.03 28.31 16.11
N GLU B 54 7.14 29.44 16.81
CA GLU B 54 8.36 30.29 16.81
C GLU B 54 9.55 29.45 17.26
N GLY B 55 10.49 29.18 16.34
CA GLY B 55 11.73 28.43 16.59
C GLY B 55 11.47 26.95 16.86
N VAL B 56 10.34 26.43 16.37
CA VAL B 56 9.95 25.00 16.52
C VAL B 56 9.60 24.45 15.14
N SER B 57 10.36 23.47 14.68
CA SER B 57 10.15 22.81 13.37
C SER B 57 9.51 21.44 13.60
N TYR B 58 8.86 20.93 12.57
CA TYR B 58 8.10 19.65 12.57
C TYR B 58 8.14 19.12 11.15
N THR B 59 8.22 17.81 10.99
CA THR B 59 8.19 17.15 9.67
C THR B 59 6.72 16.91 9.34
N PHE B 60 6.13 17.82 8.59
CA PHE B 60 4.71 17.72 8.14
C PHE B 60 4.68 16.80 6.92
N TRP B 61 3.66 15.96 6.85
CA TRP B 61 3.24 15.19 5.65
C TRP B 61 2.03 15.93 5.07
N THR B 62 2.11 16.34 3.81
CA THR B 62 1.18 17.35 3.23
C THR B 62 0.66 16.89 1.87
N PHE B 63 -0.59 17.27 1.58
CA PHE B 63 -1.21 17.27 0.24
C PHE B 63 -1.06 18.67 -0.39
N GLY B 64 -0.14 18.81 -1.35
CA GLY B 64 0.02 20.04 -2.15
C GLY B 64 0.94 21.05 -1.48
N GLY B 65 1.65 20.65 -0.41
CA GLY B 65 2.71 21.45 0.24
C GLY B 65 2.19 22.29 1.41
N THR B 66 0.94 22.10 1.81
CA THR B 66 0.25 22.94 2.83
C THR B 66 -0.48 22.06 3.83
N VAL B 67 -0.63 22.56 5.07
CA VAL B 67 -1.58 22.05 6.09
C VAL B 67 -2.56 23.16 6.41
N PRO B 68 -3.88 22.99 6.11
CA PRO B 68 -4.41 21.80 5.44
C PRO B 68 -3.95 21.71 3.98
N GLY B 69 -4.26 20.60 3.29
CA GLY B 69 -3.95 20.41 1.87
C GLY B 69 -4.77 21.31 0.97
N SER B 70 -4.51 21.23 -0.33
CA SER B 70 -5.14 22.07 -1.38
C SER B 70 -6.64 21.83 -1.36
N PHE B 71 -7.42 22.90 -1.54
CA PHE B 71 -8.89 22.88 -1.55
C PHE B 71 -9.35 22.44 -2.94
N ILE B 72 -10.27 21.48 -2.99
CA ILE B 72 -10.84 20.91 -4.24
C ILE B 72 -12.32 21.34 -4.34
N ARG B 73 -12.74 21.81 -5.50
CA ARG B 73 -14.13 22.34 -5.68
C ARG B 73 -14.75 21.72 -6.93
N VAL B 74 -15.82 20.95 -6.73
CA VAL B 74 -16.57 20.28 -7.82
C VAL B 74 -18.06 20.41 -7.56
N ARG B 75 -18.86 20.01 -8.55
CA ARG B 75 -20.35 20.03 -8.53
C ARG B 75 -20.83 18.60 -8.27
N GLN B 76 -21.82 18.42 -7.37
CA GLN B 76 -22.57 17.15 -7.29
C GLN B 76 -22.87 16.71 -8.73
N GLY B 77 -22.67 15.44 -9.06
CA GLY B 77 -22.94 14.90 -10.40
C GLY B 77 -21.70 14.85 -11.28
N ASP B 78 -20.63 15.56 -10.89
CA ASP B 78 -19.35 15.51 -11.64
C ASP B 78 -18.72 14.13 -11.48
N THR B 79 -18.09 13.63 -12.54
CA THR B 79 -17.12 12.50 -12.49
C THR B 79 -15.73 13.13 -12.25
N VAL B 80 -15.07 12.75 -11.15
CA VAL B 80 -13.72 13.22 -10.77
C VAL B 80 -12.71 12.13 -11.11
N GLU B 81 -11.80 12.42 -12.04
CA GLU B 81 -10.61 11.58 -12.33
C GLU B 81 -9.44 12.10 -11.50
N PHE B 82 -9.13 11.40 -10.41
CA PHE B 82 -8.17 11.83 -9.37
C PHE B 82 -6.78 11.27 -9.65
N HIS B 83 -5.76 12.12 -9.59
CA HIS B 83 -4.32 11.74 -9.75
C HIS B 83 -3.56 12.14 -8.49
N LEU B 84 -3.19 11.16 -7.66
CA LEU B 84 -2.42 11.39 -6.42
C LEU B 84 -0.96 11.09 -6.70
N LYS B 85 -0.11 12.10 -6.60
CA LYS B 85 1.34 11.99 -6.88
C LYS B 85 2.07 11.99 -5.53
N ASN B 86 3.05 11.12 -5.38
CA ASN B 86 3.89 11.05 -4.16
C ASN B 86 5.31 11.41 -4.58
N HIS B 87 5.77 12.62 -4.24
CA HIS B 87 7.11 13.14 -4.61
C HIS B 87 8.16 12.07 -4.32
N PRO B 88 9.18 11.92 -5.20
CA PRO B 88 10.35 11.08 -4.94
C PRO B 88 10.99 11.27 -3.55
N SER B 89 11.00 12.50 -3.04
CA SER B 89 11.62 12.89 -1.75
C SER B 89 10.93 12.22 -0.54
N SER B 90 9.69 11.73 -0.69
CA SER B 90 8.92 11.12 0.43
C SER B 90 9.65 9.86 0.95
N LYS B 91 9.66 9.67 2.27
CA LYS B 91 10.13 8.41 2.93
C LYS B 91 8.99 7.38 2.95
N MET B 92 7.74 7.81 2.84
CA MET B 92 6.55 6.95 3.04
C MET B 92 5.75 6.85 1.75
N PRO B 93 5.00 5.75 1.57
CA PRO B 93 3.89 5.72 0.63
C PRO B 93 2.71 6.47 1.28
N HIS B 94 1.75 6.92 0.48
CA HIS B 94 0.55 7.67 0.96
C HIS B 94 -0.64 7.31 0.07
N ASN B 95 -1.85 7.54 0.56
CA ASN B 95 -3.08 7.34 -0.22
C ASN B 95 -4.08 8.40 0.23
N ILE B 96 -5.27 8.43 -0.35
CA ILE B 96 -6.27 9.49 -0.02
C ILE B 96 -7.64 8.82 0.17
N ASP B 97 -8.23 9.10 1.32
CA ASP B 97 -9.64 8.86 1.68
C ASP B 97 -10.31 10.25 1.59
N LEU B 98 -11.18 10.47 0.61
CA LEU B 98 -12.07 11.67 0.57
C LEU B 98 -13.45 11.27 1.09
N HIS B 99 -14.02 12.06 2.01
CA HIS B 99 -15.35 11.78 2.62
C HIS B 99 -16.46 12.00 1.59
N GLY B 100 -16.17 12.67 0.47
CA GLY B 100 -17.16 12.89 -0.61
C GLY B 100 -17.25 11.70 -1.56
N VAL B 101 -16.38 10.70 -1.38
CA VAL B 101 -16.32 9.49 -2.25
C VAL B 101 -17.27 8.43 -1.70
N THR B 102 -18.05 7.82 -2.60
CA THR B 102 -18.84 6.60 -2.33
C THR B 102 -18.03 5.41 -2.86
N GLY B 103 -17.41 4.67 -1.93
CA GLY B 103 -16.66 3.43 -2.25
C GLY B 103 -15.68 3.08 -1.14
N PRO B 104 -15.07 1.86 -1.20
CA PRO B 104 -14.16 1.40 -0.17
C PRO B 104 -13.03 2.42 0.10
N GLY B 105 -12.81 2.74 1.38
CA GLY B 105 -11.73 3.63 1.82
C GLY B 105 -11.97 5.06 1.39
N GLY B 106 -13.14 5.38 0.83
CA GLY B 106 -13.37 6.67 0.15
C GLY B 106 -12.24 7.00 -0.82
N GLY B 107 -11.69 5.98 -1.49
CA GLY B 107 -10.51 6.10 -2.38
C GLY B 107 -9.25 5.42 -1.84
N ALA B 108 -9.14 5.19 -0.53
CA ALA B 108 -7.92 4.65 0.12
C ALA B 108 -7.37 3.44 -0.66
N ALA B 109 -8.22 2.44 -0.90
CA ALA B 109 -7.89 1.14 -1.54
C ALA B 109 -7.40 1.34 -2.98
N SER B 110 -7.82 2.40 -3.67
CA SER B 110 -7.55 2.69 -5.11
C SER B 110 -6.36 3.62 -5.31
N SER B 111 -5.69 4.07 -4.25
CA SER B 111 -4.75 5.23 -4.36
C SER B 111 -3.46 5.01 -3.58
N PHE B 112 -3.13 3.77 -3.21
CA PHE B 112 -1.83 3.48 -2.56
C PHE B 112 -0.73 3.99 -3.50
N THR B 113 0.09 4.93 -3.05
CA THR B 113 1.07 5.65 -3.91
C THR B 113 2.41 5.72 -3.21
N ALA B 114 3.33 4.80 -3.55
CA ALA B 114 4.70 4.76 -3.01
C ALA B 114 5.49 5.98 -3.51
N PRO B 115 6.62 6.34 -2.87
CA PRO B 115 7.35 7.53 -3.31
C PRO B 115 7.77 7.38 -4.79
N GLY B 116 7.51 8.44 -5.57
CA GLY B 116 7.89 8.56 -6.99
C GLY B 116 6.86 7.97 -7.94
N HIS B 117 5.60 7.85 -7.50
CA HIS B 117 4.50 7.16 -8.22
C HIS B 117 3.26 8.04 -8.28
N GLU B 118 2.30 7.65 -9.13
CA GLU B 118 1.05 8.40 -9.40
C GLU B 118 -0.04 7.35 -9.57
N SER B 119 -1.02 7.37 -8.66
CA SER B 119 -2.25 6.54 -8.72
C SER B 119 -3.35 7.37 -9.40
N GLN B 120 -3.97 6.82 -10.42
CA GLN B 120 -5.25 7.33 -10.98
C GLN B 120 -6.40 6.48 -10.43
N PHE B 121 -7.45 7.11 -9.93
CA PHE B 121 -8.78 6.46 -9.72
C PHE B 121 -9.88 7.48 -10.03
N THR B 122 -11.04 6.99 -10.47
CA THR B 122 -12.22 7.82 -10.83
C THR B 122 -13.37 7.48 -9.88
N PHE B 123 -14.11 8.51 -9.48
CA PHE B 123 -15.33 8.41 -8.64
C PHE B 123 -16.31 9.50 -9.09
N LYS B 124 -17.61 9.26 -8.88
CA LYS B 124 -18.69 10.26 -9.08
C LYS B 124 -19.04 10.86 -7.71
N ALA B 125 -19.16 12.18 -7.64
CA ALA B 125 -19.53 12.94 -6.43
C ALA B 125 -21.05 12.88 -6.27
N LEU B 126 -21.54 11.87 -5.56
CA LEU B 126 -22.99 11.58 -5.50
C LEU B 126 -23.72 12.60 -4.63
N ASN B 127 -23.06 13.11 -3.59
CA ASN B 127 -23.71 13.93 -2.54
C ASN B 127 -23.05 15.32 -2.45
N GLU B 128 -23.86 16.37 -2.48
CA GLU B 128 -23.40 17.74 -2.13
C GLU B 128 -22.91 17.72 -0.68
N GLY B 129 -21.94 18.58 -0.36
CA GLY B 129 -21.44 18.78 1.00
C GLY B 129 -20.03 19.35 1.02
N ILE B 130 -19.49 19.49 2.23
CA ILE B 130 -18.09 19.92 2.50
C ILE B 130 -17.44 18.76 3.26
N TYR B 131 -16.49 18.09 2.61
CA TYR B 131 -16.01 16.76 3.00
C TYR B 131 -14.51 16.85 3.30
N VAL B 132 -14.15 16.35 4.49
CA VAL B 132 -12.74 16.14 4.90
C VAL B 132 -12.19 15.05 3.99
N TYR B 133 -11.00 15.29 3.44
CA TYR B 133 -10.14 14.23 2.87
C TYR B 133 -8.89 14.11 3.73
N HIS B 134 -8.23 12.96 3.69
CA HIS B 134 -7.03 12.68 4.51
C HIS B 134 -6.32 11.44 3.97
N CYS B 135 -5.07 11.25 4.36
CA CYS B 135 -4.34 9.98 4.15
C CYS B 135 -5.01 8.87 5.00
N ALA B 136 -5.09 7.65 4.46
CA ALA B 136 -5.53 6.43 5.18
C ALA B 136 -4.45 5.35 5.06
N THR B 137 -3.18 5.74 5.23
CA THR B 137 -2.03 4.79 5.21
C THR B 137 -1.74 4.38 6.65
N ALA B 138 -1.65 3.08 6.92
CA ALA B 138 -1.23 2.53 8.24
C ALA B 138 0.10 3.17 8.61
N PRO B 139 0.29 3.71 9.85
CA PRO B 139 -0.79 3.96 10.81
C PRO B 139 -1.57 5.23 10.47
N VAL B 140 -2.88 5.11 10.24
CA VAL B 140 -3.76 6.23 9.78
C VAL B 140 -3.65 7.40 10.77
N GLY B 141 -3.69 7.13 12.08
CA GLY B 141 -3.53 8.13 13.13
C GLY B 141 -2.31 9.00 12.91
N MET B 142 -1.16 8.39 12.64
CA MET B 142 0.14 9.12 12.51
C MET B 142 0.09 9.99 11.24
N HIS B 143 -0.42 9.44 10.13
CA HIS B 143 -0.51 10.18 8.84
C HIS B 143 -1.35 11.44 9.03
N ILE B 144 -2.52 11.32 9.67
CA ILE B 144 -3.46 12.46 9.86
C ILE B 144 -2.79 13.48 10.76
N ALA B 145 -2.15 13.00 11.83
CA ALA B 145 -1.48 13.84 12.86
C ALA B 145 -0.34 14.64 12.23
N ASN B 146 0.25 14.14 11.13
CA ASN B 146 1.41 14.79 10.45
C ASN B 146 0.95 15.82 9.41
N GLY B 147 -0.37 15.96 9.20
CA GLY B 147 -0.98 17.10 8.48
C GLY B 147 -1.72 16.67 7.23
N MET B 148 -1.86 15.35 7.00
CA MET B 148 -2.44 14.81 5.74
C MET B 148 -3.98 14.87 5.82
N TYR B 149 -4.53 16.07 5.70
CA TYR B 149 -5.99 16.33 5.59
C TYR B 149 -6.24 17.66 4.85
N GLY B 150 -7.42 17.75 4.22
CA GLY B 150 -7.96 18.98 3.62
C GLY B 150 -9.47 18.89 3.42
N LEU B 151 -10.02 19.79 2.60
CA LEU B 151 -11.47 19.84 2.28
C LEU B 151 -11.66 19.74 0.76
N ILE B 152 -12.66 18.97 0.32
CA ILE B 152 -13.23 19.00 -1.04
C ILE B 152 -14.67 19.46 -0.87
N LEU B 153 -15.00 20.61 -1.47
CA LEU B 153 -16.38 21.12 -1.59
C LEU B 153 -17.05 20.47 -2.80
N VAL B 154 -18.19 19.81 -2.57
CA VAL B 154 -19.11 19.33 -3.64
C VAL B 154 -20.32 20.27 -3.63
N GLU B 155 -20.40 21.17 -4.60
CA GLU B 155 -21.51 22.16 -4.68
C GLU B 155 -22.83 21.45 -4.97
N PRO B 156 -23.98 22.04 -4.56
CA PRO B 156 -25.28 21.63 -5.08
C PRO B 156 -25.42 22.02 -6.55
N PRO B 157 -26.36 21.39 -7.31
CA PRO B 157 -26.57 21.72 -8.72
C PRO B 157 -26.65 23.22 -9.01
N GLU B 158 -27.38 23.96 -8.16
CA GLU B 158 -27.68 25.42 -8.26
C GLU B 158 -26.53 26.29 -7.74
N GLY B 159 -25.42 25.70 -7.28
CA GLY B 159 -24.32 26.42 -6.60
C GLY B 159 -24.73 26.93 -5.23
N LEU B 160 -23.79 27.56 -4.50
CA LEU B 160 -24.03 28.15 -3.15
C LEU B 160 -24.40 29.63 -3.30
N PRO B 161 -25.29 30.16 -2.43
CA PRO B 161 -25.57 31.58 -2.38
C PRO B 161 -24.28 32.41 -2.48
N LYS B 162 -24.23 33.41 -3.36
CA LYS B 162 -23.03 34.26 -3.56
C LYS B 162 -22.75 34.97 -2.23
N VAL B 163 -21.47 35.12 -1.89
CA VAL B 163 -20.95 35.90 -0.72
C VAL B 163 -19.72 36.66 -1.19
N ASP B 164 -19.21 37.60 -0.39
CA ASP B 164 -18.09 38.52 -0.78
C ASP B 164 -16.75 37.83 -0.61
N HIS B 165 -16.57 37.05 0.47
CA HIS B 165 -15.32 36.30 0.81
C HIS B 165 -15.67 34.86 1.20
N GLU B 166 -14.92 33.90 0.66
CA GLU B 166 -14.95 32.46 1.05
C GLU B 166 -13.55 32.12 1.57
N TYR B 167 -13.47 31.52 2.76
CA TYR B 167 -12.21 31.19 3.47
C TYR B 167 -12.17 29.70 3.84
N TYR B 168 -10.95 29.21 4.00
CA TYR B 168 -10.59 27.78 4.17
C TYR B 168 -9.69 27.67 5.40
N VAL B 169 -10.26 27.12 6.47
CA VAL B 169 -9.59 26.99 7.78
C VAL B 169 -9.82 25.55 8.24
N MET B 170 -8.76 24.94 8.76
CA MET B 170 -8.83 23.56 9.22
C MET B 170 -8.14 23.47 10.58
N GLN B 171 -8.85 22.98 11.58
CA GLN B 171 -8.22 22.72 12.89
C GLN B 171 -7.50 21.37 12.82
N GLY B 172 -6.42 21.24 13.58
CA GLY B 172 -5.78 19.94 13.84
C GLY B 172 -5.18 19.93 15.24
N ASP B 173 -5.10 18.75 15.85
CA ASP B 173 -4.33 18.49 17.09
C ASP B 173 -3.00 17.84 16.68
N PHE B 174 -1.90 18.31 17.26
CA PHE B 174 -0.52 17.85 16.97
C PHE B 174 0.14 17.34 18.25
N TYR B 175 1.01 16.34 18.10
CA TYR B 175 1.62 15.54 19.18
C TYR B 175 3.15 15.53 18.97
N THR B 176 3.87 16.45 19.63
CA THR B 176 5.34 16.54 19.59
C THR B 176 5.92 15.85 20.83
N ALA B 177 7.11 15.27 20.71
CA ALA B 177 7.84 14.64 21.84
C ALA B 177 8.08 15.70 22.92
N GLY B 178 8.51 16.89 22.52
CA GLY B 178 8.70 18.04 23.42
C GLY B 178 7.37 18.65 23.86
N LYS B 179 7.43 19.53 24.85
CA LYS B 179 6.27 20.32 25.37
C LYS B 179 5.98 21.48 24.42
N TYR B 180 4.82 22.12 24.61
CA TYR B 180 4.42 23.39 23.96
C TYR B 180 5.63 24.34 23.94
N ARG B 181 5.99 24.83 22.76
CA ARG B 181 7.01 25.88 22.49
C ARG B 181 8.44 25.45 22.92
N GLU B 182 8.71 24.15 23.06
CA GLU B 182 10.10 23.63 23.21
C GLU B 182 10.74 23.68 21.81
N LYS B 183 11.90 24.32 21.72
CA LYS B 183 12.55 24.77 20.46
C LYS B 183 13.22 23.57 19.78
N GLY B 184 13.44 23.68 18.46
CA GLY B 184 14.14 22.66 17.64
C GLY B 184 13.17 21.87 16.79
N LEU B 185 13.67 20.82 16.13
CA LEU B 185 12.85 19.88 15.35
C LEU B 185 12.22 18.85 16.31
N GLN B 186 10.89 18.87 16.45
CA GLN B 186 10.13 17.93 17.32
C GLN B 186 9.68 16.72 16.50
N PRO B 187 10.01 15.48 16.91
CA PRO B 187 9.34 14.30 16.36
C PRO B 187 7.86 14.29 16.72
N PHE B 188 7.07 13.57 15.91
CA PHE B 188 5.74 13.05 16.27
C PHE B 188 5.88 12.23 17.55
N ASP B 189 4.91 12.30 18.45
CA ASP B 189 4.85 11.45 19.69
C ASP B 189 3.58 10.59 19.66
N MET B 190 3.76 9.27 19.54
CA MET B 190 2.71 8.24 19.37
C MET B 190 1.95 8.03 20.69
N GLU B 191 2.64 8.02 21.83
CA GLU B 191 2.03 7.94 23.20
C GLU B 191 0.98 9.03 23.38
N LYS B 192 1.39 10.30 23.23
CA LYS B 192 0.51 11.49 23.43
C LYS B 192 -0.71 11.38 22.51
N ALA B 193 -0.49 10.97 21.25
CA ALA B 193 -1.53 10.79 20.20
C ALA B 193 -2.56 9.76 20.65
N ILE B 194 -2.11 8.58 21.11
CA ILE B 194 -3.02 7.50 21.57
C ILE B 194 -3.77 8.00 22.80
N ASP B 195 -3.11 8.74 23.68
CA ASP B 195 -3.70 9.32 24.92
C ASP B 195 -4.53 10.58 24.59
N GLU B 196 -4.58 11.04 23.34
CA GLU B 196 -5.32 12.27 22.94
C GLU B 196 -4.89 13.44 23.84
N ARG B 197 -3.59 13.61 24.04
CA ARG B 197 -3.00 14.69 24.88
C ARG B 197 -2.10 15.51 23.97
N PRO B 198 -2.70 16.35 23.09
CA PRO B 198 -1.92 17.10 22.10
C PRO B 198 -1.07 18.18 22.77
N SER B 199 0.11 18.45 22.20
CA SER B 199 1.03 19.52 22.66
C SER B 199 0.59 20.85 22.04
N TYR B 200 0.09 20.78 20.80
CA TYR B 200 -0.38 21.94 19.98
C TYR B 200 -1.80 21.64 19.45
N VAL B 201 -2.64 22.68 19.34
CA VAL B 201 -3.94 22.63 18.63
C VAL B 201 -3.98 23.90 17.78
N LEU B 202 -4.08 23.74 16.47
CA LEU B 202 -3.70 24.79 15.50
C LEU B 202 -4.79 24.92 14.44
N PHE B 203 -4.88 26.10 13.83
CA PHE B 203 -5.57 26.36 12.55
C PHE B 203 -4.49 26.45 11.45
N ASN B 204 -4.64 25.65 10.39
CA ASN B 204 -3.77 25.71 9.18
C ASN B 204 -2.30 25.46 9.57
N GLY B 205 -2.05 24.50 10.46
CA GLY B 205 -0.76 23.79 10.53
C GLY B 205 0.33 24.52 11.29
N ALA B 206 0.06 25.69 11.87
CA ALA B 206 1.08 26.43 12.67
C ALA B 206 0.47 27.50 13.59
N GLU B 207 1.12 27.73 14.74
CA GLU B 207 0.90 28.95 15.56
C GLU B 207 1.19 30.14 14.66
N GLY B 208 0.24 31.07 14.54
CA GLY B 208 0.41 32.29 13.72
C GLY B 208 0.28 32.04 12.23
N ALA B 209 -0.26 30.90 11.79
CA ALA B 209 -0.51 30.58 10.37
C ALA B 209 -1.39 31.66 9.73
N LEU B 210 -2.33 32.21 10.50
CA LEU B 210 -3.35 33.16 10.03
C LEU B 210 -3.39 34.38 10.97
N THR B 211 -2.22 34.89 11.36
CA THR B 211 -2.04 36.11 12.19
C THR B 211 -1.15 37.09 11.43
N GLY B 212 -1.17 38.38 11.83
CA GLY B 212 -0.41 39.45 11.17
C GLY B 212 -0.82 39.63 9.72
N ASP B 213 0.12 39.50 8.78
CA ASP B 213 -0.09 39.76 7.33
C ASP B 213 -0.85 38.59 6.68
N LYS B 214 -0.73 37.39 7.27
CA LYS B 214 -1.40 36.15 6.77
C LYS B 214 -2.82 36.04 7.36
N ALA B 215 -3.32 37.09 8.04
CA ALA B 215 -4.69 37.13 8.63
C ALA B 215 -5.73 37.13 7.51
N LEU B 216 -6.92 36.57 7.79
CA LEU B 216 -8.10 36.67 6.87
C LEU B 216 -8.51 38.15 6.81
N HIS B 217 -9.08 38.58 5.69
CA HIS B 217 -9.44 40.01 5.47
C HIS B 217 -10.87 40.11 4.96
N ALA B 218 -11.57 41.17 5.34
CA ALA B 218 -12.92 41.53 4.85
C ALA B 218 -13.21 42.99 5.22
N LYS B 219 -14.21 43.59 4.57
CA LYS B 219 -14.66 44.99 4.84
C LYS B 219 -16.07 44.97 5.45
N VAL B 220 -16.32 45.90 6.36
CA VAL B 220 -17.67 46.23 6.91
C VAL B 220 -18.69 46.15 5.77
N GLY B 221 -19.71 45.29 5.92
CA GLY B 221 -20.85 45.17 4.97
C GLY B 221 -20.73 43.93 4.13
N GLU B 222 -19.54 43.31 4.10
CA GLU B 222 -19.27 42.11 3.26
C GLU B 222 -19.71 40.86 4.02
N THR B 223 -20.37 39.94 3.30
CA THR B 223 -20.72 38.59 3.80
C THR B 223 -19.47 37.71 3.68
N VAL B 224 -19.15 36.98 4.75
CA VAL B 224 -18.00 36.04 4.85
C VAL B 224 -18.54 34.62 5.07
N ARG B 225 -18.11 33.67 4.25
CA ARG B 225 -18.35 32.22 4.42
C ARG B 225 -17.00 31.53 4.66
N ILE B 226 -16.88 30.81 5.77
CA ILE B 226 -15.65 30.03 6.11
C ILE B 226 -16.06 28.56 6.11
N PHE B 227 -15.40 27.75 5.29
CA PHE B 227 -15.39 26.27 5.36
C PHE B 227 -14.41 25.89 6.47
N VAL B 228 -14.94 25.35 7.57
CA VAL B 228 -14.15 25.01 8.79
C VAL B 228 -14.07 23.49 8.89
N GLY B 229 -12.90 22.96 8.54
CA GLY B 229 -12.60 21.53 8.68
C GLY B 229 -12.06 21.23 10.06
N ASN B 230 -12.18 20.00 10.49
CA ASN B 230 -11.48 19.48 11.68
C ASN B 230 -10.80 18.18 11.27
N GLY B 231 -9.49 18.25 10.96
CA GLY B 231 -8.67 17.08 10.58
C GLY B 231 -8.50 16.11 11.73
N GLY B 232 -8.67 16.57 12.97
CA GLY B 232 -8.32 15.81 14.18
C GLY B 232 -6.80 15.76 14.32
N PRO B 233 -6.16 14.59 14.57
CA PRO B 233 -6.82 13.29 14.52
C PRO B 233 -7.93 13.00 15.55
N ASN B 234 -7.86 13.60 16.75
CA ASN B 234 -8.64 13.17 17.95
C ASN B 234 -9.66 14.20 18.47
N LEU B 235 -9.42 15.50 18.32
CA LEU B 235 -10.18 16.53 19.09
C LEU B 235 -11.44 16.97 18.33
N VAL B 236 -12.44 17.40 19.08
CA VAL B 236 -13.69 18.04 18.60
C VAL B 236 -13.62 19.54 18.92
N SER B 237 -13.85 20.39 17.93
CA SER B 237 -13.68 21.86 18.05
C SER B 237 -14.99 22.47 18.55
N SER B 238 -14.92 23.20 19.65
CA SER B 238 -16.02 24.12 20.09
C SER B 238 -15.77 25.43 19.34
N PHE B 239 -16.08 25.44 18.04
CA PHE B 239 -15.61 26.48 17.09
C PHE B 239 -16.39 27.78 17.31
N HIS B 240 -15.66 28.86 17.54
CA HIS B 240 -16.20 30.20 17.86
C HIS B 240 -15.35 31.29 17.21
N VAL B 241 -15.99 32.35 16.73
CA VAL B 241 -15.30 33.59 16.29
C VAL B 241 -15.52 34.67 17.36
N ILE B 242 -14.48 35.04 18.11
CA ILE B 242 -14.56 36.10 19.15
C ILE B 242 -15.03 37.37 18.44
N GLY B 243 -16.19 37.93 18.83
CA GLY B 243 -16.71 39.20 18.30
C GLY B 243 -17.77 39.05 17.21
N ALA B 244 -18.02 37.85 16.71
CA ALA B 244 -19.06 37.59 15.68
C ALA B 244 -20.09 36.58 16.17
N ILE B 245 -21.21 36.53 15.47
CA ILE B 245 -22.29 35.50 15.61
C ILE B 245 -22.47 34.87 14.22
N PHE B 246 -22.57 33.55 14.16
CA PHE B 246 -22.86 32.78 12.93
C PHE B 246 -24.36 32.95 12.61
N ASP B 247 -24.67 33.71 11.56
CA ASP B 247 -26.06 33.94 11.08
C ASP B 247 -26.66 32.59 10.66
N GLN B 248 -25.82 31.77 10.03
CA GLN B 248 -26.15 30.39 9.59
C GLN B 248 -24.95 29.47 9.84
N VAL B 249 -25.21 28.27 10.37
CA VAL B 249 -24.21 27.17 10.48
C VAL B 249 -24.78 25.99 9.71
N ARG B 250 -24.05 25.51 8.71
CA ARG B 250 -24.30 24.19 8.10
C ARG B 250 -23.74 23.16 9.08
N TYR B 251 -24.53 22.79 10.10
CA TYR B 251 -24.09 22.01 11.29
C TYR B 251 -23.67 20.62 10.79
N GLU B 252 -22.42 20.24 11.12
CA GLU B 252 -21.77 18.99 10.68
C GLU B 252 -21.68 18.96 9.15
N GLY B 253 -21.69 20.14 8.51
CA GLY B 253 -21.47 20.28 7.05
C GLY B 253 -22.62 19.78 6.19
N GLY B 254 -23.77 19.46 6.79
CA GLY B 254 -24.95 19.04 6.04
C GLY B 254 -25.65 20.22 5.38
N THR B 255 -26.70 19.93 4.63
CA THR B 255 -27.39 20.89 3.73
C THR B 255 -28.28 21.84 4.54
N ASN B 256 -28.92 21.37 5.61
CA ASN B 256 -29.84 22.18 6.46
C ASN B 256 -29.01 23.06 7.38
N VAL B 257 -29.61 24.15 7.85
CA VAL B 257 -28.92 25.19 8.66
C VAL B 257 -29.61 25.40 10.02
N GLN B 258 -28.78 25.67 11.02
CA GLN B 258 -29.13 26.32 12.29
C GLN B 258 -28.82 27.81 12.13
N LYS B 259 -29.65 28.69 12.70
CA LYS B 259 -29.46 30.16 12.63
C LYS B 259 -29.06 30.69 14.02
N ASN B 260 -28.16 31.68 14.04
CA ASN B 260 -27.84 32.48 15.25
C ASN B 260 -27.13 31.63 16.30
N VAL B 261 -25.97 31.06 15.96
CA VAL B 261 -25.20 30.25 16.95
C VAL B 261 -23.84 30.91 17.20
N GLN B 262 -23.45 30.94 18.47
CA GLN B 262 -22.19 31.55 18.95
C GLN B 262 -21.03 30.59 18.67
N THR B 263 -21.26 29.30 18.94
CA THR B 263 -20.23 28.24 18.96
C THR B 263 -20.86 26.93 18.45
N THR B 264 -20.22 26.31 17.45
CA THR B 264 -20.69 25.06 16.80
C THR B 264 -19.62 23.99 16.98
N LEU B 265 -20.05 22.74 17.24
CA LEU B 265 -19.17 21.56 17.42
C LEU B 265 -18.83 20.92 16.07
N ILE B 266 -17.55 20.79 15.78
CA ILE B 266 -17.07 20.23 14.48
C ILE B 266 -16.42 18.90 14.80
N PRO B 267 -17.04 17.78 14.35
CA PRO B 267 -16.52 16.45 14.67
C PRO B 267 -15.08 16.29 14.16
N ALA B 268 -14.30 15.48 14.87
CA ALA B 268 -13.04 14.90 14.37
C ALA B 268 -13.38 14.23 13.04
N GLY B 269 -12.61 14.50 12.00
CA GLY B 269 -12.93 13.99 10.65
C GLY B 269 -14.25 14.55 10.14
N GLY B 270 -14.58 15.77 10.57
CA GLY B 270 -15.83 16.43 10.16
C GLY B 270 -15.58 17.84 9.69
N ALA B 271 -16.64 18.54 9.30
CA ALA B 271 -16.58 19.93 8.82
C ALA B 271 -17.89 20.65 9.18
N ALA B 272 -17.83 21.98 9.18
CA ALA B 272 -18.99 22.88 9.26
C ALA B 272 -18.77 24.04 8.29
N VAL B 273 -19.85 24.66 7.87
CA VAL B 273 -19.80 25.95 7.14
C VAL B 273 -20.50 26.95 8.06
N VAL B 274 -19.82 28.05 8.37
CA VAL B 274 -20.42 29.23 9.04
C VAL B 274 -20.48 30.38 8.03
N LYS B 275 -21.23 31.42 8.39
CA LYS B 275 -21.56 32.56 7.52
C LYS B 275 -22.01 33.69 8.44
N PHE B 276 -21.47 34.88 8.22
CA PHE B 276 -21.83 36.09 9.00
C PHE B 276 -21.47 37.31 8.16
N THR B 277 -22.03 38.47 8.51
CA THR B 277 -21.74 39.75 7.82
C THR B 277 -20.86 40.58 8.75
N ALA B 278 -19.72 41.04 8.26
CA ALA B 278 -18.84 42.00 8.97
C ALA B 278 -19.60 43.31 9.12
N ARG B 279 -19.65 43.88 10.32
CA ARG B 279 -20.49 45.07 10.63
C ARG B 279 -19.69 46.10 11.42
N VAL B 280 -18.56 45.71 12.02
CA VAL B 280 -17.71 46.57 12.90
C VAL B 280 -16.26 46.27 12.55
N PRO B 281 -15.38 47.28 12.44
CA PRO B 281 -13.97 47.03 12.13
C PRO B 281 -13.27 46.56 13.41
N GLY B 282 -12.14 45.89 13.23
CA GLY B 282 -11.34 45.35 14.35
C GLY B 282 -10.84 43.93 14.07
N SER B 283 -10.18 43.34 15.06
CA SER B 283 -9.65 41.96 15.02
C SER B 283 -10.68 40.98 15.60
N TYR B 284 -11.01 39.95 14.83
CA TYR B 284 -11.90 38.81 15.21
C TYR B 284 -11.06 37.53 15.24
N VAL B 285 -11.22 36.73 16.30
CA VAL B 285 -10.35 35.55 16.57
C VAL B 285 -11.18 34.28 16.40
N LEU B 286 -10.84 33.44 15.41
CA LEU B 286 -11.34 32.05 15.31
C LEU B 286 -10.62 31.27 16.42
N VAL B 287 -11.37 30.52 17.25
CA VAL B 287 -10.79 29.73 18.38
C VAL B 287 -11.49 28.35 18.45
N ASP B 288 -10.81 27.38 19.05
CA ASP B 288 -11.46 26.25 19.77
C ASP B 288 -11.82 26.77 21.15
N HIS B 289 -13.12 26.88 21.45
CA HIS B 289 -13.59 27.50 22.72
C HIS B 289 -13.49 26.48 23.87
N SER B 290 -12.94 25.28 23.64
CA SER B 290 -12.26 24.49 24.69
C SER B 290 -10.96 25.26 24.97
N ILE B 291 -11.09 26.31 25.79
CA ILE B 291 -10.43 27.63 25.56
C ILE B 291 -8.95 27.58 25.92
N PHE B 292 -8.48 26.56 26.64
CA PHE B 292 -7.02 26.38 26.90
C PHE B 292 -6.34 25.99 25.59
N ARG B 293 -7.08 25.40 24.65
CA ARG B 293 -6.51 25.09 23.30
C ARG B 293 -6.20 26.40 22.59
N ALA B 294 -7.10 27.39 22.70
CA ALA B 294 -7.00 28.70 22.03
C ALA B 294 -5.85 29.51 22.61
N PHE B 295 -5.80 29.65 23.95
CA PHE B 295 -4.93 30.61 24.66
C PHE B 295 -3.66 29.92 25.20
N ASN B 296 -3.50 28.59 25.05
CA ASN B 296 -2.33 27.87 25.64
C ASN B 296 -1.73 26.83 24.69
N LYS B 297 -2.39 26.46 23.59
CA LYS B 297 -1.89 25.43 22.64
C LYS B 297 -1.83 25.95 21.20
N GLY B 298 -2.16 27.23 20.94
CA GLY B 298 -2.00 27.89 19.62
C GLY B 298 -3.26 27.95 18.75
N ALA B 299 -4.46 27.54 19.26
CA ALA B 299 -5.69 27.42 18.44
C ALA B 299 -6.37 28.78 18.28
N MET B 300 -5.73 29.69 17.53
CA MET B 300 -6.35 30.98 17.14
C MET B 300 -5.77 31.49 15.82
N ALA B 301 -6.69 32.00 15.00
CA ALA B 301 -6.48 32.64 13.69
C ALA B 301 -7.23 33.96 13.71
N ILE B 302 -6.78 34.95 12.94
CA ILE B 302 -7.36 36.31 12.98
C ILE B 302 -8.10 36.55 11.66
N LEU B 303 -9.29 37.15 11.77
CA LEU B 303 -9.95 37.85 10.65
C LEU B 303 -9.93 39.35 10.98
N LYS B 304 -9.24 40.16 10.18
CA LYS B 304 -9.18 41.64 10.32
C LYS B 304 -10.27 42.21 9.40
N ILE B 305 -11.21 42.99 9.96
CA ILE B 305 -12.25 43.77 9.24
C ILE B 305 -11.84 45.24 9.20
N ASP B 306 -11.80 45.84 8.02
CA ASP B 306 -11.52 47.31 7.89
C ASP B 306 -12.75 47.99 7.27
N GLY B 307 -12.88 49.29 7.53
CA GLY B 307 -14.04 50.09 7.11
C GLY B 307 -14.45 51.06 8.20
N ALA B 308 -15.54 51.80 7.97
CA ALA B 308 -15.99 52.87 8.89
C ALA B 308 -16.49 52.24 10.20
N GLU B 309 -16.13 52.87 11.33
CA GLU B 309 -16.77 52.65 12.65
C GLU B 309 -18.30 52.75 12.55
N ASN B 310 -19.02 51.91 13.29
CA ASN B 310 -20.46 52.08 13.55
C ASN B 310 -20.67 52.05 15.07
N LYS B 311 -20.70 53.23 15.69
CA LYS B 311 -20.76 53.41 17.16
C LYS B 311 -22.18 53.10 17.67
N LEU B 312 -23.17 53.01 16.78
CA LEU B 312 -24.55 52.62 17.15
C LEU B 312 -24.60 51.11 17.39
N VAL B 313 -23.64 50.37 16.81
CA VAL B 313 -23.52 48.88 16.90
C VAL B 313 -22.42 48.49 17.90
N TYR B 314 -21.39 49.32 18.08
CA TYR B 314 -20.22 49.03 18.94
C TYR B 314 -19.41 50.31 19.15
N SER B 315 -19.55 50.91 20.34
CA SER B 315 -19.08 52.29 20.64
C SER B 315 -17.57 52.33 20.85
N GLY B 316 -16.97 51.20 21.26
CA GLY B 316 -15.69 51.18 22.00
C GLY B 316 -15.92 51.64 23.43
N LYS B 317 -14.86 51.78 24.22
CA LYS B 317 -14.97 52.21 25.64
C LYS B 317 -15.32 53.70 25.69
N GLU B 318 -16.42 54.04 26.35
CA GLU B 318 -17.05 55.39 26.33
C GLU B 318 -16.57 56.20 27.54
N LEU B 319 -16.31 55.54 28.66
CA LEU B 319 -15.92 56.20 29.93
C LEU B 319 -15.17 55.20 30.82
N ASP B 320 -14.21 55.69 31.61
CA ASP B 320 -13.64 54.99 32.79
C ASP B 320 -13.92 55.87 34.00
N SER B 321 -14.49 55.30 35.06
CA SER B 321 -14.82 56.03 36.32
C SER B 321 -14.19 55.30 37.50
N VAL B 322 -13.97 56.03 38.60
CA VAL B 322 -13.62 55.46 39.93
C VAL B 322 -14.91 54.94 40.55
N TYR B 323 -14.86 53.75 41.14
CA TYR B 323 -16.01 53.02 41.76
C TYR B 323 -15.55 52.42 43.10
N LEU B 324 -16.44 52.38 44.11
CA LEU B 324 -16.15 51.85 45.47
C LEU B 324 -17.16 50.74 45.81
N LYS C 4 -51.72 20.01 25.91
CA LYS C 4 -51.82 18.89 24.93
C LYS C 4 -50.51 18.08 24.94
N LEU C 5 -50.61 16.75 24.76
CA LEU C 5 -49.45 15.81 24.63
C LEU C 5 -49.73 14.79 23.52
N PRO C 6 -49.10 14.88 22.33
CA PRO C 6 -49.16 13.79 21.36
C PRO C 6 -48.50 12.56 22.00
N GLY C 7 -48.82 11.37 21.50
CA GLY C 7 -48.28 10.11 22.06
C GLY C 7 -49.04 9.66 23.30
N ASP C 8 -50.16 10.29 23.62
CA ASP C 8 -51.21 9.73 24.52
C ASP C 8 -52.38 9.33 23.62
N PHE C 9 -52.61 8.02 23.45
CA PHE C 9 -53.70 7.47 22.62
C PHE C 9 -54.68 6.72 23.51
N GLY C 10 -54.67 7.02 24.81
CA GLY C 10 -55.55 6.39 25.80
C GLY C 10 -54.98 5.07 26.25
N PRO C 11 -55.71 4.29 27.09
CA PRO C 11 -55.20 3.02 27.58
C PRO C 11 -55.00 2.01 26.47
N PRO C 12 -54.22 0.93 26.75
CA PRO C 12 -53.94 -0.10 25.75
C PRO C 12 -55.19 -0.86 25.28
N ARG C 13 -55.26 -1.22 24.00
CA ARG C 13 -56.39 -1.94 23.37
C ARG C 13 -55.97 -3.35 22.97
N GLY C 14 -56.94 -4.24 22.73
CA GLY C 14 -56.70 -5.63 22.27
C GLY C 14 -55.95 -6.45 23.30
N GLU C 15 -55.44 -7.61 22.90
CA GLU C 15 -54.78 -8.55 23.84
C GLU C 15 -53.35 -8.06 24.06
N PRO C 16 -52.74 -8.32 25.23
CA PRO C 16 -51.40 -7.80 25.51
C PRO C 16 -50.39 -8.42 24.52
N ILE C 17 -49.29 -7.73 24.28
CA ILE C 17 -48.21 -8.19 23.36
C ILE C 17 -47.01 -8.60 24.21
N HIS C 18 -46.55 -9.84 24.08
CA HIS C 18 -45.28 -10.30 24.69
C HIS C 18 -44.15 -9.99 23.70
N ALA C 19 -43.40 -8.92 23.97
CA ALA C 19 -42.34 -8.38 23.09
C ALA C 19 -41.26 -9.46 22.88
N VAL C 20 -40.79 -9.59 21.64
CA VAL C 20 -39.53 -10.28 21.26
C VAL C 20 -38.44 -9.20 21.09
N LEU C 21 -37.45 -9.27 21.98
CA LEU C 21 -36.23 -8.43 21.97
C LEU C 21 -35.21 -9.17 21.10
N THR C 22 -34.34 -8.46 20.36
CA THR C 22 -33.31 -9.06 19.49
C THR C 22 -31.93 -8.79 20.08
N SER C 23 -30.97 -9.70 19.90
CA SER C 23 -29.54 -9.48 20.23
C SER C 23 -28.90 -8.61 19.17
N PRO C 24 -27.93 -7.74 19.52
CA PRO C 24 -27.22 -6.95 18.52
C PRO C 24 -26.51 -7.92 17.58
N PRO C 25 -26.28 -7.57 16.29
CA PRO C 25 -26.65 -6.27 15.73
C PRO C 25 -28.03 -6.19 15.05
N LEU C 26 -28.91 -7.15 15.36
CA LEU C 26 -30.25 -7.26 14.74
C LEU C 26 -31.28 -6.46 15.54
N VAL C 27 -32.43 -6.21 14.93
CA VAL C 27 -33.51 -5.31 15.44
C VAL C 27 -34.83 -6.04 15.27
N PRO C 28 -35.80 -5.88 16.18
CA PRO C 28 -37.14 -6.43 15.98
C PRO C 28 -37.74 -5.79 14.75
N PRO C 29 -38.65 -6.47 14.02
CA PRO C 29 -39.28 -5.87 12.84
C PRO C 29 -40.14 -4.66 13.21
N PRO C 30 -40.43 -3.74 12.25
CA PRO C 30 -41.37 -2.64 12.46
C PRO C 30 -42.70 -3.12 13.05
N VAL C 31 -43.33 -2.33 13.92
CA VAL C 31 -44.48 -2.82 14.74
C VAL C 31 -45.75 -2.90 13.89
N ASN C 32 -45.89 -2.04 12.87
CA ASN C 32 -47.04 -2.08 11.93
C ASN C 32 -48.33 -2.29 12.74
N ARG C 33 -48.74 -1.29 13.51
CA ARG C 33 -49.90 -1.36 14.43
C ARG C 33 -50.51 0.05 14.51
N THR C 34 -51.84 0.13 14.64
CA THR C 34 -52.63 1.40 14.53
C THR C 34 -53.32 1.73 15.85
N TYR C 35 -53.05 0.98 16.92
CA TYR C 35 -53.63 1.20 18.27
C TYR C 35 -52.57 1.07 19.36
N PRO C 36 -52.76 1.72 20.53
CA PRO C 36 -51.88 1.53 21.68
C PRO C 36 -52.12 0.16 22.34
N ALA C 37 -51.04 -0.52 22.71
CA ALA C 37 -51.02 -1.91 23.21
C ALA C 37 -50.40 -1.94 24.60
N LYS C 38 -50.77 -2.92 25.42
CA LYS C 38 -49.98 -3.30 26.62
C LYS C 38 -48.86 -4.21 26.13
N VAL C 39 -47.63 -3.73 26.18
CA VAL C 39 -46.45 -4.47 25.67
C VAL C 39 -45.66 -4.95 26.90
N ILE C 40 -45.67 -6.26 27.11
CA ILE C 40 -44.93 -6.93 28.20
C ILE C 40 -43.52 -7.19 27.71
N VAL C 41 -42.56 -6.56 28.38
CA VAL C 41 -41.10 -6.68 28.08
C VAL C 41 -40.45 -7.41 29.26
N GLU C 42 -39.75 -8.49 28.96
CA GLU C 42 -39.02 -9.32 29.96
C GLU C 42 -37.54 -9.27 29.57
N LEU C 43 -36.70 -8.74 30.47
CA LEU C 43 -35.25 -8.56 30.26
C LEU C 43 -34.46 -9.13 31.45
N GLU C 44 -33.56 -10.06 31.17
CA GLU C 44 -32.75 -10.75 32.19
C GLU C 44 -31.33 -10.16 32.25
N VAL C 45 -30.90 -9.73 33.43
CA VAL C 45 -29.50 -9.29 33.66
C VAL C 45 -28.64 -10.53 33.94
N VAL C 46 -27.55 -10.70 33.18
CA VAL C 46 -26.55 -11.80 33.39
C VAL C 46 -25.16 -11.15 33.54
N GLU C 47 -24.43 -11.54 34.58
CA GLU C 47 -22.98 -11.21 34.73
C GLU C 47 -22.18 -12.37 34.15
N LYS C 48 -21.24 -12.11 33.25
CA LYS C 48 -20.41 -13.19 32.67
C LYS C 48 -19.14 -12.64 32.01
N GLU C 49 -18.09 -13.45 32.12
CA GLU C 49 -16.82 -13.35 31.37
C GLU C 49 -17.06 -13.54 29.88
N MET C 50 -16.60 -12.60 29.07
CA MET C 50 -16.55 -12.75 27.60
C MET C 50 -15.19 -12.24 27.11
N GLN C 51 -14.81 -12.65 25.90
CA GLN C 51 -13.65 -12.14 25.15
C GLN C 51 -13.88 -10.66 24.87
N ILE C 52 -12.97 -9.79 25.35
CA ILE C 52 -12.98 -8.34 25.00
C ILE C 52 -12.02 -8.10 23.83
N SER C 53 -10.97 -8.92 23.69
CA SER C 53 -10.02 -8.95 22.54
C SER C 53 -9.34 -10.32 22.49
N GLU C 54 -8.53 -10.56 21.45
CA GLU C 54 -7.79 -11.85 21.27
C GLU C 54 -7.06 -12.18 22.56
N GLY C 55 -7.49 -13.24 23.26
CA GLY C 55 -6.91 -13.75 24.51
C GLY C 55 -7.06 -12.79 25.69
N VAL C 56 -8.06 -11.91 25.64
CA VAL C 56 -8.37 -10.97 26.76
C VAL C 56 -9.80 -11.22 27.24
N SER C 57 -9.94 -11.51 28.53
CA SER C 57 -11.23 -11.74 29.23
C SER C 57 -11.68 -10.45 29.90
N TYR C 58 -12.98 -10.30 30.14
CA TYR C 58 -13.55 -9.21 30.96
C TYR C 58 -14.86 -9.71 31.59
N THR C 59 -15.18 -9.26 32.81
CA THR C 59 -16.46 -9.61 33.49
C THR C 59 -17.48 -8.53 33.11
N PHE C 60 -18.24 -8.80 32.06
CA PHE C 60 -19.30 -7.89 31.57
C PHE C 60 -20.55 -8.08 32.43
N TRP C 61 -21.29 -7.00 32.58
CA TRP C 61 -22.66 -7.02 33.16
C TRP C 61 -23.62 -6.70 32.03
N THR C 62 -24.58 -7.58 31.75
CA THR C 62 -25.37 -7.58 30.50
C THR C 62 -26.87 -7.58 30.79
N PHE C 63 -27.62 -6.87 29.95
CA PHE C 63 -29.07 -7.04 29.72
C PHE C 63 -29.23 -8.04 28.58
N GLY C 64 -29.63 -9.27 28.90
CA GLY C 64 -29.99 -10.27 27.88
C GLY C 64 -28.79 -11.03 27.37
N GLY C 65 -27.64 -10.93 28.04
CA GLY C 65 -26.48 -11.77 27.75
C GLY C 65 -25.53 -11.14 26.75
N THR C 66 -25.82 -9.90 26.29
CA THR C 66 -25.05 -9.22 25.21
C THR C 66 -24.67 -7.77 25.61
N VAL C 67 -23.70 -7.23 24.89
CA VAL C 67 -23.26 -5.81 24.98
C VAL C 67 -23.23 -5.30 23.55
N PRO C 68 -24.13 -4.37 23.14
CA PRO C 68 -25.19 -3.85 24.00
C PRO C 68 -26.28 -4.87 24.34
N GLY C 69 -27.16 -4.49 25.27
CA GLY C 69 -28.31 -5.30 25.70
C GLY C 69 -29.31 -5.49 24.58
N SER C 70 -30.28 -6.37 24.80
CA SER C 70 -31.34 -6.71 23.83
C SER C 70 -32.03 -5.42 23.38
N PHE C 71 -32.37 -5.34 22.09
CA PHE C 71 -33.05 -4.18 21.47
C PHE C 71 -34.54 -4.30 21.76
N ILE C 72 -35.15 -3.21 22.21
CA ILE C 72 -36.60 -3.14 22.52
C ILE C 72 -37.24 -2.21 21.49
N ARG C 73 -38.33 -2.65 20.89
CA ARG C 73 -39.06 -1.90 19.85
C ARG C 73 -40.54 -1.80 20.26
N VAL C 74 -41.00 -0.61 20.59
CA VAL C 74 -42.44 -0.37 20.91
C VAL C 74 -42.93 0.82 20.06
N ARG C 75 -44.23 1.10 20.16
CA ARG C 75 -44.93 2.22 19.48
C ARG C 75 -45.21 3.35 20.48
N GLN C 76 -44.98 4.61 20.08
CA GLN C 76 -45.40 5.80 20.86
C GLN C 76 -46.86 5.61 21.30
N GLY C 77 -47.14 5.87 22.58
CA GLY C 77 -48.48 5.70 23.19
C GLY C 77 -48.63 4.34 23.83
N ASP C 78 -47.68 3.43 23.62
CA ASP C 78 -47.77 2.08 24.22
C ASP C 78 -47.67 2.17 25.74
N THR C 79 -48.36 1.24 26.42
CA THR C 79 -48.19 0.98 27.87
C THR C 79 -47.23 -0.21 27.98
N VAL C 80 -46.05 0.03 28.54
CA VAL C 80 -44.96 -0.98 28.67
C VAL C 80 -44.95 -1.47 30.12
N GLU C 81 -45.29 -2.75 30.30
CA GLU C 81 -45.13 -3.48 31.58
C GLU C 81 -43.75 -4.13 31.53
N PHE C 82 -42.78 -3.55 32.24
CA PHE C 82 -41.35 -3.97 32.20
C PHE C 82 -41.11 -4.99 33.32
N HIS C 83 -40.42 -6.08 33.00
CA HIS C 83 -39.97 -7.12 33.97
C HIS C 83 -38.44 -7.18 33.91
N LEU C 84 -37.75 -6.56 34.87
CA LEU C 84 -36.28 -6.74 35.01
C LEU C 84 -36.01 -7.93 35.93
N LYS C 85 -35.41 -8.98 35.37
CA LYS C 85 -35.06 -10.24 36.07
C LYS C 85 -33.55 -10.31 36.27
N ASN C 86 -33.08 -10.22 37.51
CA ASN C 86 -31.62 -10.31 37.83
C ASN C 86 -31.30 -11.78 38.16
N HIS C 87 -30.56 -12.47 37.28
CA HIS C 87 -30.16 -13.90 37.47
C HIS C 87 -29.56 -14.07 38.87
N PRO C 88 -29.90 -15.16 39.60
CA PRO C 88 -29.29 -15.47 40.90
C PRO C 88 -27.76 -15.64 40.92
N SER C 89 -27.14 -15.93 39.78
CA SER C 89 -25.66 -15.96 39.64
C SER C 89 -25.07 -14.55 39.82
N SER C 90 -25.88 -13.50 39.72
CA SER C 90 -25.40 -12.09 39.76
C SER C 90 -24.76 -11.80 41.12
N LYS C 91 -23.70 -10.98 41.15
CA LYS C 91 -23.01 -10.59 42.41
C LYS C 91 -23.59 -9.25 42.89
N MET C 92 -24.21 -8.50 41.98
CA MET C 92 -24.71 -7.14 42.26
C MET C 92 -26.20 -7.09 42.01
N PRO C 93 -26.95 -6.23 42.73
CA PRO C 93 -28.30 -5.88 42.31
C PRO C 93 -28.13 -5.02 41.06
N HIS C 94 -29.19 -4.88 40.25
CA HIS C 94 -29.23 -4.00 39.06
C HIS C 94 -30.63 -3.39 38.93
N ASN C 95 -30.73 -2.37 38.09
CA ASN C 95 -31.98 -1.65 37.81
C ASN C 95 -31.89 -1.15 36.37
N ILE C 96 -32.90 -0.44 35.88
CA ILE C 96 -32.89 0.06 34.48
C ILE C 96 -33.40 1.49 34.47
N ASP C 97 -32.60 2.36 33.86
CA ASP C 97 -32.99 3.72 33.43
C ASP C 97 -33.18 3.68 31.91
N LEU C 98 -34.41 3.74 31.41
CA LEU C 98 -34.67 3.92 29.96
C LEU C 98 -34.94 5.41 29.72
N HIS C 99 -34.17 6.03 28.81
CA HIS C 99 -34.24 7.47 28.46
C HIS C 99 -35.55 7.80 27.71
N GLY C 100 -36.29 6.77 27.29
CA GLY C 100 -37.64 6.91 26.72
C GLY C 100 -38.75 6.93 27.76
N VAL C 101 -38.40 6.68 29.04
CA VAL C 101 -39.37 6.69 30.17
C VAL C 101 -39.47 8.12 30.73
N THR C 102 -40.70 8.54 30.99
CA THR C 102 -41.03 9.79 31.70
C THR C 102 -41.30 9.49 33.17
N GLY C 103 -40.37 9.85 34.06
CA GLY C 103 -40.51 9.60 35.51
C GLY C 103 -39.17 9.34 36.20
N PRO C 104 -39.13 9.37 37.55
CA PRO C 104 -37.89 9.26 38.30
C PRO C 104 -36.98 8.14 37.79
N GLY C 105 -35.71 8.46 37.54
CA GLY C 105 -34.65 7.51 37.17
C GLY C 105 -34.88 6.91 35.80
N GLY C 106 -35.84 7.42 35.01
CA GLY C 106 -36.37 6.74 33.83
C GLY C 106 -36.68 5.27 34.11
N GLY C 107 -37.16 4.98 35.33
CA GLY C 107 -37.53 3.61 35.77
C GLY C 107 -36.60 3.06 36.85
N ALA C 108 -35.41 3.64 37.04
CA ALA C 108 -34.39 3.11 37.97
C ALA C 108 -34.97 3.00 39.39
N ALA C 109 -35.73 4.00 39.85
CA ALA C 109 -36.38 4.04 41.18
C ALA C 109 -37.49 2.99 41.31
N SER C 110 -37.94 2.40 40.21
CA SER C 110 -39.04 1.40 40.17
C SER C 110 -38.52 -0.01 39.83
N SER C 111 -37.21 -0.23 39.73
CA SER C 111 -36.65 -1.50 39.21
C SER C 111 -35.40 -1.98 39.96
N PHE C 112 -35.19 -1.59 41.22
CA PHE C 112 -34.08 -2.12 42.06
C PHE C 112 -34.32 -3.62 42.26
N THR C 113 -33.46 -4.44 41.66
CA THR C 113 -33.63 -5.91 41.54
C THR C 113 -32.37 -6.62 42.07
N ALA C 114 -32.48 -7.24 43.24
CA ALA C 114 -31.39 -8.04 43.86
C ALA C 114 -31.25 -9.34 43.08
N PRO C 115 -30.08 -10.01 43.17
CA PRO C 115 -29.87 -11.28 42.49
C PRO C 115 -30.97 -12.28 42.85
N GLY C 116 -31.51 -12.99 41.85
CA GLY C 116 -32.61 -13.97 42.00
C GLY C 116 -33.93 -13.32 42.36
N HIS C 117 -34.12 -12.04 42.03
CA HIS C 117 -35.41 -11.31 42.16
C HIS C 117 -35.88 -10.80 40.78
N GLU C 118 -37.15 -10.41 40.70
CA GLU C 118 -37.76 -9.83 39.47
C GLU C 118 -38.52 -8.58 39.87
N SER C 119 -38.18 -7.44 39.28
CA SER C 119 -38.86 -6.14 39.46
C SER C 119 -39.84 -5.92 38.32
N GLN C 120 -41.06 -5.46 38.63
CA GLN C 120 -42.08 -5.04 37.64
C GLN C 120 -42.44 -3.57 37.86
N PHE C 121 -42.43 -2.79 36.79
CA PHE C 121 -42.97 -1.41 36.76
C PHE C 121 -43.56 -1.18 35.37
N THR C 122 -44.49 -0.22 35.28
CA THR C 122 -45.25 0.09 34.06
C THR C 122 -45.06 1.57 33.71
N PHE C 123 -44.98 1.89 32.42
CA PHE C 123 -44.87 3.28 31.93
C PHE C 123 -45.54 3.40 30.58
N LYS C 124 -45.96 4.62 30.24
CA LYS C 124 -46.41 4.98 28.88
C LYS C 124 -45.21 5.58 28.16
N ALA C 125 -44.96 5.11 26.94
CA ALA C 125 -43.91 5.61 26.02
C ALA C 125 -44.48 6.83 25.30
N LEU C 126 -44.32 8.01 25.90
CA LEU C 126 -44.97 9.27 25.46
C LEU C 126 -44.24 9.88 24.26
N ASN C 127 -42.95 9.56 24.08
CA ASN C 127 -42.06 10.29 23.16
C ASN C 127 -41.48 9.29 22.16
N GLU C 128 -41.76 9.52 20.88
CA GLU C 128 -41.08 8.76 19.81
C GLU C 128 -39.60 9.11 19.92
N GLY C 129 -38.74 8.21 19.45
CA GLY C 129 -37.30 8.44 19.35
C GLY C 129 -36.53 7.17 19.55
N ILE C 130 -35.22 7.31 19.74
CA ILE C 130 -34.29 6.17 19.88
C ILE C 130 -33.50 6.44 21.15
N TYR C 131 -33.77 5.64 22.19
CA TYR C 131 -33.39 5.95 23.58
C TYR C 131 -32.38 4.92 24.09
N VAL C 132 -31.30 5.46 24.66
CA VAL C 132 -30.34 4.69 25.48
C VAL C 132 -31.12 4.21 26.70
N TYR C 133 -30.94 2.95 27.08
CA TYR C 133 -31.26 2.46 28.44
C TYR C 133 -29.95 1.96 29.05
N HIS C 134 -29.82 2.04 30.37
CA HIS C 134 -28.61 1.63 31.10
C HIS C 134 -28.98 1.33 32.55
N CYS C 135 -28.06 0.66 33.24
CA CYS C 135 -28.23 0.39 34.67
C CYS C 135 -27.94 1.70 35.37
N ALA C 136 -28.63 1.97 36.48
CA ALA C 136 -28.48 3.19 37.28
C ALA C 136 -28.21 2.81 38.75
N THR C 137 -27.55 1.67 38.96
CA THR C 137 -27.15 1.14 40.29
C THR C 137 -25.75 1.70 40.59
N ALA C 138 -25.53 2.24 41.79
CA ALA C 138 -24.24 2.83 42.20
C ALA C 138 -23.20 1.72 42.32
N PRO C 139 -21.94 1.95 41.86
CA PRO C 139 -21.55 3.14 41.11
C PRO C 139 -22.00 3.11 39.64
N VAL C 140 -22.75 4.13 39.24
CA VAL C 140 -23.50 4.14 37.95
C VAL C 140 -22.51 4.00 36.80
N GLY C 141 -21.39 4.71 36.89
CA GLY C 141 -20.34 4.67 35.85
C GLY C 141 -19.74 3.29 35.71
N MET C 142 -19.56 2.59 36.84
CA MET C 142 -19.01 1.22 36.86
C MET C 142 -20.01 0.27 36.16
N HIS C 143 -21.31 0.35 36.50
CA HIS C 143 -22.33 -0.56 35.89
C HIS C 143 -22.37 -0.32 34.38
N ILE C 144 -22.35 0.95 33.94
CA ILE C 144 -22.37 1.34 32.50
C ILE C 144 -21.09 0.82 31.83
N ALA C 145 -19.93 1.06 32.45
CA ALA C 145 -18.60 0.66 31.98
C ALA C 145 -18.49 -0.85 31.82
N ASN C 146 -19.24 -1.61 32.63
CA ASN C 146 -19.21 -3.10 32.59
C ASN C 146 -20.15 -3.61 31.48
N GLY C 147 -20.94 -2.72 30.87
CA GLY C 147 -21.63 -3.02 29.60
C GLY C 147 -23.14 -2.96 29.70
N MET C 148 -23.66 -2.39 30.78
CA MET C 148 -25.13 -2.39 31.07
C MET C 148 -25.79 -1.21 30.35
N TYR C 149 -25.93 -1.33 29.03
CA TYR C 149 -26.60 -0.30 28.20
C TYR C 149 -27.11 -0.97 26.94
N GLY C 150 -28.21 -0.44 26.44
CA GLY C 150 -28.82 -0.87 25.18
C GLY C 150 -29.63 0.25 24.57
N LEU C 151 -30.54 -0.08 23.66
CA LEU C 151 -31.39 0.89 22.95
C LEU C 151 -32.83 0.39 22.97
N ILE C 152 -33.76 1.29 23.22
CA ILE C 152 -35.22 1.07 23.00
C ILE C 152 -35.67 2.06 21.92
N LEU C 153 -36.29 1.53 20.85
CA LEU C 153 -36.91 2.36 19.80
C LEU C 153 -38.39 2.53 20.15
N VAL C 154 -38.82 3.78 20.30
CA VAL C 154 -40.25 4.15 20.37
C VAL C 154 -40.62 4.75 19.02
N GLU C 155 -41.32 3.96 18.20
CA GLU C 155 -41.76 4.31 16.83
C GLU C 155 -42.81 5.41 16.88
N PRO C 156 -42.83 6.33 15.88
CA PRO C 156 -44.01 7.16 15.66
C PRO C 156 -45.19 6.25 15.33
N PRO C 157 -46.43 6.72 15.56
CA PRO C 157 -47.64 5.91 15.36
C PRO C 157 -47.71 5.27 13.97
N GLU C 158 -47.25 6.03 12.98
CA GLU C 158 -47.27 5.68 11.54
C GLU C 158 -46.00 4.89 11.20
N GLY C 159 -45.06 4.77 12.16
CA GLY C 159 -43.83 3.97 12.02
C GLY C 159 -42.76 4.67 11.19
N LEU C 160 -41.57 4.08 11.12
CA LEU C 160 -40.42 4.64 10.38
C LEU C 160 -40.60 4.32 8.91
N PRO C 161 -40.10 5.19 7.99
CA PRO C 161 -40.06 4.86 6.57
C PRO C 161 -39.35 3.51 6.38
N LYS C 162 -39.80 2.68 5.44
CA LYS C 162 -39.24 1.32 5.25
C LYS C 162 -37.83 1.45 4.64
N VAL C 163 -36.95 0.54 5.03
CA VAL C 163 -35.57 0.36 4.51
C VAL C 163 -35.40 -1.13 4.24
N ASP C 164 -34.27 -1.51 3.63
CA ASP C 164 -33.92 -2.91 3.31
C ASP C 164 -33.29 -3.58 4.54
N HIS C 165 -32.51 -2.84 5.34
CA HIS C 165 -31.76 -3.37 6.50
C HIS C 165 -31.70 -2.33 7.62
N GLU C 166 -32.11 -2.75 8.82
CA GLU C 166 -31.95 -2.00 10.08
C GLU C 166 -30.93 -2.75 10.93
N TYR C 167 -29.91 -2.04 11.41
CA TYR C 167 -28.84 -2.61 12.26
C TYR C 167 -28.79 -1.82 13.56
N TYR C 168 -28.22 -2.47 14.57
CA TYR C 168 -28.13 -2.05 15.98
C TYR C 168 -26.65 -2.08 16.39
N VAL C 169 -26.05 -0.91 16.52
CA VAL C 169 -24.62 -0.77 16.87
C VAL C 169 -24.52 0.20 18.05
N MET C 170 -23.64 -0.05 18.99
CA MET C 170 -23.54 0.82 20.19
C MET C 170 -22.09 0.89 20.64
N GLN C 171 -21.53 2.10 20.62
CA GLN C 171 -20.16 2.40 21.07
C GLN C 171 -20.12 2.37 22.60
N GLY C 172 -19.03 1.84 23.16
CA GLY C 172 -18.69 2.02 24.57
C GLY C 172 -17.20 2.29 24.76
N ASP C 173 -16.85 2.97 25.85
CA ASP C 173 -15.43 3.11 26.28
C ASP C 173 -15.25 2.17 27.46
N PHE C 174 -14.12 1.43 27.50
CA PHE C 174 -13.87 0.39 28.53
C PHE C 174 -12.56 0.69 29.27
N TYR C 175 -12.52 0.27 30.53
CA TYR C 175 -11.47 0.63 31.50
C TYR C 175 -10.94 -0.67 32.12
N THR C 176 -9.80 -1.16 31.62
CA THR C 176 -9.10 -2.37 32.12
C THR C 176 -7.92 -1.93 33.00
N ALA C 177 -7.59 -2.70 34.04
CA ALA C 177 -6.37 -2.53 34.86
C ALA C 177 -5.14 -2.57 33.94
N GLY C 178 -5.03 -3.64 33.17
CA GLY C 178 -3.98 -3.82 32.14
C GLY C 178 -4.14 -2.86 30.98
N LYS C 179 -3.10 -2.77 30.15
CA LYS C 179 -3.09 -1.94 28.92
C LYS C 179 -3.83 -2.69 27.82
N TYR C 180 -4.14 -1.97 26.75
CA TYR C 180 -4.70 -2.48 25.46
C TYR C 180 -3.99 -3.77 25.04
N ARG C 181 -4.75 -4.88 25.00
CA ARG C 181 -4.39 -6.22 24.44
C ARG C 181 -3.48 -7.00 25.39
N GLU C 182 -3.23 -6.52 26.62
CA GLU C 182 -2.58 -7.36 27.66
C GLU C 182 -3.55 -8.49 28.00
N LYS C 183 -3.07 -9.73 27.87
CA LYS C 183 -3.90 -10.95 27.85
C LYS C 183 -4.42 -11.25 29.25
N GLY C 184 -5.43 -12.12 29.34
CA GLY C 184 -5.98 -12.62 30.61
C GLY C 184 -7.25 -11.88 31.00
N LEU C 185 -7.78 -12.19 32.18
CA LEU C 185 -9.01 -11.59 32.78
C LEU C 185 -8.64 -10.21 33.31
N GLN C 186 -9.14 -9.16 32.65
CA GLN C 186 -8.84 -7.74 32.98
C GLN C 186 -9.91 -7.22 33.93
N PRO C 187 -9.54 -6.82 35.17
CA PRO C 187 -10.49 -6.16 36.06
C PRO C 187 -10.84 -4.77 35.50
N PHE C 188 -11.97 -4.23 35.94
CA PHE C 188 -12.38 -2.81 35.71
C PHE C 188 -11.42 -1.89 36.47
N ASP C 189 -11.04 -0.75 35.86
CA ASP C 189 -10.12 0.24 36.46
C ASP C 189 -10.89 1.55 36.66
N MET C 190 -11.38 1.76 37.89
CA MET C 190 -12.10 3.00 38.32
C MET C 190 -11.22 4.23 38.04
N GLU C 191 -9.93 4.17 38.42
CA GLU C 191 -8.97 5.32 38.29
C GLU C 191 -8.99 5.81 36.85
N LYS C 192 -8.90 4.88 35.88
CA LYS C 192 -8.90 5.18 34.42
C LYS C 192 -10.26 5.74 33.99
N ALA C 193 -11.34 5.17 34.55
CA ALA C 193 -12.74 5.54 34.23
C ALA C 193 -13.00 7.01 34.62
N ILE C 194 -12.63 7.40 35.85
CA ILE C 194 -12.83 8.78 36.39
C ILE C 194 -12.02 9.78 35.53
N ASP C 195 -10.81 9.39 35.11
CA ASP C 195 -9.85 10.22 34.33
C ASP C 195 -10.22 10.21 32.84
N GLU C 196 -11.23 9.41 32.43
CA GLU C 196 -11.73 9.34 31.03
C GLU C 196 -10.56 8.90 30.12
N ARG C 197 -9.80 7.87 30.54
CA ARG C 197 -8.64 7.32 29.79
C ARG C 197 -8.92 5.84 29.52
N PRO C 198 -9.84 5.51 28.60
CA PRO C 198 -10.15 4.11 28.31
C PRO C 198 -8.97 3.38 27.67
N SER C 199 -8.83 2.08 27.98
CA SER C 199 -7.88 1.16 27.31
C SER C 199 -8.46 0.71 25.96
N TYR C 200 -9.80 0.57 25.87
CA TYR C 200 -10.53 0.13 24.66
C TYR C 200 -11.71 1.05 24.35
N VAL C 201 -12.00 1.23 23.06
CA VAL C 201 -13.24 1.88 22.57
C VAL C 201 -13.80 0.94 21.52
N LEU C 202 -15.02 0.44 21.74
CA LEU C 202 -15.56 -0.73 21.01
C LEU C 202 -16.97 -0.46 20.48
N PHE C 203 -17.31 -1.13 19.38
CA PHE C 203 -18.69 -1.33 18.90
C PHE C 203 -19.11 -2.74 19.35
N ASN C 204 -20.22 -2.84 20.09
CA ASN C 204 -20.85 -4.12 20.55
C ASN C 204 -19.86 -4.95 21.38
N GLY C 205 -19.15 -4.34 22.33
CA GLY C 205 -18.68 -5.00 23.56
C GLY C 205 -17.43 -5.83 23.40
N ALA C 206 -16.87 -5.89 22.19
CA ALA C 206 -15.60 -6.56 21.92
C ALA C 206 -14.92 -5.98 20.68
N GLU C 207 -13.59 -6.02 20.67
CA GLU C 207 -12.77 -5.80 19.46
C GLU C 207 -13.12 -6.92 18.49
N GLY C 208 -13.62 -6.57 17.31
CA GLY C 208 -14.05 -7.55 16.29
C GLY C 208 -15.39 -8.22 16.59
N ALA C 209 -16.25 -7.63 17.42
CA ALA C 209 -17.65 -8.08 17.61
C ALA C 209 -18.40 -8.00 16.27
N LEU C 210 -17.99 -7.08 15.39
CA LEU C 210 -18.61 -6.84 14.07
C LEU C 210 -17.54 -6.84 12.96
N THR C 211 -16.61 -7.80 12.98
CA THR C 211 -15.63 -8.05 11.89
C THR C 211 -15.65 -9.54 11.51
N GLY C 212 -15.08 -9.88 10.35
CA GLY C 212 -15.02 -11.27 9.84
C GLY C 212 -16.40 -11.87 9.66
N ASP C 213 -16.64 -13.04 10.27
CA ASP C 213 -17.93 -13.77 10.16
C ASP C 213 -19.08 -12.94 10.76
N LYS C 214 -18.78 -12.03 11.70
CA LYS C 214 -19.81 -11.25 12.44
C LYS C 214 -19.96 -9.85 11.81
N ALA C 215 -19.39 -9.61 10.63
CA ALA C 215 -19.54 -8.35 9.88
C ALA C 215 -21.02 -8.14 9.49
N LEU C 216 -21.44 -6.89 9.43
CA LEU C 216 -22.76 -6.51 8.88
C LEU C 216 -22.76 -6.76 7.36
N HIS C 217 -23.94 -6.99 6.79
CA HIS C 217 -24.12 -7.32 5.35
C HIS C 217 -25.27 -6.49 4.76
N ALA C 218 -25.13 -6.12 3.49
CA ALA C 218 -26.20 -5.50 2.66
C ALA C 218 -25.76 -5.62 1.20
N LYS C 219 -26.68 -5.43 0.26
CA LYS C 219 -26.43 -5.56 -1.19
C LYS C 219 -26.46 -4.17 -1.81
N VAL C 220 -25.73 -4.01 -2.92
CA VAL C 220 -25.78 -2.80 -3.79
C VAL C 220 -27.24 -2.49 -4.11
N GLY C 221 -27.65 -1.22 -3.97
CA GLY C 221 -29.02 -0.77 -4.26
C GLY C 221 -29.92 -0.83 -3.04
N GLU C 222 -29.42 -1.29 -1.88
CA GLU C 222 -30.24 -1.45 -0.63
C GLU C 222 -30.04 -0.27 0.31
N THR C 223 -31.13 0.17 0.95
CA THR C 223 -31.16 1.23 1.98
C THR C 223 -30.80 0.61 3.34
N VAL C 224 -29.89 1.25 4.06
CA VAL C 224 -29.41 0.82 5.40
C VAL C 224 -29.70 1.92 6.41
N ARG C 225 -30.49 1.61 7.44
CA ARG C 225 -30.65 2.42 8.67
C ARG C 225 -29.87 1.73 9.78
N ILE C 226 -28.95 2.45 10.40
CA ILE C 226 -28.23 1.99 11.62
C ILE C 226 -28.72 2.84 12.79
N PHE C 227 -29.20 2.15 13.83
CA PHE C 227 -29.48 2.72 15.17
C PHE C 227 -28.17 2.68 15.93
N VAL C 228 -27.59 3.86 16.16
CA VAL C 228 -26.22 4.01 16.70
C VAL C 228 -26.33 4.62 18.10
N GLY C 229 -26.26 3.77 19.12
CA GLY C 229 -26.14 4.19 20.53
C GLY C 229 -24.71 4.56 20.88
N ASN C 230 -24.56 5.34 21.95
CA ASN C 230 -23.29 5.60 22.66
C ASN C 230 -23.59 5.48 24.15
N GLY C 231 -23.22 4.34 24.74
CA GLY C 231 -23.41 4.07 26.18
C GLY C 231 -22.38 4.83 27.00
N GLY C 232 -21.33 5.33 26.35
CA GLY C 232 -20.18 5.90 27.07
C GLY C 232 -19.44 4.78 27.82
N PRO C 233 -19.14 4.92 29.12
CA PRO C 233 -19.67 6.00 29.97
C PRO C 233 -19.26 7.44 29.67
N ASN C 234 -18.10 7.71 29.07
CA ASN C 234 -17.53 9.08 29.03
C ASN C 234 -17.36 9.67 27.63
N LEU C 235 -17.10 8.88 26.60
CA LEU C 235 -16.66 9.44 25.30
C LEU C 235 -17.85 9.88 24.46
N VAL C 236 -17.57 10.87 23.61
CA VAL C 236 -18.48 11.35 22.53
C VAL C 236 -17.92 10.81 21.24
N SER C 237 -18.71 10.03 20.49
CA SER C 237 -18.30 9.41 19.21
C SER C 237 -18.37 10.46 18.09
N SER C 238 -17.28 10.59 17.33
CA SER C 238 -17.27 11.31 16.03
C SER C 238 -17.56 10.27 14.95
N PHE C 239 -18.83 9.90 14.83
CA PHE C 239 -19.27 8.64 14.19
C PHE C 239 -19.26 8.80 12.68
N HIS C 240 -18.50 7.95 12.00
CA HIS C 240 -18.29 7.95 10.53
C HIS C 240 -18.36 6.51 10.00
N VAL C 241 -18.84 6.35 8.77
CA VAL C 241 -18.64 5.09 7.99
CA VAL C 241 -18.66 5.10 7.98
C VAL C 241 -17.71 5.41 6.81
N ILE C 242 -16.50 4.84 6.86
CA ILE C 242 -15.46 4.97 5.79
C ILE C 242 -16.08 4.45 4.49
N GLY C 243 -16.19 5.31 3.49
CA GLY C 243 -16.70 4.96 2.15
C GLY C 243 -18.13 5.39 1.96
N ALA C 244 -18.81 5.80 3.01
CA ALA C 244 -20.24 6.16 2.90
C ALA C 244 -20.44 7.60 3.36
N ILE C 245 -21.53 8.17 2.87
CA ILE C 245 -22.06 9.51 3.26
C ILE C 245 -23.45 9.25 3.83
N PHE C 246 -23.76 9.83 4.99
CA PHE C 246 -25.12 9.79 5.57
C PHE C 246 -26.02 10.73 4.77
N ASP C 247 -26.95 10.16 3.99
CA ASP C 247 -28.02 10.91 3.28
C ASP C 247 -28.84 11.66 4.33
N GLN C 248 -29.23 10.98 5.40
CA GLN C 248 -30.03 11.55 6.51
C GLN C 248 -29.43 11.11 7.84
N VAL C 249 -29.31 12.07 8.75
CA VAL C 249 -28.96 11.83 10.17
C VAL C 249 -30.10 12.39 11.01
N ARG C 250 -30.68 11.54 11.86
CA ARG C 250 -31.45 11.99 13.04
C ARG C 250 -30.42 12.39 14.09
N TYR C 251 -30.02 13.66 14.06
CA TYR C 251 -28.86 14.14 14.86
C TYR C 251 -29.32 14.21 16.31
N GLU C 252 -28.52 13.65 17.20
CA GLU C 252 -28.78 13.49 18.66
C GLU C 252 -30.03 12.62 18.88
N GLY C 253 -30.47 11.89 17.84
CA GLY C 253 -31.53 10.87 17.93
C GLY C 253 -32.94 11.45 17.78
N GLY C 254 -33.04 12.77 17.55
CA GLY C 254 -34.30 13.53 17.50
C GLY C 254 -35.05 13.33 16.21
N THR C 255 -36.24 13.90 16.09
CA THR C 255 -37.23 13.62 15.01
C THR C 255 -36.72 14.21 13.67
N ASN C 256 -36.24 15.45 13.68
CA ASN C 256 -35.76 16.17 12.47
C ASN C 256 -34.45 15.55 11.95
N VAL C 257 -34.13 15.76 10.66
CA VAL C 257 -32.92 15.18 9.99
C VAL C 257 -31.98 16.30 9.53
N GLN C 258 -30.68 16.04 9.59
CA GLN C 258 -29.67 16.76 8.77
C GLN C 258 -29.38 15.86 7.57
N LYS C 259 -29.06 16.44 6.41
CA LYS C 259 -28.83 15.68 5.15
C LYS C 259 -27.37 15.83 4.74
N ASN C 260 -26.77 14.78 4.16
CA ASN C 260 -25.45 14.81 3.48
C ASN C 260 -24.34 15.13 4.50
N VAL C 261 -24.21 14.26 5.48
CA VAL C 261 -23.33 14.39 6.67
C VAL C 261 -22.28 13.28 6.59
N GLN C 262 -21.01 13.63 6.83
CA GLN C 262 -19.88 12.68 6.78
C GLN C 262 -19.76 12.01 8.15
N THR C 263 -19.79 12.83 9.19
CA THR C 263 -19.44 12.49 10.59
C THR C 263 -20.42 13.22 11.52
N THR C 264 -21.13 12.50 12.40
CA THR C 264 -22.13 13.08 13.33
C THR C 264 -21.70 12.79 14.78
N LEU C 265 -21.81 13.77 15.67
CA LEU C 265 -21.42 13.59 17.08
C LEU C 265 -22.56 12.90 17.80
N ILE C 266 -22.25 11.78 18.44
CA ILE C 266 -23.20 11.01 19.29
C ILE C 266 -22.75 11.22 20.73
N PRO C 267 -23.56 11.98 21.52
CA PRO C 267 -23.28 12.21 22.93
C PRO C 267 -23.15 10.89 23.71
N ALA C 268 -22.38 10.89 24.79
CA ALA C 268 -22.45 9.85 25.84
C ALA C 268 -23.88 9.80 26.39
N GLY C 269 -24.48 8.60 26.49
CA GLY C 269 -25.89 8.41 26.84
C GLY C 269 -26.76 9.06 25.77
N GLY C 270 -26.31 9.00 24.53
CA GLY C 270 -27.07 9.47 23.36
C GLY C 270 -27.07 8.46 22.24
N ALA C 271 -27.83 8.78 21.20
CA ALA C 271 -27.99 7.95 19.99
C ALA C 271 -28.28 8.87 18.80
N ALA C 272 -28.03 8.33 17.62
CA ALA C 272 -28.32 8.94 16.31
C ALA C 272 -28.90 7.83 15.44
N VAL C 273 -29.59 8.23 14.40
CA VAL C 273 -29.99 7.29 13.32
C VAL C 273 -29.35 7.83 12.05
N VAL C 274 -28.72 6.92 11.30
CA VAL C 274 -28.08 7.24 10.00
C VAL C 274 -28.73 6.33 8.96
N LYS C 275 -28.99 6.89 7.78
CA LYS C 275 -29.54 6.17 6.62
C LYS C 275 -28.67 6.50 5.41
N PHE C 276 -28.27 5.49 4.65
CA PHE C 276 -27.61 5.65 3.33
C PHE C 276 -27.99 4.46 2.44
N THR C 277 -27.73 4.60 1.14
CA THR C 277 -27.93 3.52 0.16
C THR C 277 -26.54 3.06 -0.27
N ALA C 278 -26.33 1.75 -0.20
CA ALA C 278 -25.14 1.05 -0.74
C ALA C 278 -25.16 1.17 -2.27
N ARG C 279 -24.05 1.55 -2.89
CA ARG C 279 -24.00 1.81 -4.35
C ARG C 279 -22.78 1.14 -4.98
N VAL C 280 -21.80 0.79 -4.14
CA VAL C 280 -20.50 0.19 -4.55
C VAL C 280 -20.20 -0.98 -3.64
N PRO C 281 -19.76 -2.13 -4.20
CA PRO C 281 -19.40 -3.27 -3.37
C PRO C 281 -18.08 -3.03 -2.60
N GLY C 282 -17.91 -3.79 -1.51
CA GLY C 282 -16.67 -3.85 -0.70
C GLY C 282 -16.93 -3.65 0.78
N SER C 283 -15.84 -3.39 1.52
CA SER C 283 -15.79 -3.22 2.98
C SER C 283 -15.90 -1.74 3.33
N TYR C 284 -16.91 -1.43 4.15
CA TYR C 284 -17.17 -0.12 4.79
C TYR C 284 -16.90 -0.30 6.28
N VAL C 285 -16.31 0.71 6.91
CA VAL C 285 -15.85 0.62 8.32
C VAL C 285 -16.58 1.68 9.17
N LEU C 286 -17.38 1.26 10.15
CA LEU C 286 -17.91 2.19 11.17
C LEU C 286 -16.75 2.49 12.12
N VAL C 287 -16.58 3.76 12.49
CA VAL C 287 -15.43 4.25 13.30
C VAL C 287 -15.88 5.38 14.22
N ASP C 288 -15.14 5.55 15.31
CA ASP C 288 -15.03 6.84 16.02
C ASP C 288 -13.88 7.57 15.33
N HIS C 289 -14.18 8.66 14.62
CA HIS C 289 -13.20 9.42 13.79
C HIS C 289 -12.36 10.32 14.71
N SER C 290 -12.59 10.26 16.03
CA SER C 290 -11.49 10.53 16.99
C SER C 290 -10.50 9.37 16.80
N ILE C 291 -9.72 9.47 15.73
CA ILE C 291 -9.32 8.32 14.85
C ILE C 291 -8.35 7.38 15.57
N PHE C 292 -7.67 7.82 16.63
CA PHE C 292 -6.76 6.95 17.41
C PHE C 292 -7.58 5.87 18.15
N ARG C 293 -8.86 6.12 18.45
CA ARG C 293 -9.80 5.13 19.03
C ARG C 293 -10.05 4.01 18.01
N ALA C 294 -10.35 4.38 16.77
CA ALA C 294 -10.64 3.44 15.67
C ALA C 294 -9.43 2.53 15.47
N PHE C 295 -8.25 3.09 15.25
CA PHE C 295 -7.08 2.34 14.71
C PHE C 295 -6.12 1.89 15.83
N ASN C 296 -6.36 2.25 17.10
CA ASN C 296 -5.40 1.88 18.17
C ASN C 296 -6.10 1.36 19.43
N LYS C 297 -7.42 1.52 19.55
CA LYS C 297 -8.17 1.09 20.77
C LYS C 297 -9.36 0.19 20.41
N GLY C 298 -9.57 -0.11 19.13
CA GLY C 298 -10.52 -1.14 18.65
C GLY C 298 -11.89 -0.62 18.19
N ALA C 299 -12.07 0.69 17.99
CA ALA C 299 -13.39 1.28 17.66
C ALA C 299 -13.64 1.13 16.15
N MET C 300 -13.79 -0.12 15.68
CA MET C 300 -14.19 -0.34 14.27
C MET C 300 -15.10 -1.56 14.15
N ALA C 301 -16.09 -1.39 13.28
CA ALA C 301 -17.12 -2.37 12.90
C ALA C 301 -17.19 -2.33 11.38
N ILE C 302 -17.58 -3.44 10.75
CA ILE C 302 -17.52 -3.61 9.28
C ILE C 302 -18.94 -3.85 8.79
N LEU C 303 -19.31 -3.11 7.76
CA LEU C 303 -20.46 -3.42 6.90
C LEU C 303 -19.87 -3.91 5.57
N LYS C 304 -20.14 -5.16 5.18
CA LYS C 304 -19.72 -5.74 3.89
C LYS C 304 -20.88 -5.64 2.90
N ILE C 305 -20.61 -4.97 1.78
CA ILE C 305 -21.56 -4.78 0.65
C ILE C 305 -21.17 -5.76 -0.46
N ASP C 306 -22.08 -6.64 -0.81
CA ASP C 306 -21.94 -7.63 -1.91
C ASP C 306 -22.75 -7.07 -3.08
N GLY C 307 -22.37 -7.38 -4.33
CA GLY C 307 -23.11 -7.01 -5.53
C GLY C 307 -22.22 -6.57 -6.69
N ALA C 308 -22.83 -5.91 -7.68
CA ALA C 308 -22.21 -5.62 -8.99
C ALA C 308 -21.36 -4.35 -8.88
N GLU C 309 -20.10 -4.41 -9.35
CA GLU C 309 -19.22 -3.22 -9.53
C GLU C 309 -19.98 -2.20 -10.40
N ASN C 310 -19.92 -0.92 -10.01
CA ASN C 310 -20.43 0.26 -10.75
C ASN C 310 -19.24 1.20 -11.00
N LYS C 311 -18.59 1.06 -12.16
CA LYS C 311 -17.27 1.71 -12.48
C LYS C 311 -17.45 3.21 -12.75
N LEU C 312 -18.65 3.65 -13.09
CA LEU C 312 -18.95 5.10 -13.30
C LEU C 312 -18.97 5.83 -11.95
N VAL C 313 -19.29 5.13 -10.86
CA VAL C 313 -19.42 5.71 -9.49
C VAL C 313 -18.09 5.58 -8.75
N TYR C 314 -17.38 4.45 -8.90
CA TYR C 314 -16.08 4.14 -8.25
C TYR C 314 -15.32 3.12 -9.12
N SER C 315 -14.27 3.59 -9.81
CA SER C 315 -13.55 2.82 -10.86
C SER C 315 -12.59 1.80 -10.25
N GLY C 316 -12.14 2.02 -9.01
CA GLY C 316 -10.94 1.34 -8.47
C GLY C 316 -9.69 1.96 -9.07
N LYS C 317 -8.49 1.52 -8.64
CA LYS C 317 -7.21 2.06 -9.17
C LYS C 317 -7.12 1.78 -10.66
N GLU C 318 -6.97 2.82 -11.51
CA GLU C 318 -7.01 2.70 -12.98
C GLU C 318 -5.58 2.63 -13.55
N LEU C 319 -4.60 3.22 -12.87
CA LEU C 319 -3.21 3.31 -13.39
C LEU C 319 -2.23 3.67 -12.26
N ASP C 320 -1.07 2.99 -12.24
CA ASP C 320 0.14 3.34 -11.46
C ASP C 320 1.22 3.73 -12.47
N SER C 321 1.56 5.02 -12.52
CA SER C 321 2.62 5.59 -13.39
C SER C 321 3.83 5.98 -12.53
N VAL C 322 5.00 6.09 -13.16
CA VAL C 322 6.24 6.57 -12.47
C VAL C 322 6.25 8.09 -12.57
N TYR C 323 6.66 8.76 -11.51
CA TYR C 323 6.49 10.22 -11.27
C TYR C 323 7.82 10.81 -10.80
N LEU C 324 8.41 11.74 -11.56
CA LEU C 324 9.77 12.28 -11.30
C LEU C 324 9.73 13.60 -10.50
N GLY C 325 8.57 14.24 -10.36
CA GLY C 325 8.36 15.46 -9.56
C GLY C 325 7.82 16.60 -10.39
N PRO D 6 25.43 -46.40 -13.55
CA PRO D 6 25.71 -44.95 -13.47
C PRO D 6 27.08 -44.58 -14.07
N GLY D 7 27.24 -44.83 -15.39
CA GLY D 7 28.52 -44.63 -16.12
C GLY D 7 29.55 -45.64 -15.71
N ASP D 8 29.17 -46.91 -15.66
CA ASP D 8 29.82 -47.99 -14.86
C ASP D 8 30.02 -49.21 -15.75
N PHE D 9 31.03 -49.18 -16.61
CA PHE D 9 31.38 -50.25 -17.57
C PHE D 9 32.51 -51.08 -16.96
N GLY D 10 32.81 -50.86 -15.68
CA GLY D 10 33.65 -51.76 -14.85
C GLY D 10 35.09 -51.28 -14.72
N PRO D 11 35.98 -52.18 -14.25
CA PRO D 11 37.41 -51.87 -14.13
C PRO D 11 38.11 -51.49 -15.44
N PRO D 12 39.21 -50.71 -15.37
CA PRO D 12 40.01 -50.40 -16.55
C PRO D 12 40.70 -51.64 -17.16
N ARG D 13 40.69 -51.73 -18.49
CA ARG D 13 41.22 -52.90 -19.25
C ARG D 13 42.34 -52.42 -20.19
N GLY D 14 43.25 -53.31 -20.55
CA GLY D 14 44.48 -52.98 -21.30
C GLY D 14 45.53 -52.35 -20.41
N GLU D 15 46.52 -51.70 -21.00
CA GLU D 15 47.57 -50.94 -20.26
C GLU D 15 47.08 -49.51 -20.05
N PRO D 16 47.54 -48.82 -18.98
CA PRO D 16 47.32 -47.39 -18.83
C PRO D 16 47.67 -46.60 -20.10
N ILE D 17 46.77 -45.71 -20.53
CA ILE D 17 46.97 -44.78 -21.67
C ILE D 17 47.50 -43.45 -21.12
N HIS D 18 48.59 -42.92 -21.70
CA HIS D 18 49.05 -41.54 -21.47
C HIS D 18 48.25 -40.62 -22.40
N ALA D 19 47.32 -39.87 -21.82
CA ALA D 19 46.46 -38.90 -22.53
C ALA D 19 47.34 -37.95 -23.35
N VAL D 20 47.02 -37.80 -24.63
CA VAL D 20 47.61 -36.74 -25.50
C VAL D 20 46.64 -35.57 -25.44
N LEU D 21 47.15 -34.42 -24.95
CA LEU D 21 46.44 -33.13 -24.79
C LEU D 21 46.81 -32.23 -25.97
N THR D 22 45.90 -31.33 -26.35
CA THR D 22 46.11 -30.33 -27.43
C THR D 22 46.10 -28.91 -26.84
N SER D 23 46.78 -27.99 -27.51
CA SER D 23 46.67 -26.53 -27.25
C SER D 23 45.48 -26.00 -28.01
N PRO D 24 44.75 -25.00 -27.47
CA PRO D 24 43.70 -24.32 -28.23
C PRO D 24 44.30 -23.80 -29.54
N PRO D 25 43.53 -23.76 -30.65
CA PRO D 25 42.13 -24.15 -30.67
C PRO D 25 41.90 -25.58 -31.18
N LEU D 26 42.85 -26.50 -30.98
CA LEU D 26 42.78 -27.89 -31.51
C LEU D 26 42.28 -28.83 -30.40
N VAL D 27 41.72 -29.97 -30.80
CA VAL D 27 41.03 -30.94 -29.92
C VAL D 27 41.75 -32.27 -30.11
N PRO D 28 41.96 -33.09 -29.07
CA PRO D 28 42.52 -34.43 -29.28
C PRO D 28 41.60 -35.21 -30.21
N PRO D 29 42.11 -36.22 -30.95
CA PRO D 29 41.26 -37.01 -31.84
C PRO D 29 40.38 -37.94 -31.01
N PRO D 30 39.30 -38.53 -31.58
CA PRO D 30 38.48 -39.50 -30.86
C PRO D 30 39.29 -40.60 -30.16
N VAL D 31 38.88 -41.00 -28.94
CA VAL D 31 39.58 -42.09 -28.16
C VAL D 31 39.44 -43.42 -28.93
N ASN D 32 38.35 -43.59 -29.69
CA ASN D 32 38.09 -44.74 -30.59
C ASN D 32 38.27 -46.06 -29.81
N ARG D 33 37.41 -46.27 -28.82
CA ARG D 33 37.57 -47.34 -27.80
C ARG D 33 36.19 -47.84 -27.36
N THR D 34 36.05 -49.14 -27.17
CA THR D 34 34.80 -49.83 -26.74
C THR D 34 34.93 -50.29 -25.28
N TYR D 35 36.09 -50.05 -24.66
CA TYR D 35 36.41 -50.50 -23.30
C TYR D 35 36.87 -49.31 -22.46
N PRO D 36 36.60 -49.31 -21.15
CA PRO D 36 37.19 -48.32 -20.24
C PRO D 36 38.70 -48.56 -20.08
N ALA D 37 39.47 -47.48 -19.90
CA ALA D 37 40.93 -47.53 -19.66
C ALA D 37 41.27 -46.73 -18.40
N LYS D 38 42.44 -47.00 -17.84
CA LYS D 38 43.13 -46.08 -16.89
C LYS D 38 43.87 -45.07 -17.76
N VAL D 39 43.56 -43.78 -17.60
CA VAL D 39 44.12 -42.69 -18.44
C VAL D 39 44.94 -41.76 -17.54
N ILE D 40 46.23 -41.66 -17.83
CA ILE D 40 47.18 -40.80 -17.08
C ILE D 40 47.22 -39.45 -17.79
N VAL D 41 46.81 -38.40 -17.08
CA VAL D 41 46.81 -37.00 -17.57
C VAL D 41 47.90 -36.25 -16.82
N GLU D 42 48.79 -35.62 -17.58
CA GLU D 42 49.84 -34.71 -17.07
C GLU D 42 49.53 -33.30 -17.57
N LEU D 43 49.35 -32.39 -16.62
CA LEU D 43 49.02 -30.97 -16.86
C LEU D 43 49.93 -30.12 -15.96
N GLU D 44 50.70 -29.23 -16.56
CA GLU D 44 51.70 -28.38 -15.86
C GLU D 44 51.18 -26.94 -15.82
N VAL D 45 51.14 -26.34 -14.63
CA VAL D 45 50.78 -24.90 -14.44
C VAL D 45 52.01 -24.05 -14.76
N VAL D 46 51.86 -23.07 -15.65
CA VAL D 46 52.91 -22.06 -16.00
C VAL D 46 52.35 -20.64 -15.79
N GLU D 47 52.98 -19.87 -14.90
CA GLU D 47 52.72 -18.41 -14.75
C GLU D 47 53.64 -17.69 -15.73
N LYS D 48 53.09 -16.87 -16.63
CA LYS D 48 53.90 -16.14 -17.63
C LYS D 48 53.20 -14.87 -18.09
N GLU D 49 54.00 -13.84 -18.35
CA GLU D 49 53.61 -12.61 -19.07
C GLU D 49 53.27 -12.97 -20.53
N MET D 50 52.11 -12.54 -21.02
CA MET D 50 51.75 -12.64 -22.45
C MET D 50 51.07 -11.34 -22.89
N GLN D 51 50.98 -11.15 -24.20
CA GLN D 51 50.31 -9.97 -24.82
C GLN D 51 48.80 -10.27 -24.90
N ILE D 52 48.01 -9.55 -24.10
CA ILE D 52 46.51 -9.63 -24.10
C ILE D 52 45.96 -8.77 -25.25
N SER D 53 46.65 -7.67 -25.56
CA SER D 53 46.33 -6.74 -26.66
C SER D 53 47.64 -6.15 -27.21
N GLU D 54 47.56 -5.40 -28.30
CA GLU D 54 48.75 -4.77 -28.92
C GLU D 54 49.41 -3.82 -27.91
N GLY D 55 50.63 -4.14 -27.48
CA GLY D 55 51.42 -3.29 -26.56
C GLY D 55 50.92 -3.38 -25.13
N VAL D 56 50.00 -4.31 -24.84
CA VAL D 56 49.46 -4.53 -23.46
C VAL D 56 49.92 -5.93 -23.02
N SER D 57 50.67 -5.97 -21.91
CA SER D 57 51.15 -7.22 -21.28
C SER D 57 50.27 -7.54 -20.08
N TYR D 58 50.12 -8.82 -19.77
CA TYR D 58 49.32 -9.32 -18.63
C TYR D 58 49.97 -10.62 -18.12
N THR D 59 50.12 -10.75 -16.80
CA THR D 59 50.66 -11.98 -16.14
C THR D 59 49.54 -13.03 -16.07
N PHE D 60 49.48 -13.90 -17.08
CA PHE D 60 48.54 -15.05 -17.16
C PHE D 60 49.06 -16.20 -16.28
N TRP D 61 48.13 -16.85 -15.58
CA TRP D 61 48.35 -18.16 -14.91
C TRP D 61 47.68 -19.24 -15.77
N THR D 62 48.44 -20.21 -16.27
CA THR D 62 47.96 -21.15 -17.30
C THR D 62 48.13 -22.60 -16.87
N PHE D 63 47.19 -23.44 -17.28
CA PHE D 63 47.36 -24.90 -17.37
C PHE D 63 47.94 -25.21 -18.76
N GLY D 64 49.24 -25.43 -18.85
CA GLY D 64 49.90 -26.00 -20.04
C GLY D 64 50.45 -24.95 -20.96
N GLY D 65 50.53 -23.70 -20.49
CA GLY D 65 51.15 -22.57 -21.23
C GLY D 65 50.17 -21.76 -22.06
N THR D 66 48.87 -22.10 -22.00
CA THR D 66 47.82 -21.53 -22.88
C THR D 66 46.59 -21.12 -22.07
N VAL D 67 45.88 -20.09 -22.56
CA VAL D 67 44.49 -19.71 -22.18
C VAL D 67 43.59 -19.93 -23.40
N PRO D 68 42.63 -20.88 -23.35
CA PRO D 68 42.47 -21.79 -22.21
C PRO D 68 43.60 -22.81 -22.08
N GLY D 69 43.64 -23.50 -20.94
CA GLY D 69 44.54 -24.63 -20.66
C GLY D 69 44.35 -25.77 -21.67
N SER D 70 45.23 -26.76 -21.63
CA SER D 70 45.24 -27.89 -22.59
C SER D 70 43.88 -28.59 -22.57
N PHE D 71 43.36 -28.92 -23.75
CA PHE D 71 42.13 -29.73 -23.92
C PHE D 71 42.44 -31.18 -23.50
N ILE D 72 41.61 -31.75 -22.61
CA ILE D 72 41.67 -33.18 -22.17
C ILE D 72 40.49 -33.94 -22.79
N ARG D 73 40.75 -35.11 -23.37
CA ARG D 73 39.70 -35.97 -23.96
C ARG D 73 39.81 -37.38 -23.39
N VAL D 74 38.76 -37.82 -22.68
CA VAL D 74 38.62 -39.17 -22.07
C VAL D 74 37.25 -39.75 -22.45
N ARG D 75 36.96 -40.97 -22.03
CA ARG D 75 35.69 -41.68 -22.33
C ARG D 75 34.93 -41.90 -21.01
N GLN D 76 33.62 -41.69 -21.00
CA GLN D 76 32.78 -42.03 -19.82
C GLN D 76 33.14 -43.46 -19.39
N GLY D 77 33.36 -43.68 -18.09
CA GLY D 77 33.69 -45.01 -17.53
C GLY D 77 35.16 -45.14 -17.17
N ASP D 78 36.04 -44.42 -17.88
CA ASP D 78 37.51 -44.38 -17.65
C ASP D 78 37.83 -43.99 -16.21
N THR D 79 38.92 -44.55 -15.68
CA THR D 79 39.62 -44.05 -14.46
C THR D 79 40.71 -43.08 -14.92
N VAL D 80 40.62 -41.82 -14.47
CA VAL D 80 41.62 -40.77 -14.78
C VAL D 80 42.59 -40.72 -13.61
N GLU D 81 43.87 -40.94 -13.86
CA GLU D 81 44.96 -40.68 -12.90
C GLU D 81 45.59 -39.34 -13.25
N PHE D 82 45.26 -38.31 -12.48
CA PHE D 82 45.59 -36.90 -12.78
C PHE D 82 46.87 -36.51 -12.01
N HIS D 83 47.83 -35.95 -12.75
CA HIS D 83 49.10 -35.38 -12.22
C HIS D 83 49.09 -33.86 -12.50
N LEU D 84 48.93 -33.05 -11.47
CA LEU D 84 49.06 -31.58 -11.59
C LEU D 84 50.46 -31.17 -11.13
N LYS D 85 51.26 -30.72 -12.10
CA LYS D 85 52.62 -30.19 -11.91
C LYS D 85 52.49 -28.67 -11.85
N ASN D 86 53.10 -28.03 -10.84
CA ASN D 86 53.22 -26.56 -10.74
C ASN D 86 54.70 -26.21 -10.94
N HIS D 87 55.04 -25.63 -12.10
CA HIS D 87 56.43 -25.26 -12.47
C HIS D 87 57.06 -24.51 -11.29
N PRO D 88 58.33 -24.78 -10.93
CA PRO D 88 58.98 -24.11 -9.80
C PRO D 88 59.15 -22.58 -9.91
N SER D 89 59.01 -22.02 -11.11
CA SER D 89 59.05 -20.55 -11.35
C SER D 89 57.77 -19.86 -10.84
N SER D 90 56.66 -20.58 -10.63
CA SER D 90 55.37 -20.02 -10.13
C SER D 90 55.56 -19.34 -8.77
N LYS D 91 54.93 -18.19 -8.53
CA LYS D 91 54.95 -17.50 -7.21
C LYS D 91 53.84 -18.09 -6.35
N MET D 92 52.86 -18.75 -6.98
CA MET D 92 51.59 -19.15 -6.35
C MET D 92 51.44 -20.67 -6.33
N PRO D 93 50.82 -21.23 -5.29
CA PRO D 93 50.28 -22.59 -5.36
C PRO D 93 49.02 -22.54 -6.23
N HIS D 94 48.67 -23.68 -6.82
CA HIS D 94 47.49 -23.86 -7.69
C HIS D 94 46.90 -25.23 -7.41
N ASN D 95 45.66 -25.45 -7.87
CA ASN D 95 44.96 -26.74 -7.82
C ASN D 95 44.06 -26.83 -9.05
N ILE D 96 43.26 -27.89 -9.14
CA ILE D 96 42.31 -28.03 -10.28
C ILE D 96 40.96 -28.49 -9.72
N ASP D 97 39.90 -27.84 -10.20
CA ASP D 97 38.50 -28.27 -10.09
C ASP D 97 38.09 -28.62 -11.52
N LEU D 98 37.83 -29.90 -11.81
CA LEU D 98 37.21 -30.32 -13.09
C LEU D 98 35.72 -30.61 -12.83
N HIS D 99 34.83 -30.02 -13.64
CA HIS D 99 33.36 -30.17 -13.47
C HIS D 99 32.93 -31.60 -13.86
N GLY D 100 33.77 -32.33 -14.60
CA GLY D 100 33.57 -33.75 -14.93
C GLY D 100 33.84 -34.69 -13.76
N VAL D 101 34.36 -34.16 -12.64
CA VAL D 101 34.73 -34.97 -11.44
C VAL D 101 33.56 -35.04 -10.47
N THR D 102 33.26 -36.23 -9.96
CA THR D 102 32.27 -36.45 -8.86
C THR D 102 33.04 -36.61 -7.56
N GLY D 103 33.00 -35.58 -6.71
CA GLY D 103 33.72 -35.58 -5.43
C GLY D 103 34.05 -34.16 -5.02
N PRO D 104 34.47 -33.94 -3.75
CA PRO D 104 34.69 -32.61 -3.20
C PRO D 104 35.58 -31.72 -4.10
N GLY D 105 35.12 -30.50 -4.39
CA GLY D 105 35.91 -29.52 -5.14
C GLY D 105 36.21 -29.97 -6.55
N GLY D 106 35.53 -30.99 -7.08
CA GLY D 106 35.87 -31.60 -8.39
C GLY D 106 37.36 -31.85 -8.54
N GLY D 107 38.06 -32.21 -7.45
CA GLY D 107 39.52 -32.44 -7.40
C GLY D 107 40.27 -31.43 -6.55
N ALA D 108 39.70 -30.24 -6.30
CA ALA D 108 40.43 -29.08 -5.71
C ALA D 108 41.10 -29.50 -4.41
N ALA D 109 40.38 -30.26 -3.57
CA ALA D 109 40.82 -30.72 -2.24
C ALA D 109 41.99 -31.71 -2.40
N SER D 110 42.10 -32.38 -3.54
CA SER D 110 43.05 -33.49 -3.82
C SER D 110 44.24 -33.04 -4.69
N SER D 111 44.25 -31.77 -5.13
CA SER D 111 45.17 -31.31 -6.21
C SER D 111 45.99 -30.09 -5.77
N PHE D 112 46.04 -29.77 -4.48
CA PHE D 112 46.83 -28.62 -3.98
C PHE D 112 48.32 -28.89 -4.22
N THR D 113 48.96 -28.02 -5.00
CA THR D 113 50.30 -28.19 -5.60
C THR D 113 51.09 -26.90 -5.46
N ALA D 114 52.02 -26.85 -4.50
CA ALA D 114 52.93 -25.71 -4.27
C ALA D 114 53.86 -25.57 -5.49
N PRO D 115 54.46 -24.38 -5.69
CA PRO D 115 55.46 -24.23 -6.74
C PRO D 115 56.54 -25.31 -6.57
N GLY D 116 56.92 -25.93 -7.69
CA GLY D 116 57.92 -27.02 -7.75
C GLY D 116 57.41 -28.30 -7.09
N HIS D 117 56.12 -28.61 -7.22
CA HIS D 117 55.53 -29.88 -6.73
C HIS D 117 54.60 -30.49 -7.78
N GLU D 118 54.23 -31.75 -7.56
CA GLU D 118 53.30 -32.54 -8.40
C GLU D 118 52.30 -33.25 -7.49
N SER D 119 51.01 -33.06 -7.75
CA SER D 119 49.88 -33.70 -7.03
C SER D 119 49.31 -34.83 -7.90
N GLN D 120 49.11 -36.00 -7.34
CA GLN D 120 48.40 -37.12 -7.99
C GLN D 120 47.08 -37.38 -7.26
N PHE D 121 45.99 -37.44 -8.02
CA PHE D 121 44.68 -37.97 -7.56
C PHE D 121 44.03 -38.72 -8.73
N THR D 122 43.17 -39.67 -8.38
CA THR D 122 42.44 -40.56 -9.31
C THR D 122 40.94 -40.37 -9.11
N PHE D 123 40.22 -40.18 -10.22
CA PHE D 123 38.74 -40.09 -10.25
C PHE D 123 38.21 -40.96 -11.40
N LYS D 124 36.96 -41.39 -11.30
CA LYS D 124 36.21 -42.03 -12.41
C LYS D 124 35.35 -40.95 -13.08
N ALA D 125 35.44 -40.87 -14.41
CA ALA D 125 34.58 -40.03 -15.28
C ALA D 125 33.21 -40.71 -15.42
N LEU D 126 32.30 -40.47 -14.47
CA LEU D 126 30.95 -41.09 -14.39
C LEU D 126 30.02 -40.56 -15.49
N ASN D 127 30.08 -39.27 -15.82
CA ASN D 127 29.10 -38.61 -16.73
C ASN D 127 29.75 -38.16 -18.04
N GLU D 128 29.17 -38.52 -19.18
CA GLU D 128 29.48 -37.88 -20.49
C GLU D 128 29.20 -36.38 -20.36
N GLY D 129 29.82 -35.59 -21.25
CA GLY D 129 29.69 -34.12 -21.26
C GLY D 129 30.98 -33.42 -21.69
N ILE D 130 30.89 -32.10 -21.70
CA ILE D 130 31.98 -31.15 -22.05
C ILE D 130 32.09 -30.20 -20.87
N TYR D 131 33.15 -30.34 -20.10
CA TYR D 131 33.22 -29.84 -18.70
C TYR D 131 34.30 -28.78 -18.59
N VAL D 132 33.97 -27.69 -17.93
CA VAL D 132 34.99 -26.67 -17.59
C VAL D 132 35.88 -27.30 -16.51
N TYR D 133 37.19 -27.10 -16.62
CA TYR D 133 38.11 -27.23 -15.46
C TYR D 133 38.71 -25.85 -15.21
N HIS D 134 39.04 -25.57 -13.97
CA HIS D 134 39.69 -24.30 -13.56
C HIS D 134 40.42 -24.52 -12.23
N CYS D 135 41.31 -23.59 -11.88
CA CYS D 135 41.95 -23.49 -10.55
C CYS D 135 40.91 -23.04 -9.53
N ALA D 136 41.06 -23.50 -8.29
CA ALA D 136 40.16 -23.19 -7.16
C ALA D 136 41.03 -22.90 -5.93
N THR D 137 42.15 -22.23 -6.15
CA THR D 137 43.04 -21.70 -5.09
C THR D 137 42.54 -20.32 -4.70
N ALA D 138 42.39 -20.05 -3.39
CA ALA D 138 41.91 -18.76 -2.87
C ALA D 138 42.95 -17.68 -3.20
N PRO D 139 42.55 -16.46 -3.66
CA PRO D 139 41.17 -16.14 -4.06
C PRO D 139 40.81 -16.70 -5.45
N VAL D 140 39.76 -17.51 -5.49
CA VAL D 140 39.36 -18.38 -6.63
C VAL D 140 38.96 -17.52 -7.83
N GLY D 141 38.21 -16.44 -7.61
CA GLY D 141 37.93 -15.43 -8.64
C GLY D 141 39.20 -14.94 -9.33
N MET D 142 40.27 -14.74 -8.58
CA MET D 142 41.53 -14.17 -9.13
C MET D 142 42.19 -15.24 -10.02
N HIS D 143 42.23 -16.50 -9.60
CA HIS D 143 42.99 -17.54 -10.34
C HIS D 143 42.29 -17.72 -11.69
N ILE D 144 40.96 -17.79 -11.69
CA ILE D 144 40.13 -17.92 -12.93
C ILE D 144 40.37 -16.68 -13.81
N ALA D 145 40.25 -15.48 -13.27
CA ALA D 145 40.46 -14.22 -14.03
C ALA D 145 41.86 -14.20 -14.68
N ASN D 146 42.86 -14.87 -14.08
CA ASN D 146 44.27 -14.84 -14.57
C ASN D 146 44.48 -15.87 -15.69
N GLY D 147 43.47 -16.69 -16.00
CA GLY D 147 43.42 -17.55 -17.21
C GLY D 147 43.35 -19.04 -16.90
N MET D 148 43.18 -19.40 -15.63
CA MET D 148 43.28 -20.81 -15.15
C MET D 148 41.95 -21.52 -15.41
N TYR D 149 41.63 -21.76 -16.68
CA TYR D 149 40.46 -22.58 -17.10
C TYR D 149 40.75 -23.28 -18.41
N GLY D 150 40.08 -24.43 -18.60
CA GLY D 150 40.05 -25.21 -19.84
C GLY D 150 38.86 -26.15 -19.90
N LEU D 151 38.89 -27.11 -20.81
CA LEU D 151 37.78 -28.06 -21.07
C LEU D 151 38.29 -29.51 -21.04
N ILE D 152 37.51 -30.39 -20.43
CA ILE D 152 37.67 -31.88 -20.54
C ILE D 152 36.40 -32.43 -21.18
N LEU D 153 36.54 -33.03 -22.36
CA LEU D 153 35.46 -33.79 -23.02
C LEU D 153 35.45 -35.20 -22.43
N VAL D 154 34.29 -35.64 -21.92
CA VAL D 154 34.04 -37.06 -21.54
C VAL D 154 33.05 -37.61 -22.56
N GLU D 155 33.53 -38.49 -23.44
CA GLU D 155 32.77 -39.00 -24.58
C GLU D 155 31.69 -39.94 -24.09
N PRO D 156 30.52 -39.98 -24.77
CA PRO D 156 29.58 -41.09 -24.60
C PRO D 156 30.27 -42.40 -25.00
N PRO D 157 29.79 -43.55 -24.53
CA PRO D 157 30.45 -44.84 -24.80
C PRO D 157 30.72 -45.10 -26.29
N GLU D 158 29.80 -44.65 -27.17
CA GLU D 158 29.80 -44.91 -28.64
C GLU D 158 30.57 -43.80 -29.38
N GLY D 159 31.21 -42.88 -28.67
CA GLY D 159 31.85 -41.70 -29.29
C GLY D 159 30.81 -40.72 -29.81
N LEU D 160 31.26 -39.50 -30.13
CA LEU D 160 30.43 -38.47 -30.79
C LEU D 160 30.32 -38.82 -32.27
N PRO D 161 29.26 -38.39 -32.97
CA PRO D 161 29.19 -38.54 -34.43
C PRO D 161 30.36 -37.86 -35.16
N LYS D 162 30.97 -38.51 -36.16
CA LYS D 162 32.19 -38.01 -36.85
C LYS D 162 31.93 -36.63 -37.45
N VAL D 163 32.94 -35.76 -37.44
CA VAL D 163 32.92 -34.44 -38.15
C VAL D 163 34.30 -34.21 -38.79
N ASP D 164 34.35 -33.29 -39.75
CA ASP D 164 35.57 -32.92 -40.52
C ASP D 164 36.50 -32.08 -39.64
N HIS D 165 35.95 -31.23 -38.79
CA HIS D 165 36.70 -30.27 -37.92
C HIS D 165 36.03 -30.20 -36.54
N GLU D 166 36.83 -30.33 -35.49
CA GLU D 166 36.49 -29.99 -34.08
C GLU D 166 37.44 -28.89 -33.63
N TYR D 167 36.93 -27.76 -33.15
CA TYR D 167 37.74 -26.65 -32.60
C TYR D 167 37.42 -26.47 -31.11
N TYR D 168 38.36 -25.87 -30.39
CA TYR D 168 38.36 -25.59 -28.94
C TYR D 168 38.47 -24.07 -28.75
N VAL D 169 37.35 -23.45 -28.39
CA VAL D 169 37.27 -21.99 -28.12
C VAL D 169 36.69 -21.79 -26.72
N MET D 170 37.21 -20.80 -25.99
CA MET D 170 36.74 -20.51 -24.61
C MET D 170 36.80 -19.00 -24.36
N GLN D 171 35.67 -18.44 -23.94
CA GLN D 171 35.52 -17.01 -23.58
C GLN D 171 36.00 -16.82 -22.14
N GLY D 172 36.67 -15.69 -21.90
CA GLY D 172 37.02 -15.17 -20.56
C GLY D 172 36.74 -13.68 -20.48
N ASP D 173 36.36 -13.19 -19.29
CA ASP D 173 36.38 -11.75 -18.92
C ASP D 173 37.69 -11.48 -18.16
N PHE D 174 38.28 -10.31 -18.39
CA PHE D 174 39.63 -9.96 -17.88
C PHE D 174 39.56 -8.57 -17.25
N TYR D 175 40.27 -8.40 -16.13
CA TYR D 175 40.16 -7.23 -15.23
C TYR D 175 41.55 -6.60 -15.06
N THR D 176 41.86 -5.62 -15.92
CA THR D 176 43.09 -4.78 -15.86
C THR D 176 42.80 -3.48 -15.10
N ALA D 177 43.77 -3.02 -14.30
CA ALA D 177 43.74 -1.74 -13.56
C ALA D 177 43.57 -0.58 -14.56
N GLY D 178 44.25 -0.70 -15.70
CA GLY D 178 44.14 0.24 -16.83
C GLY D 178 42.88 0.00 -17.63
N LYS D 179 42.45 1.03 -18.36
CA LYS D 179 41.35 0.94 -19.35
C LYS D 179 41.78 0.05 -20.53
N TYR D 180 40.79 -0.41 -21.30
CA TYR D 180 40.92 -1.11 -22.61
C TYR D 180 42.01 -0.47 -23.47
N ARG D 181 43.04 -1.26 -23.82
CA ARG D 181 44.12 -0.96 -24.80
C ARG D 181 45.11 0.10 -24.27
N GLU D 182 45.03 0.40 -22.98
CA GLU D 182 46.04 1.21 -22.26
C GLU D 182 47.28 0.32 -22.11
N LYS D 183 48.43 0.80 -22.63
CA LYS D 183 49.65 0.00 -22.90
C LYS D 183 50.40 -0.27 -21.60
N GLY D 184 51.35 -1.21 -21.62
CA GLY D 184 52.19 -1.58 -20.47
C GLY D 184 51.78 -2.93 -19.90
N LEU D 185 52.50 -3.39 -18.88
CA LEU D 185 52.14 -4.58 -18.06
C LEU D 185 50.97 -4.20 -17.13
N GLN D 186 49.77 -4.76 -17.37
CA GLN D 186 48.52 -4.38 -16.66
C GLN D 186 48.31 -5.34 -15.50
N PRO D 187 48.37 -4.84 -14.24
CA PRO D 187 48.05 -5.67 -13.07
C PRO D 187 46.59 -6.13 -13.12
N PHE D 188 46.28 -7.17 -12.33
CA PHE D 188 44.88 -7.61 -12.08
C PHE D 188 44.22 -6.58 -11.16
N ASP D 189 42.96 -6.23 -11.45
CA ASP D 189 42.14 -5.27 -10.66
C ASP D 189 41.00 -6.04 -9.98
N MET D 190 41.12 -6.24 -8.67
CA MET D 190 40.14 -6.96 -7.81
C MET D 190 38.81 -6.20 -7.78
N GLU D 191 38.85 -4.86 -7.74
CA GLU D 191 37.65 -3.99 -7.59
C GLU D 191 36.75 -4.18 -8.81
N LYS D 192 37.32 -4.16 -10.01
CA LYS D 192 36.59 -4.31 -11.31
C LYS D 192 36.04 -5.73 -11.43
N ALA D 193 36.78 -6.71 -10.93
CA ALA D 193 36.39 -8.13 -10.98
C ALA D 193 35.13 -8.32 -10.13
N ILE D 194 35.11 -7.80 -8.90
CA ILE D 194 33.97 -7.95 -7.95
C ILE D 194 32.75 -7.25 -8.54
N ASP D 195 32.97 -6.10 -9.20
CA ASP D 195 31.91 -5.28 -9.84
C ASP D 195 31.43 -5.91 -11.16
N GLU D 196 32.13 -6.91 -11.70
CA GLU D 196 31.77 -7.55 -12.99
C GLU D 196 31.78 -6.48 -14.09
N ARG D 197 32.78 -5.60 -14.06
CA ARG D 197 33.07 -4.56 -15.10
C ARG D 197 34.41 -4.92 -15.74
N PRO D 198 34.47 -5.88 -16.68
CA PRO D 198 35.74 -6.25 -17.31
C PRO D 198 36.24 -5.19 -18.30
N SER D 199 37.55 -5.02 -18.37
CA SER D 199 38.22 -4.16 -19.39
C SER D 199 38.31 -4.91 -20.73
N TYR D 200 38.38 -6.25 -20.73
CA TYR D 200 38.47 -7.10 -21.95
C TYR D 200 37.55 -8.31 -21.81
N VAL D 201 36.90 -8.70 -22.91
CA VAL D 201 36.19 -10.01 -23.06
C VAL D 201 36.82 -10.68 -24.28
N LEU D 202 37.33 -11.90 -24.14
CA LEU D 202 38.24 -12.50 -25.14
C LEU D 202 37.91 -13.98 -25.38
N PHE D 203 38.14 -14.45 -26.60
CA PHE D 203 38.30 -15.88 -26.93
C PHE D 203 39.79 -16.20 -26.89
N ASN D 204 40.16 -17.21 -26.10
CA ASN D 204 41.53 -17.81 -26.04
C ASN D 204 42.55 -16.74 -25.63
N GLY D 205 42.22 -15.93 -24.62
CA GLY D 205 43.16 -15.23 -23.72
C GLY D 205 43.84 -14.01 -24.31
N ALA D 206 43.45 -13.54 -25.50
CA ALA D 206 44.09 -12.38 -26.17
C ALA D 206 43.22 -11.82 -27.30
N GLU D 207 43.26 -10.50 -27.47
CA GLU D 207 42.73 -9.84 -28.69
C GLU D 207 43.49 -10.40 -29.87
N GLY D 208 42.79 -10.85 -30.90
CA GLY D 208 43.41 -11.38 -32.13
C GLY D 208 43.99 -12.76 -31.93
N ALA D 209 43.71 -13.43 -30.81
CA ALA D 209 44.19 -14.81 -30.57
C ALA D 209 43.74 -15.74 -31.70
N LEU D 210 42.58 -15.51 -32.31
CA LEU D 210 42.04 -16.35 -33.42
C LEU D 210 41.69 -15.47 -34.64
N THR D 211 42.59 -14.54 -35.01
CA THR D 211 42.48 -13.71 -36.23
C THR D 211 43.73 -13.94 -37.09
N GLY D 212 43.74 -13.46 -38.35
CA GLY D 212 44.89 -13.55 -39.27
C GLY D 212 45.28 -15.00 -39.52
N ASP D 213 46.54 -15.35 -39.30
CA ASP D 213 47.07 -16.73 -39.50
C ASP D 213 46.55 -17.64 -38.38
N LYS D 214 46.14 -17.07 -37.24
CA LYS D 214 45.64 -17.85 -36.06
C LYS D 214 44.13 -18.14 -36.23
N ALA D 215 43.51 -17.73 -37.34
CA ALA D 215 42.08 -17.94 -37.63
C ALA D 215 41.77 -19.45 -37.73
N LEU D 216 40.58 -19.86 -37.28
CA LEU D 216 40.02 -21.22 -37.53
C LEU D 216 39.77 -21.38 -39.04
N HIS D 217 39.88 -22.61 -39.54
CA HIS D 217 39.85 -22.94 -40.99
C HIS D 217 38.92 -24.15 -41.20
N ALA D 218 38.29 -24.18 -42.38
CA ALA D 218 37.42 -25.27 -42.88
C ALA D 218 37.11 -24.97 -44.36
N LYS D 219 36.62 -25.97 -45.09
CA LYS D 219 36.30 -25.82 -46.54
C LYS D 219 34.79 -26.01 -46.73
N VAL D 220 34.24 -25.38 -47.77
CA VAL D 220 32.82 -25.53 -48.20
C VAL D 220 32.50 -27.03 -48.23
N GLY D 221 31.44 -27.45 -47.52
CA GLY D 221 30.92 -28.83 -47.53
C GLY D 221 31.38 -29.63 -46.32
N GLU D 222 32.31 -29.09 -45.52
CA GLU D 222 32.86 -29.74 -44.30
C GLU D 222 32.03 -29.37 -43.06
N THR D 223 31.81 -30.36 -42.18
CA THR D 223 31.07 -30.22 -40.91
C THR D 223 32.02 -29.72 -39.83
N VAL D 224 31.64 -28.63 -39.15
CA VAL D 224 32.44 -28.01 -38.05
C VAL D 224 31.72 -28.24 -36.71
N ARG D 225 32.42 -28.80 -35.75
CA ARG D 225 32.00 -28.83 -34.33
C ARG D 225 32.92 -27.93 -33.50
N ILE D 226 32.34 -27.04 -32.70
CA ILE D 226 33.13 -26.20 -31.76
C ILE D 226 32.68 -26.52 -30.33
N PHE D 227 33.68 -26.84 -29.49
CA PHE D 227 33.51 -26.96 -28.03
C PHE D 227 33.72 -25.57 -27.45
N VAL D 228 32.65 -24.91 -27.05
CA VAL D 228 32.68 -23.47 -26.65
C VAL D 228 32.59 -23.41 -25.13
N GLY D 229 33.72 -23.18 -24.46
CA GLY D 229 33.79 -22.98 -23.02
C GLY D 229 33.54 -21.53 -22.66
N ASN D 230 33.04 -21.26 -21.46
CA ASN D 230 33.04 -19.91 -20.85
C ASN D 230 33.70 -20.00 -19.48
N GLY D 231 34.95 -19.54 -19.34
CA GLY D 231 35.69 -19.59 -18.07
C GLY D 231 35.15 -18.58 -17.07
N GLY D 232 34.35 -17.62 -17.53
CA GLY D 232 34.03 -16.40 -16.79
C GLY D 232 35.30 -15.60 -16.53
N PRO D 233 35.56 -15.14 -15.29
CA PRO D 233 34.82 -15.59 -14.10
C PRO D 233 33.33 -15.21 -14.01
N ASN D 234 32.86 -14.13 -14.65
CA ASN D 234 31.59 -13.43 -14.29
C ASN D 234 30.54 -13.39 -15.42
N LEU D 235 30.98 -13.20 -16.66
CA LEU D 235 30.09 -12.93 -17.81
C LEU D 235 29.44 -14.23 -18.31
N VAL D 236 28.25 -14.08 -18.87
CA VAL D 236 27.51 -15.13 -19.61
C VAL D 236 27.55 -14.72 -21.08
N SER D 237 27.98 -15.63 -21.96
CA SER D 237 28.18 -15.35 -23.41
C SER D 237 26.87 -15.56 -24.17
N SER D 238 26.41 -14.54 -24.91
CA SER D 238 25.37 -14.68 -25.97
C SER D 238 26.08 -15.07 -27.25
N PHE D 239 26.47 -16.34 -27.35
CA PHE D 239 27.47 -16.83 -28.34
C PHE D 239 26.80 -17.00 -29.70
N HIS D 240 27.39 -16.37 -30.71
CA HIS D 240 26.88 -16.31 -32.10
C HIS D 240 28.05 -16.41 -33.08
N VAL D 241 27.83 -17.04 -34.23
CA VAL D 241 28.77 -17.00 -35.37
C VAL D 241 28.14 -16.13 -36.47
N ILE D 242 28.65 -14.92 -36.63
CA ILE D 242 28.19 -13.96 -37.68
C ILE D 242 28.30 -14.69 -39.02
N GLY D 243 27.17 -14.84 -39.70
CA GLY D 243 27.08 -15.51 -41.01
C GLY D 243 26.73 -16.99 -40.93
N ALA D 244 26.65 -17.57 -39.73
CA ALA D 244 26.35 -19.01 -39.54
C ALA D 244 25.10 -19.19 -38.67
N ILE D 245 24.51 -20.36 -38.78
CA ILE D 245 23.34 -20.83 -37.99
C ILE D 245 23.75 -22.17 -37.40
N PHE D 246 23.60 -22.33 -36.08
CA PHE D 246 23.88 -23.62 -35.41
C PHE D 246 22.80 -24.62 -35.83
N ASP D 247 23.18 -25.66 -36.57
CA ASP D 247 22.24 -26.75 -36.97
C ASP D 247 21.84 -27.47 -35.69
N GLN D 248 22.82 -27.71 -34.81
CA GLN D 248 22.57 -28.26 -33.45
C GLN D 248 23.39 -27.49 -32.43
N VAL D 249 22.79 -27.22 -31.27
CA VAL D 249 23.49 -26.80 -30.02
C VAL D 249 23.24 -27.90 -28.98
N ARG D 250 24.29 -28.43 -28.36
CA ARG D 250 24.20 -29.09 -27.03
C ARG D 250 24.07 -27.98 -25.98
N TYR D 251 22.83 -27.55 -25.66
CA TYR D 251 22.57 -26.32 -24.87
C TYR D 251 22.97 -26.62 -23.43
N GLU D 252 23.82 -25.74 -22.88
CA GLU D 252 24.44 -25.84 -21.53
C GLU D 252 25.39 -27.05 -21.45
N GLY D 253 25.73 -27.65 -22.61
CA GLY D 253 26.76 -28.71 -22.74
C GLY D 253 26.18 -30.10 -22.54
N GLY D 254 24.86 -30.19 -22.44
CA GLY D 254 24.16 -31.44 -22.06
C GLY D 254 24.03 -32.37 -23.25
N THR D 255 23.41 -33.55 -23.07
CA THR D 255 23.29 -34.63 -24.10
C THR D 255 22.24 -34.25 -25.15
N ASN D 256 21.10 -33.67 -24.74
CA ASN D 256 19.98 -33.33 -25.65
C ASN D 256 20.37 -32.08 -26.44
N VAL D 257 19.73 -31.92 -27.59
CA VAL D 257 20.11 -30.96 -28.67
C VAL D 257 18.93 -30.02 -28.93
N GLN D 258 19.20 -28.72 -29.10
CA GLN D 258 18.28 -27.76 -29.76
C GLN D 258 18.78 -27.60 -31.20
N LYS D 259 17.87 -27.43 -32.17
CA LYS D 259 18.17 -27.29 -33.62
C LYS D 259 17.90 -25.85 -34.09
N ASN D 260 18.69 -25.38 -35.05
CA ASN D 260 18.44 -24.11 -35.78
C ASN D 260 18.44 -22.94 -34.79
N VAL D 261 19.57 -22.71 -34.13
CA VAL D 261 19.76 -21.63 -33.13
C VAL D 261 20.77 -20.62 -33.71
N GLN D 262 20.47 -19.34 -33.57
CA GLN D 262 21.34 -18.23 -34.02
C GLN D 262 22.35 -17.88 -32.92
N THR D 263 21.91 -17.88 -31.67
CA THR D 263 22.65 -17.36 -30.49
C THR D 263 22.27 -18.21 -29.27
N THR D 264 23.27 -18.81 -28.60
CA THR D 264 23.03 -19.68 -27.42
C THR D 264 23.79 -19.13 -26.22
N LEU D 265 23.16 -19.12 -25.05
CA LEU D 265 23.75 -18.62 -23.80
C LEU D 265 24.68 -19.68 -23.20
N ILE D 266 25.92 -19.31 -22.92
CA ILE D 266 26.93 -20.18 -22.28
C ILE D 266 27.15 -19.67 -20.87
N PRO D 267 26.71 -20.43 -19.84
CA PRO D 267 26.84 -19.98 -18.47
C PRO D 267 28.32 -19.74 -18.11
N ALA D 268 28.55 -18.85 -17.16
CA ALA D 268 29.88 -18.67 -16.54
C ALA D 268 30.21 -19.96 -15.80
N GLY D 269 31.39 -20.54 -16.01
CA GLY D 269 31.74 -21.89 -15.56
C GLY D 269 30.89 -22.94 -16.23
N GLY D 270 30.54 -22.70 -17.50
CA GLY D 270 29.68 -23.55 -18.33
C GLY D 270 30.31 -23.72 -19.69
N ALA D 271 29.71 -24.53 -20.54
CA ALA D 271 30.15 -24.78 -21.93
C ALA D 271 28.92 -25.13 -22.78
N ALA D 272 29.06 -25.05 -24.09
CA ALA D 272 28.09 -25.61 -25.05
C ALA D 272 28.87 -26.29 -26.16
N VAL D 273 28.13 -27.01 -27.00
CA VAL D 273 28.69 -27.53 -28.27
C VAL D 273 27.79 -27.06 -29.40
N VAL D 274 28.39 -26.51 -30.45
CA VAL D 274 27.67 -26.11 -31.68
C VAL D 274 28.23 -26.94 -32.85
N LYS D 275 27.35 -27.23 -33.80
CA LYS D 275 27.66 -28.00 -35.03
C LYS D 275 26.96 -27.29 -36.19
N PHE D 276 27.69 -27.02 -37.25
CA PHE D 276 27.13 -26.46 -38.51
C PHE D 276 28.01 -26.90 -39.67
N THR D 277 27.43 -27.01 -40.87
CA THR D 277 28.13 -27.35 -42.14
C THR D 277 28.48 -26.04 -42.85
N ALA D 278 29.73 -25.90 -43.27
CA ALA D 278 30.27 -24.79 -44.11
C ALA D 278 29.59 -24.87 -45.47
N ARG D 279 29.00 -23.76 -45.95
CA ARG D 279 28.22 -23.73 -47.21
C ARG D 279 28.70 -22.60 -48.14
N VAL D 280 29.32 -21.56 -47.60
CA VAL D 280 29.72 -20.33 -48.37
C VAL D 280 31.08 -19.87 -47.87
N PRO D 281 32.01 -19.50 -48.78
CA PRO D 281 33.33 -19.02 -48.37
C PRO D 281 33.29 -17.57 -47.86
N GLY D 282 34.34 -17.17 -47.14
CA GLY D 282 34.50 -15.83 -46.53
C GLY D 282 34.78 -15.93 -45.04
N SER D 283 34.86 -14.79 -44.36
CA SER D 283 35.16 -14.70 -42.90
C SER D 283 33.86 -14.77 -42.10
N TYR D 284 33.82 -15.70 -41.14
CA TYR D 284 32.74 -15.87 -40.14
C TYR D 284 33.30 -15.52 -38.76
N VAL D 285 32.55 -14.76 -37.95
CA VAL D 285 33.06 -14.14 -36.70
C VAL D 285 32.30 -14.75 -35.51
N LEU D 286 33.03 -15.48 -34.66
CA LEU D 286 32.59 -15.87 -33.30
C LEU D 286 32.56 -14.60 -32.46
N VAL D 287 31.43 -14.32 -31.81
CA VAL D 287 31.23 -13.11 -30.97
C VAL D 287 30.46 -13.50 -29.71
N ASP D 288 30.62 -12.73 -28.64
CA ASP D 288 29.58 -12.56 -27.59
C ASP D 288 28.60 -11.51 -28.11
N HIS D 289 27.37 -11.89 -28.39
CA HIS D 289 26.36 -10.99 -29.02
C HIS D 289 25.79 -9.97 -28.02
N SER D 290 26.22 -9.95 -26.76
CA SER D 290 26.27 -8.70 -25.96
C SER D 290 27.34 -7.82 -26.63
N ILE D 291 26.91 -7.13 -27.67
CA ILE D 291 27.73 -6.85 -28.89
C ILE D 291 28.83 -5.83 -28.59
N PHE D 292 28.72 -5.03 -27.53
CA PHE D 292 29.79 -4.06 -27.17
C PHE D 292 31.00 -4.85 -26.67
N ARG D 293 30.79 -6.10 -26.24
CA ARG D 293 31.92 -6.99 -25.83
C ARG D 293 32.73 -7.38 -27.06
N ALA D 294 32.04 -7.68 -28.17
CA ALA D 294 32.64 -8.13 -29.44
C ALA D 294 33.36 -6.95 -30.11
N PHE D 295 32.75 -5.75 -30.09
CA PHE D 295 33.18 -4.63 -30.96
C PHE D 295 33.93 -3.54 -30.17
N ASN D 296 34.01 -3.65 -28.84
CA ASN D 296 34.70 -2.62 -28.02
C ASN D 296 35.57 -3.25 -26.92
N LYS D 297 35.54 -4.58 -26.73
CA LYS D 297 36.30 -5.24 -25.62
C LYS D 297 37.10 -6.47 -26.10
N GLY D 298 37.00 -6.82 -27.38
CA GLY D 298 37.86 -7.82 -28.03
C GLY D 298 37.25 -9.22 -28.20
N ALA D 299 35.94 -9.38 -28.01
CA ALA D 299 35.28 -10.70 -28.06
C ALA D 299 34.94 -11.09 -29.51
N MET D 300 35.96 -11.28 -30.34
CA MET D 300 35.80 -11.89 -31.69
C MET D 300 36.97 -12.81 -32.00
N ALA D 301 36.62 -13.98 -32.51
CA ALA D 301 37.51 -14.97 -33.16
C ALA D 301 36.99 -15.17 -34.57
N ILE D 302 37.85 -15.63 -35.48
CA ILE D 302 37.51 -15.72 -36.92
C ILE D 302 37.60 -17.18 -37.36
N LEU D 303 36.62 -17.61 -38.15
CA LEU D 303 36.66 -18.85 -38.95
C LEU D 303 36.63 -18.45 -40.42
N LYS D 304 37.72 -18.72 -41.16
CA LYS D 304 37.83 -18.54 -42.64
C LYS D 304 37.41 -19.85 -43.33
N ILE D 305 36.39 -19.78 -44.18
CA ILE D 305 35.88 -20.91 -45.02
C ILE D 305 36.35 -20.68 -46.45
N ASP D 306 37.07 -21.65 -47.06
CA ASP D 306 37.44 -21.57 -48.50
C ASP D 306 36.69 -22.65 -49.28
N GLY D 307 36.50 -22.40 -50.57
CA GLY D 307 35.76 -23.29 -51.49
C GLY D 307 35.12 -22.50 -52.62
N ALA D 308 34.45 -23.22 -53.53
CA ALA D 308 33.69 -22.62 -54.65
C ALA D 308 32.62 -21.69 -54.06
N GLU D 309 32.48 -20.49 -54.62
CA GLU D 309 31.30 -19.63 -54.33
C GLU D 309 30.04 -20.39 -54.73
N ASN D 310 28.93 -20.11 -54.06
CA ASN D 310 27.59 -20.69 -54.37
C ASN D 310 26.58 -19.55 -54.46
N LYS D 311 26.47 -18.95 -55.64
CA LYS D 311 25.67 -17.72 -55.88
C LYS D 311 24.19 -17.98 -55.52
N LEU D 312 23.70 -19.22 -55.63
CA LEU D 312 22.28 -19.58 -55.35
C LEU D 312 21.98 -19.42 -53.86
N VAL D 313 22.98 -19.62 -52.98
CA VAL D 313 22.87 -19.57 -51.49
C VAL D 313 23.20 -18.16 -51.00
N TYR D 314 24.21 -17.53 -51.59
CA TYR D 314 24.74 -16.20 -51.20
C TYR D 314 25.42 -15.55 -52.41
N SER D 315 24.83 -14.48 -52.93
CA SER D 315 25.19 -13.85 -54.23
C SER D 315 26.37 -12.91 -54.06
N GLY D 316 26.47 -12.24 -52.91
CA GLY D 316 27.28 -11.03 -52.73
C GLY D 316 26.51 -9.83 -53.27
N LYS D 317 27.07 -8.62 -53.17
CA LYS D 317 26.39 -7.41 -53.68
C LYS D 317 26.18 -7.56 -55.19
N GLU D 318 24.92 -7.55 -55.63
CA GLU D 318 24.51 -7.78 -57.04
C GLU D 318 24.41 -6.43 -57.76
N LEU D 319 23.84 -5.40 -57.11
CA LEU D 319 23.56 -4.09 -57.72
C LEU D 319 23.60 -3.00 -56.63
N ASP D 320 24.22 -1.86 -56.95
CA ASP D 320 24.05 -0.55 -56.26
C ASP D 320 23.23 0.35 -57.19
N SER D 321 22.17 1.01 -56.69
CA SER D 321 21.36 2.00 -57.44
C SER D 321 21.26 3.31 -56.64
N VAL D 322 20.86 4.40 -57.31
CA VAL D 322 20.45 5.67 -56.65
C VAL D 322 19.00 5.50 -56.19
N TYR D 323 18.63 6.03 -55.01
CA TYR D 323 17.30 5.86 -54.36
C TYR D 323 16.78 7.19 -53.82
N LEU D 324 15.57 7.61 -54.22
CA LEU D 324 14.96 8.91 -53.81
C LEU D 324 13.47 8.71 -53.48
N LEU E 5 -8.51 -28.24 -22.62
CA LEU E 5 -7.28 -27.62 -22.03
C LEU E 5 -6.60 -28.60 -21.09
N PRO E 6 -5.26 -28.79 -21.15
CA PRO E 6 -4.57 -29.57 -20.13
C PRO E 6 -4.66 -28.84 -18.78
N GLY E 7 -4.75 -29.62 -17.68
CA GLY E 7 -4.60 -29.11 -16.31
C GLY E 7 -5.93 -28.94 -15.59
N ASP E 8 -7.05 -29.00 -16.32
CA ASP E 8 -8.42 -28.90 -15.75
C ASP E 8 -8.96 -30.32 -15.58
N PHE E 9 -9.15 -30.74 -14.33
CA PHE E 9 -9.83 -32.01 -13.96
C PHE E 9 -11.11 -31.66 -13.18
N GLY E 10 -11.65 -30.47 -13.40
CA GLY E 10 -12.98 -30.07 -12.90
C GLY E 10 -12.93 -29.53 -11.48
N PRO E 11 -14.10 -29.27 -10.86
CA PRO E 11 -14.15 -28.70 -9.52
C PRO E 11 -13.57 -29.61 -8.44
N PRO E 12 -13.19 -29.04 -7.27
CA PRO E 12 -12.62 -29.82 -6.17
C PRO E 12 -13.53 -30.93 -5.63
N ARG E 13 -12.95 -32.05 -5.24
CA ARG E 13 -13.69 -33.21 -4.70
C ARG E 13 -13.23 -33.49 -3.27
N GLY E 14 -14.08 -34.16 -2.49
CA GLY E 14 -13.79 -34.60 -1.12
C GLY E 14 -13.83 -33.42 -0.19
N GLU E 15 -13.09 -33.49 0.93
CA GLU E 15 -13.02 -32.39 1.94
C GLU E 15 -11.91 -31.44 1.54
N PRO E 16 -11.95 -30.17 2.02
CA PRO E 16 -10.84 -29.25 1.84
C PRO E 16 -9.54 -29.79 2.46
N ILE E 17 -8.43 -29.40 1.86
CA ILE E 17 -7.05 -29.67 2.35
C ILE E 17 -6.51 -28.36 2.92
N HIS E 18 -6.16 -28.36 4.21
CA HIS E 18 -5.42 -27.26 4.86
C HIS E 18 -3.92 -27.49 4.59
N ALA E 19 -3.41 -26.84 3.55
CA ALA E 19 -2.03 -27.01 3.04
C ALA E 19 -1.07 -26.82 4.21
N VAL E 20 -0.07 -27.71 4.32
CA VAL E 20 1.10 -27.55 5.23
C VAL E 20 2.23 -26.94 4.37
N LEU E 21 2.67 -25.74 4.72
CA LEU E 21 3.80 -25.04 4.07
C LEU E 21 5.03 -25.26 4.97
N THR E 22 6.19 -25.45 4.36
CA THR E 22 7.47 -25.74 5.06
C THR E 22 8.39 -24.53 4.93
N SER E 23 9.15 -24.23 5.98
CA SER E 23 10.26 -23.25 5.92
C SER E 23 11.40 -23.85 5.10
N PRO E 24 12.15 -23.01 4.35
CA PRO E 24 13.33 -23.47 3.64
C PRO E 24 14.35 -23.92 4.67
N PRO E 25 15.21 -24.91 4.34
CA PRO E 25 15.27 -25.49 3.00
C PRO E 25 14.42 -26.75 2.76
N LEU E 26 13.37 -26.98 3.55
CA LEU E 26 12.54 -28.20 3.46
C LEU E 26 11.33 -27.97 2.55
N VAL E 27 10.68 -29.07 2.15
CA VAL E 27 9.50 -29.04 1.25
C VAL E 27 8.44 -29.96 1.84
N PRO E 28 7.14 -29.69 1.59
CA PRO E 28 6.08 -30.59 2.01
C PRO E 28 6.28 -31.92 1.30
N PRO E 29 5.69 -33.01 1.83
CA PRO E 29 5.82 -34.32 1.18
C PRO E 29 5.11 -34.41 -0.17
N PRO E 30 5.53 -35.33 -1.07
CA PRO E 30 4.86 -35.54 -2.35
C PRO E 30 3.36 -35.78 -2.16
N VAL E 31 2.49 -35.32 -3.05
CA VAL E 31 1.03 -35.24 -2.72
C VAL E 31 0.35 -36.62 -2.83
N ASN E 32 0.67 -37.42 -3.85
CA ASN E 32 0.05 -38.77 -4.03
C ASN E 32 -1.49 -38.73 -3.92
N ARG E 33 -2.19 -38.22 -4.93
CA ARG E 33 -3.68 -38.17 -4.88
C ARG E 33 -4.23 -38.14 -6.31
N THR E 34 -5.42 -38.74 -6.53
CA THR E 34 -5.99 -39.05 -7.86
C THR E 34 -7.14 -38.09 -8.23
N TYR E 35 -7.44 -37.10 -7.40
CA TYR E 35 -8.56 -36.16 -7.63
C TYR E 35 -8.14 -34.72 -7.36
N PRO E 36 -8.72 -33.72 -8.05
CA PRO E 36 -8.46 -32.32 -7.73
C PRO E 36 -9.08 -31.99 -6.37
N ALA E 37 -8.33 -31.31 -5.51
CA ALA E 37 -8.78 -30.91 -4.15
C ALA E 37 -9.03 -29.41 -4.12
N LYS E 38 -9.82 -28.96 -3.15
CA LYS E 38 -9.77 -27.56 -2.68
C LYS E 38 -8.64 -27.47 -1.65
N VAL E 39 -7.59 -26.71 -1.97
CA VAL E 39 -6.39 -26.52 -1.10
C VAL E 39 -6.42 -25.09 -0.54
N ILE E 40 -6.69 -24.98 0.75
CA ILE E 40 -6.68 -23.70 1.52
C ILE E 40 -5.25 -23.45 1.97
N VAL E 41 -4.67 -22.36 1.49
CA VAL E 41 -3.27 -21.92 1.76
C VAL E 41 -3.35 -20.62 2.57
N GLU E 42 -2.79 -20.66 3.78
CA GLU E 42 -2.69 -19.48 4.68
C GLU E 42 -1.21 -19.10 4.73
N LEU E 43 -0.91 -17.85 4.41
CA LEU E 43 0.46 -17.29 4.31
C LEU E 43 0.47 -15.90 4.93
N GLU E 44 1.29 -15.73 5.97
CA GLU E 44 1.38 -14.48 6.77
C GLU E 44 2.63 -13.73 6.31
N VAL E 45 2.49 -12.44 5.97
CA VAL E 45 3.64 -11.54 5.68
C VAL E 45 4.16 -10.99 7.01
N VAL E 46 5.46 -11.09 7.25
CA VAL E 46 6.11 -10.50 8.45
C VAL E 46 7.31 -9.65 8.01
N GLU E 47 7.33 -8.38 8.40
CA GLU E 47 8.51 -7.50 8.27
C GLU E 47 9.32 -7.66 9.56
N LYS E 48 10.62 -7.96 9.42
CA LYS E 48 11.47 -8.20 10.60
C LYS E 48 12.95 -8.08 10.21
N GLU E 49 13.73 -7.59 11.15
CA GLU E 49 15.21 -7.46 11.10
C GLU E 49 15.81 -8.85 11.36
N MET E 50 16.72 -9.31 10.49
CA MET E 50 17.44 -10.60 10.60
C MET E 50 18.91 -10.36 10.29
N GLN E 51 19.82 -11.28 10.65
CA GLN E 51 21.26 -11.14 10.30
C GLN E 51 21.38 -11.50 8.82
N ILE E 52 22.07 -10.65 8.05
CA ILE E 52 22.34 -10.90 6.60
C ILE E 52 23.78 -11.42 6.47
N SER E 53 24.63 -11.13 7.45
CA SER E 53 26.05 -11.55 7.53
C SER E 53 26.46 -11.45 9.00
N GLU E 54 27.65 -11.91 9.37
CA GLU E 54 28.15 -11.78 10.77
C GLU E 54 28.25 -10.28 11.10
N GLY E 55 27.47 -9.85 12.10
CA GLY E 55 27.45 -8.47 12.62
C GLY E 55 26.64 -7.53 11.75
N VAL E 56 25.92 -8.04 10.74
CA VAL E 56 25.18 -7.21 9.74
C VAL E 56 23.70 -7.60 9.75
N SER E 57 22.85 -6.64 10.03
CA SER E 57 21.38 -6.85 10.05
C SER E 57 20.78 -6.09 8.87
N TYR E 58 19.64 -6.59 8.41
CA TYR E 58 18.84 -6.05 7.29
C TYR E 58 17.37 -6.20 7.68
N THR E 59 16.53 -5.22 7.30
CA THR E 59 15.06 -5.32 7.50
C THR E 59 14.48 -6.10 6.33
N PHE E 60 14.26 -7.39 6.54
CA PHE E 60 13.65 -8.31 5.55
C PHE E 60 12.12 -8.18 5.59
N TRP E 61 11.50 -8.30 4.41
CA TRP E 61 10.04 -8.48 4.23
C TRP E 61 9.82 -9.91 3.72
N THR E 62 9.03 -10.70 4.46
CA THR E 62 9.00 -12.18 4.33
C THR E 62 7.57 -12.67 4.14
N PHE E 63 7.44 -13.79 3.43
CA PHE E 63 6.23 -14.64 3.42
C PHE E 63 6.51 -15.80 4.37
N GLY E 64 5.97 -15.75 5.59
CA GLY E 64 6.07 -16.83 6.58
C GLY E 64 7.29 -16.69 7.47
N GLY E 65 7.96 -15.54 7.48
CA GLY E 65 9.05 -15.23 8.43
C GLY E 65 10.43 -15.68 7.97
N THR E 66 10.56 -16.14 6.73
CA THR E 66 11.81 -16.70 6.18
C THR E 66 12.07 -16.08 4.81
N VAL E 67 13.31 -16.16 4.35
CA VAL E 67 13.72 -15.86 2.95
C VAL E 67 14.46 -17.08 2.43
N PRO E 68 13.97 -17.79 1.38
CA PRO E 68 12.72 -17.44 0.70
C PRO E 68 11.50 -17.76 1.57
N GLY E 69 10.31 -17.44 1.08
CA GLY E 69 9.03 -17.67 1.79
C GLY E 69 8.71 -19.14 1.94
N SER E 70 7.66 -19.46 2.68
CA SER E 70 7.19 -20.85 2.89
C SER E 70 6.94 -21.51 1.52
N PHE E 71 7.29 -22.78 1.40
CA PHE E 71 7.15 -23.58 0.17
C PHE E 71 5.70 -24.07 0.11
N ILE E 72 5.07 -23.97 -1.05
CA ILE E 72 3.66 -24.39 -1.26
C ILE E 72 3.68 -25.56 -2.24
N ARG E 73 3.01 -26.65 -1.90
CA ARG E 73 2.99 -27.85 -2.78
C ARG E 73 1.55 -28.26 -3.06
N VAL E 74 1.17 -28.18 -4.32
CA VAL E 74 -0.18 -28.60 -4.77
C VAL E 74 -0.04 -29.53 -5.98
N ARG E 75 -1.18 -30.04 -6.44
CA ARG E 75 -1.35 -30.90 -7.64
C ARG E 75 -1.98 -30.07 -8.75
N GLN E 76 -1.49 -30.19 -9.99
CA GLN E 76 -2.09 -29.56 -11.19
C GLN E 76 -3.60 -29.88 -11.19
N GLY E 77 -4.45 -28.88 -11.43
CA GLY E 77 -5.92 -29.04 -11.41
C GLY E 77 -6.55 -28.61 -10.10
N ASP E 78 -5.76 -28.52 -9.03
CA ASP E 78 -6.24 -28.07 -7.69
C ASP E 78 -6.82 -26.65 -7.79
N THR E 79 -7.92 -26.42 -7.08
CA THR E 79 -8.50 -25.08 -6.78
C THR E 79 -7.84 -24.64 -5.49
N VAL E 80 -6.94 -23.65 -5.55
CA VAL E 80 -6.26 -23.10 -4.35
C VAL E 80 -7.05 -21.87 -3.89
N GLU E 81 -7.50 -21.90 -2.63
CA GLU E 81 -8.11 -20.73 -1.96
C GLU E 81 -7.02 -20.08 -1.13
N PHE E 82 -6.52 -18.94 -1.61
CA PHE E 82 -5.35 -18.24 -1.02
C PHE E 82 -5.81 -17.23 0.01
N HIS E 83 -5.19 -17.29 1.19
CA HIS E 83 -5.35 -16.31 2.30
C HIS E 83 -3.97 -15.69 2.56
N LEU E 84 -3.80 -14.44 2.12
CA LEU E 84 -2.58 -13.63 2.43
C LEU E 84 -2.89 -12.76 3.64
N LYS E 85 -2.20 -12.99 4.75
CA LYS E 85 -2.40 -12.24 6.02
C LYS E 85 -1.20 -11.29 6.20
N ASN E 86 -1.46 -9.98 6.30
CA ASN E 86 -0.40 -8.97 6.55
C ASN E 86 -0.40 -8.66 8.05
N HIS E 87 0.61 -9.16 8.77
CA HIS E 87 0.76 -8.91 10.23
C HIS E 87 0.61 -7.42 10.48
N PRO E 88 -0.18 -7.01 11.51
CA PRO E 88 -0.43 -5.59 11.77
C PRO E 88 0.81 -4.75 12.13
N SER E 89 1.96 -5.36 12.44
CA SER E 89 3.25 -4.66 12.69
C SER E 89 3.95 -4.26 11.39
N SER E 90 3.47 -4.72 10.23
CA SER E 90 4.04 -4.38 8.90
C SER E 90 3.89 -2.88 8.64
N LYS E 91 4.97 -2.20 8.24
CA LYS E 91 4.93 -0.78 7.78
C LYS E 91 4.15 -0.69 6.47
N MET E 92 4.31 -1.69 5.61
CA MET E 92 3.87 -1.63 4.19
C MET E 92 2.71 -2.57 3.96
N PRO E 93 1.83 -2.27 2.96
CA PRO E 93 0.89 -3.25 2.45
C PRO E 93 1.68 -4.18 1.54
N HIS E 94 1.16 -5.38 1.28
CA HIS E 94 1.79 -6.40 0.41
C HIS E 94 0.68 -7.13 -0.36
N ASN E 95 1.07 -7.79 -1.45
CA ASN E 95 0.20 -8.68 -2.25
C ASN E 95 1.05 -9.88 -2.69
N ILE E 96 0.55 -10.69 -3.60
CA ILE E 96 1.32 -11.87 -4.09
C ILE E 96 0.98 -12.11 -5.56
N ASP E 97 2.04 -12.26 -6.34
CA ASP E 97 2.04 -12.73 -7.75
C ASP E 97 2.65 -14.13 -7.70
N LEU E 98 1.85 -15.17 -7.94
CA LEU E 98 2.40 -16.54 -8.11
C LEU E 98 2.49 -16.81 -9.61
N HIS E 99 3.68 -17.16 -10.10
CA HIS E 99 3.95 -17.46 -11.53
C HIS E 99 3.14 -18.70 -12.00
N GLY E 100 2.58 -19.48 -11.06
CA GLY E 100 1.71 -20.63 -11.35
C GLY E 100 0.24 -20.23 -11.51
N VAL E 101 -0.13 -18.96 -11.28
CA VAL E 101 -1.54 -18.48 -11.36
C VAL E 101 -1.81 -18.03 -12.79
N THR E 102 -2.92 -18.46 -13.38
CA THR E 102 -3.43 -17.93 -14.67
C THR E 102 -4.41 -16.78 -14.37
N GLY E 103 -4.01 -15.54 -14.67
CA GLY E 103 -4.87 -14.36 -14.48
C GLY E 103 -4.11 -13.17 -13.92
N PRO E 104 -4.75 -11.97 -13.93
CA PRO E 104 -4.06 -10.69 -13.72
C PRO E 104 -3.14 -10.63 -12.49
N GLY E 105 -1.91 -10.17 -12.70
CA GLY E 105 -0.89 -9.99 -11.65
C GLY E 105 -0.41 -11.30 -11.07
N GLY E 106 -0.84 -12.43 -11.64
CA GLY E 106 -0.68 -13.77 -11.04
C GLY E 106 -1.30 -13.83 -9.64
N GLY E 107 -2.36 -13.05 -9.40
CA GLY E 107 -3.02 -12.92 -8.10
C GLY E 107 -2.82 -11.55 -7.46
N ALA E 108 -1.79 -10.80 -7.87
CA ALA E 108 -1.42 -9.49 -7.28
C ALA E 108 -2.64 -8.56 -7.21
N ALA E 109 -3.41 -8.48 -8.29
CA ALA E 109 -4.63 -7.66 -8.39
C ALA E 109 -5.61 -8.03 -7.28
N SER E 110 -5.68 -9.31 -6.89
CA SER E 110 -6.74 -9.85 -5.99
C SER E 110 -6.27 -9.97 -4.53
N SER E 111 -5.06 -9.56 -4.21
CA SER E 111 -4.43 -9.84 -2.88
C SER E 111 -3.75 -8.62 -2.25
N PHE E 112 -4.01 -7.40 -2.74
CA PHE E 112 -3.52 -6.15 -2.06
C PHE E 112 -4.02 -6.20 -0.61
N THR E 113 -3.10 -6.17 0.34
CA THR E 113 -3.40 -6.49 1.76
C THR E 113 -2.67 -5.50 2.66
N ALA E 114 -3.42 -4.60 3.29
CA ALA E 114 -2.91 -3.56 4.22
C ALA E 114 -2.44 -4.22 5.51
N PRO E 115 -1.59 -3.57 6.33
CA PRO E 115 -1.23 -4.13 7.64
C PRO E 115 -2.48 -4.40 8.50
N GLY E 116 -2.53 -5.56 9.14
CA GLY E 116 -3.68 -5.99 9.98
C GLY E 116 -4.89 -6.36 9.16
N HIS E 117 -4.70 -6.75 7.90
CA HIS E 117 -5.76 -7.28 7.01
C HIS E 117 -5.37 -8.65 6.46
N GLU E 118 -6.38 -9.35 5.94
CA GLU E 118 -6.26 -10.62 5.22
C GLU E 118 -7.02 -10.49 3.89
N SER E 119 -6.40 -10.95 2.81
CA SER E 119 -6.99 -11.06 1.46
C SER E 119 -7.18 -12.55 1.12
N GLN E 120 -8.34 -12.86 0.55
CA GLN E 120 -8.65 -14.21 0.02
C GLN E 120 -8.90 -14.03 -1.47
N PHE E 121 -8.31 -14.91 -2.26
CA PHE E 121 -8.64 -15.12 -3.68
C PHE E 121 -8.43 -16.60 -4.02
N THR E 122 -9.11 -17.05 -5.06
CA THR E 122 -9.15 -18.47 -5.49
C THR E 122 -8.65 -18.52 -6.94
N PHE E 123 -7.79 -19.49 -7.23
CA PHE E 123 -7.32 -19.76 -8.61
C PHE E 123 -7.23 -21.26 -8.80
N LYS E 124 -7.28 -21.70 -10.05
CA LYS E 124 -7.01 -23.11 -10.41
C LYS E 124 -5.58 -23.19 -10.93
N ALA E 125 -4.80 -24.11 -10.36
CA ALA E 125 -3.40 -24.35 -10.77
C ALA E 125 -3.41 -25.20 -12.04
N LEU E 126 -3.56 -24.55 -13.20
CA LEU E 126 -3.77 -25.23 -14.52
C LEU E 126 -2.47 -25.83 -15.03
N ASN E 127 -1.32 -25.32 -14.58
CA ASN E 127 -0.01 -25.64 -15.19
C ASN E 127 0.91 -26.29 -14.17
N GLU E 128 1.34 -27.51 -14.46
CA GLU E 128 2.36 -28.21 -13.66
C GLU E 128 3.65 -27.40 -13.79
N GLY E 129 4.45 -27.38 -12.74
CA GLY E 129 5.78 -26.76 -12.80
C GLY E 129 6.22 -26.26 -11.45
N ILE E 130 7.32 -25.51 -11.47
CA ILE E 130 7.96 -24.96 -10.26
C ILE E 130 8.00 -23.45 -10.43
N TYR E 131 7.15 -22.76 -9.67
CA TYR E 131 6.78 -21.35 -9.93
C TYR E 131 7.33 -20.48 -8.81
N VAL E 132 8.04 -19.42 -9.20
CA VAL E 132 8.41 -18.31 -8.27
C VAL E 132 7.12 -17.61 -7.84
N TYR E 133 6.98 -17.31 -6.56
CA TYR E 133 5.98 -16.32 -6.10
C TYR E 133 6.75 -15.16 -5.48
N HIS E 134 6.24 -13.94 -5.63
CA HIS E 134 6.84 -12.72 -5.02
C HIS E 134 5.77 -11.66 -4.76
N CYS E 135 6.10 -10.71 -3.89
CA CYS E 135 5.29 -9.49 -3.70
C CYS E 135 5.36 -8.67 -4.99
N ALA E 136 4.27 -7.99 -5.33
CA ALA E 136 4.17 -7.13 -6.53
C ALA E 136 3.61 -5.75 -6.14
N THR E 137 3.96 -5.27 -4.94
CA THR E 137 3.52 -3.97 -4.41
C THR E 137 4.54 -2.91 -4.86
N ALA E 138 4.09 -1.73 -5.24
CA ALA E 138 5.00 -0.62 -5.64
C ALA E 138 5.80 -0.18 -4.41
N PRO E 139 7.13 0.01 -4.53
CA PRO E 139 7.91 -0.34 -5.73
C PRO E 139 8.30 -1.83 -5.75
N VAL E 140 7.89 -2.54 -6.81
CA VAL E 140 7.91 -4.02 -6.92
C VAL E 140 9.35 -4.54 -6.67
N GLY E 141 10.35 -3.84 -7.22
CA GLY E 141 11.78 -4.18 -7.12
C GLY E 141 12.25 -4.14 -5.67
N MET E 142 11.80 -3.14 -4.91
CA MET E 142 12.17 -3.01 -3.46
C MET E 142 11.58 -4.19 -2.67
N HIS E 143 10.27 -4.44 -2.84
CA HIS E 143 9.53 -5.55 -2.17
C HIS E 143 10.28 -6.86 -2.42
N ILE E 144 10.70 -7.13 -3.66
CA ILE E 144 11.45 -8.36 -4.05
C ILE E 144 12.83 -8.29 -3.39
N ALA E 145 13.53 -7.16 -3.50
CA ALA E 145 14.89 -6.96 -2.97
C ALA E 145 14.93 -7.20 -1.46
N ASN E 146 13.81 -6.99 -0.74
CA ASN E 146 13.79 -7.10 0.75
C ASN E 146 13.44 -8.52 1.19
N GLY E 147 13.24 -9.46 0.25
CA GLY E 147 13.11 -10.91 0.54
C GLY E 147 11.77 -11.51 0.16
N MET E 148 10.88 -10.76 -0.51
CA MET E 148 9.47 -11.20 -0.69
C MET E 148 9.36 -12.12 -1.91
N TYR E 149 9.95 -13.31 -1.81
CA TYR E 149 9.88 -14.33 -2.87
C TYR E 149 9.99 -15.74 -2.30
N GLY E 150 9.48 -16.69 -3.06
CA GLY E 150 9.33 -18.09 -2.63
C GLY E 150 8.95 -18.95 -3.82
N LEU E 151 8.66 -20.23 -3.58
CA LEU E 151 8.30 -21.21 -4.64
C LEU E 151 6.96 -21.87 -4.32
N ILE E 152 6.16 -22.06 -5.35
CA ILE E 152 5.01 -22.99 -5.33
C ILE E 152 5.29 -24.07 -6.38
N LEU E 153 5.27 -25.33 -5.94
CA LEU E 153 5.38 -26.51 -6.80
C LEU E 153 3.97 -27.00 -7.14
N VAL E 154 3.68 -27.07 -8.43
CA VAL E 154 2.44 -27.70 -8.96
C VAL E 154 2.86 -29.03 -9.60
N GLU E 155 2.54 -30.13 -8.92
CA GLU E 155 2.87 -31.51 -9.37
C GLU E 155 1.99 -31.88 -10.57
N PRO E 156 2.53 -32.69 -11.51
CA PRO E 156 1.68 -33.37 -12.47
C PRO E 156 0.80 -34.35 -11.71
N PRO E 157 -0.32 -34.78 -12.33
CA PRO E 157 -1.30 -35.63 -11.65
C PRO E 157 -0.72 -36.91 -11.06
N GLU E 158 0.25 -37.49 -11.76
CA GLU E 158 0.92 -38.78 -11.45
C GLU E 158 2.03 -38.58 -10.41
N GLY E 159 2.41 -37.33 -10.10
CA GLY E 159 3.50 -37.01 -9.16
C GLY E 159 4.88 -36.96 -9.83
N LEU E 160 5.89 -36.55 -9.07
CA LEU E 160 7.32 -36.56 -9.46
C LEU E 160 7.92 -37.91 -9.11
N PRO E 161 8.86 -38.45 -9.92
CA PRO E 161 9.58 -39.66 -9.54
C PRO E 161 10.16 -39.57 -8.12
N LYS E 162 10.07 -40.65 -7.35
CA LYS E 162 10.60 -40.76 -5.96
C LYS E 162 12.10 -40.45 -5.96
N VAL E 163 12.52 -39.59 -5.03
CA VAL E 163 13.95 -39.35 -4.69
C VAL E 163 14.06 -39.50 -3.17
N ASP E 164 15.29 -39.54 -2.65
CA ASP E 164 15.56 -39.73 -1.20
C ASP E 164 15.49 -38.39 -0.46
N HIS E 165 15.84 -37.28 -1.10
CA HIS E 165 15.92 -35.94 -0.45
C HIS E 165 15.47 -34.87 -1.43
N GLU E 166 14.51 -34.05 -1.03
CA GLU E 166 14.10 -32.84 -1.78
C GLU E 166 14.52 -31.61 -0.99
N TYR E 167 15.13 -30.61 -1.63
CA TYR E 167 15.57 -29.37 -0.95
C TYR E 167 15.08 -28.12 -1.70
N TYR E 168 14.96 -27.04 -0.93
CA TYR E 168 14.36 -25.75 -1.34
C TYR E 168 15.44 -24.68 -1.13
N VAL E 169 15.98 -24.17 -2.23
CA VAL E 169 17.08 -23.17 -2.27
C VAL E 169 16.66 -22.05 -3.21
N MET E 170 16.85 -20.80 -2.83
CA MET E 170 16.44 -19.66 -3.68
C MET E 170 17.55 -18.62 -3.63
N GLN E 171 18.12 -18.31 -4.79
CA GLN E 171 19.13 -17.23 -4.91
C GLN E 171 18.40 -15.89 -4.85
N GLY E 172 19.07 -14.87 -4.31
CA GLY E 172 18.62 -13.48 -4.30
C GLY E 172 19.79 -12.54 -4.42
N ASP E 173 19.59 -11.37 -5.06
CA ASP E 173 20.57 -10.24 -5.00
C ASP E 173 20.00 -9.16 -4.08
N PHE E 174 20.89 -8.56 -3.29
CA PHE E 174 20.60 -7.69 -2.13
C PHE E 174 21.47 -6.44 -2.23
N TYR E 175 20.89 -5.33 -1.80
CA TYR E 175 21.32 -3.94 -2.09
C TYR E 175 21.31 -3.15 -0.79
N THR E 176 22.44 -3.10 -0.11
CA THR E 176 22.65 -2.33 1.14
C THR E 176 23.30 -0.98 0.81
N ALA E 177 23.06 0.05 1.62
CA ALA E 177 23.77 1.34 1.51
C ALA E 177 25.28 1.09 1.71
N GLY E 178 25.62 0.28 2.72
CA GLY E 178 27.00 -0.08 3.08
C GLY E 178 27.57 -1.08 2.10
N LYS E 179 28.88 -1.27 2.16
CA LYS E 179 29.60 -2.30 1.36
C LYS E 179 29.41 -3.68 2.03
N TYR E 180 29.74 -4.72 1.26
CA TYR E 180 29.86 -6.14 1.70
C TYR E 180 30.55 -6.17 3.06
N ARG E 181 29.83 -6.68 4.06
CA ARG E 181 30.30 -7.03 5.43
C ARG E 181 30.54 -5.79 6.28
N GLU E 182 30.09 -4.60 5.86
CA GLU E 182 30.03 -3.41 6.76
C GLU E 182 28.95 -3.66 7.82
N LYS E 183 29.35 -3.60 9.09
CA LYS E 183 28.55 -4.05 10.26
C LYS E 183 27.43 -3.04 10.54
N GLY E 184 26.35 -3.50 11.17
CA GLY E 184 25.20 -2.67 11.58
C GLY E 184 23.94 -3.01 10.81
N LEU E 185 22.86 -2.27 11.09
CA LEU E 185 21.56 -2.34 10.37
C LEU E 185 21.71 -1.60 9.03
N GLN E 186 21.76 -2.36 7.93
CA GLN E 186 21.94 -1.83 6.56
C GLN E 186 20.56 -1.52 5.96
N PRO E 187 20.28 -0.24 5.60
CA PRO E 187 19.10 0.08 4.80
C PRO E 187 19.19 -0.47 3.37
N PHE E 188 18.04 -0.66 2.73
CA PHE E 188 17.94 -0.86 1.26
C PHE E 188 18.46 0.40 0.54
N ASP E 189 19.14 0.19 -0.59
CA ASP E 189 19.76 1.23 -1.46
C ASP E 189 19.19 1.06 -2.87
N MET E 190 18.19 1.89 -3.20
CA MET E 190 17.48 1.90 -4.51
C MET E 190 18.47 2.18 -5.66
N GLU E 191 19.52 2.98 -5.43
CA GLU E 191 20.47 3.39 -6.50
C GLU E 191 21.25 2.16 -6.97
N LYS E 192 21.83 1.41 -6.03
CA LYS E 192 22.56 0.15 -6.32
C LYS E 192 21.60 -0.81 -7.02
N ALA E 193 20.32 -0.85 -6.61
CA ALA E 193 19.31 -1.81 -7.12
C ALA E 193 19.02 -1.53 -8.60
N ILE E 194 18.69 -0.28 -8.94
CA ILE E 194 18.42 0.18 -10.34
C ILE E 194 19.68 -0.09 -11.19
N ASP E 195 20.88 0.07 -10.63
CA ASP E 195 22.17 -0.17 -11.32
C ASP E 195 22.52 -1.67 -11.44
N GLU E 196 21.77 -2.56 -10.78
CA GLU E 196 22.05 -4.01 -10.79
C GLU E 196 23.46 -4.24 -10.26
N ARG E 197 23.84 -3.51 -9.21
CA ARG E 197 25.19 -3.59 -8.55
C ARG E 197 25.00 -3.98 -7.08
N PRO E 198 24.71 -5.28 -6.81
CA PRO E 198 24.40 -5.73 -5.47
C PRO E 198 25.63 -5.83 -4.58
N SER E 199 25.44 -5.53 -3.29
CA SER E 199 26.40 -5.71 -2.19
C SER E 199 26.45 -7.20 -1.77
N TYR E 200 25.31 -7.91 -1.80
CA TYR E 200 25.25 -9.36 -1.48
C TYR E 200 24.48 -10.11 -2.57
N VAL E 201 24.94 -11.32 -2.86
CA VAL E 201 24.23 -12.39 -3.62
C VAL E 201 24.24 -13.65 -2.74
N LEU E 202 23.07 -14.15 -2.39
CA LEU E 202 22.89 -15.13 -1.30
C LEU E 202 21.90 -16.21 -1.73
N PHE E 203 22.08 -17.40 -1.19
CA PHE E 203 21.04 -18.46 -1.13
C PHE E 203 20.35 -18.39 0.23
N ASN E 204 19.03 -18.24 0.23
CA ASN E 204 18.16 -18.31 1.44
C ASN E 204 18.49 -17.17 2.41
N GLY E 205 18.80 -15.98 1.88
CA GLY E 205 18.57 -14.68 2.53
C GLY E 205 19.65 -14.27 3.52
N ALA E 206 20.76 -15.00 3.60
CA ALA E 206 21.91 -14.65 4.48
C ALA E 206 23.17 -15.42 4.10
N GLU E 207 24.34 -14.84 4.33
CA GLU E 207 25.62 -15.59 4.25
C GLU E 207 25.51 -16.68 5.30
N GLY E 208 25.87 -17.91 4.96
CA GLY E 208 25.73 -19.03 5.93
C GLY E 208 24.28 -19.36 6.34
N ALA E 209 23.27 -18.95 5.58
CA ALA E 209 21.89 -19.48 5.75
C ALA E 209 21.94 -21.02 5.64
N LEU E 210 22.82 -21.54 4.78
CA LEU E 210 22.98 -23.00 4.51
C LEU E 210 24.45 -23.41 4.65
N THR E 211 25.15 -22.95 5.70
CA THR E 211 26.51 -23.42 6.07
C THR E 211 26.54 -23.74 7.58
N GLY E 212 27.65 -24.30 8.06
CA GLY E 212 27.82 -24.68 9.47
C GLY E 212 26.73 -25.65 9.91
N ASP E 213 26.10 -25.38 11.04
CA ASP E 213 24.97 -26.19 11.57
C ASP E 213 23.81 -26.27 10.57
N LYS E 214 23.66 -25.31 9.63
CA LYS E 214 22.46 -25.18 8.75
C LYS E 214 22.72 -25.71 7.32
N ALA E 215 23.88 -26.34 7.10
CA ALA E 215 24.19 -27.08 5.85
C ALA E 215 23.12 -28.13 5.55
N LEU E 216 22.90 -28.37 4.26
CA LEU E 216 22.06 -29.48 3.72
C LEU E 216 22.82 -30.79 3.94
N HIS E 217 22.09 -31.90 4.10
CA HIS E 217 22.66 -33.23 4.40
C HIS E 217 22.04 -34.26 3.46
N ALA E 218 22.83 -35.24 3.03
CA ALA E 218 22.40 -36.46 2.31
C ALA E 218 23.48 -37.52 2.57
N LYS E 219 23.22 -38.75 2.14
CA LYS E 219 24.12 -39.91 2.37
C LYS E 219 24.54 -40.47 1.00
N VAL E 220 25.71 -41.08 0.93
CA VAL E 220 26.24 -41.76 -0.28
C VAL E 220 25.15 -42.70 -0.78
N GLY E 221 24.84 -42.64 -2.08
CA GLY E 221 23.85 -43.49 -2.77
C GLY E 221 22.47 -42.85 -2.83
N GLU E 222 22.21 -41.81 -2.04
CA GLU E 222 20.89 -41.13 -2.02
C GLU E 222 20.79 -40.22 -3.25
N THR E 223 19.62 -40.24 -3.90
CA THR E 223 19.25 -39.27 -4.96
C THR E 223 18.75 -37.99 -4.29
N VAL E 224 19.24 -36.85 -4.73
CA VAL E 224 18.84 -35.51 -4.25
C VAL E 224 18.15 -34.80 -5.41
N ARG E 225 16.99 -34.19 -5.12
CA ARG E 225 16.29 -33.20 -5.97
C ARG E 225 16.30 -31.85 -5.25
N ILE E 226 16.79 -30.82 -5.92
CA ILE E 226 16.76 -29.44 -5.42
C ILE E 226 15.84 -28.61 -6.33
N PHE E 227 14.86 -27.97 -5.70
CA PHE E 227 14.07 -26.88 -6.31
C PHE E 227 14.86 -25.59 -6.14
N VAL E 228 15.42 -25.06 -7.23
CA VAL E 228 16.34 -23.89 -7.18
C VAL E 228 15.62 -22.68 -7.78
N GLY E 229 15.24 -21.76 -6.90
CA GLY E 229 14.58 -20.50 -7.29
C GLY E 229 15.60 -19.41 -7.49
N ASN E 230 15.26 -18.39 -8.26
CA ASN E 230 16.01 -17.13 -8.36
C ASN E 230 15.00 -15.99 -8.25
N GLY E 231 14.86 -15.42 -7.04
CA GLY E 231 13.98 -14.28 -6.76
C GLY E 231 14.48 -13.02 -7.44
N GLY E 232 15.73 -13.01 -7.89
CA GLY E 232 16.41 -11.79 -8.36
C GLY E 232 16.65 -10.85 -7.18
N PRO E 233 16.29 -9.56 -7.27
CA PRO E 233 15.52 -9.04 -8.41
C PRO E 233 16.14 -9.02 -9.83
N ASN E 234 17.48 -8.99 -9.96
CA ASN E 234 18.12 -8.54 -11.24
C ASN E 234 19.05 -9.60 -11.84
N LEU E 235 19.72 -10.39 -11.00
CA LEU E 235 20.75 -11.34 -11.43
C LEU E 235 20.13 -12.63 -11.99
N VAL E 236 20.82 -13.18 -12.98
CA VAL E 236 20.66 -14.56 -13.50
C VAL E 236 21.77 -15.43 -12.90
N SER E 237 21.41 -16.59 -12.32
CA SER E 237 22.39 -17.52 -11.69
C SER E 237 22.97 -18.46 -12.75
N SER E 238 24.29 -18.54 -12.81
CA SER E 238 25.01 -19.65 -13.48
C SER E 238 25.12 -20.78 -12.46
N PHE E 239 24.02 -21.49 -12.22
CA PHE E 239 23.87 -22.34 -11.02
C PHE E 239 24.68 -23.62 -11.18
N HIS E 240 25.53 -23.90 -10.18
CA HIS E 240 26.53 -25.00 -10.17
C HIS E 240 26.67 -25.57 -8.74
N VAL E 241 26.81 -26.89 -8.63
CA VAL E 241 27.20 -27.54 -7.35
C VAL E 241 28.63 -28.08 -7.55
N ILE E 242 29.59 -27.44 -6.88
CA ILE E 242 31.02 -27.84 -6.85
C ILE E 242 31.08 -29.30 -6.42
N GLY E 243 31.66 -30.15 -7.27
CA GLY E 243 31.90 -31.57 -7.01
C GLY E 243 30.80 -32.45 -7.53
N ALA E 244 29.76 -31.90 -8.15
CA ALA E 244 28.64 -32.69 -8.70
C ALA E 244 28.31 -32.28 -10.12
N ILE E 245 27.58 -33.17 -10.80
CA ILE E 245 27.02 -33.03 -12.17
C ILE E 245 25.50 -33.22 -12.06
N PHE E 246 24.72 -32.38 -12.74
CA PHE E 246 23.25 -32.59 -12.82
C PHE E 246 23.03 -33.74 -13.82
N ASP E 247 22.60 -34.88 -13.30
CA ASP E 247 22.12 -36.02 -14.12
C ASP E 247 20.98 -35.50 -14.99
N GLN E 248 20.05 -34.73 -14.39
CA GLN E 248 18.88 -34.12 -15.09
C GLN E 248 18.70 -32.68 -14.64
N VAL E 249 18.34 -31.80 -15.58
CA VAL E 249 17.86 -30.42 -15.28
C VAL E 249 16.53 -30.21 -15.97
N ARG E 250 15.51 -29.80 -15.22
N ARG E 250 15.50 -29.80 -15.22
CA ARG E 250 14.27 -29.18 -15.75
CA ARG E 250 14.27 -29.21 -15.80
C ARG E 250 14.64 -27.74 -16.12
C ARG E 250 14.61 -27.75 -16.14
N TYR E 251 15.16 -27.53 -17.34
CA TYR E 251 15.77 -26.24 -17.73
C TYR E 251 14.66 -25.19 -17.83
N GLU E 252 14.87 -24.08 -17.11
CA GLU E 252 13.92 -22.95 -16.91
C GLU E 252 12.70 -23.46 -16.13
N GLY E 253 12.83 -24.60 -15.46
CA GLY E 253 11.80 -25.19 -14.58
C GLY E 253 10.65 -25.83 -15.35
N GLY E 254 10.84 -26.09 -16.65
CA GLY E 254 9.83 -26.70 -17.54
C GLY E 254 9.77 -28.21 -17.36
N THR E 255 8.90 -28.88 -18.11
CA THR E 255 8.60 -30.33 -17.98
C THR E 255 9.77 -31.16 -18.54
N ASN E 256 10.34 -30.78 -19.70
CA ASN E 256 11.39 -31.55 -20.41
C ASN E 256 12.75 -31.34 -19.71
N VAL E 257 13.65 -32.32 -19.82
CA VAL E 257 14.97 -32.34 -19.12
C VAL E 257 16.11 -32.22 -20.14
N GLN E 258 17.19 -31.58 -19.72
CA GLN E 258 18.53 -31.75 -20.32
C GLN E 258 19.27 -32.70 -19.40
N LYS E 259 20.22 -33.46 -19.93
CA LYS E 259 21.01 -34.45 -19.16
C LYS E 259 22.48 -34.02 -19.14
N ASN E 260 23.16 -34.31 -18.03
CA ASN E 260 24.63 -34.20 -17.87
C ASN E 260 25.02 -32.73 -18.05
N VAL E 261 24.54 -31.87 -17.15
CA VAL E 261 24.80 -30.40 -17.15
C VAL E 261 25.63 -30.06 -15.92
N GLN E 262 26.68 -29.27 -16.11
CA GLN E 262 27.57 -28.80 -15.01
C GLN E 262 26.98 -27.55 -14.34
N THR E 263 26.44 -26.63 -15.15
CA THR E 263 25.96 -25.28 -14.75
C THR E 263 24.75 -24.93 -15.60
N THR E 264 23.63 -24.56 -14.95
CA THR E 264 22.35 -24.20 -15.62
C THR E 264 22.01 -22.75 -15.29
N LEU E 265 21.53 -21.99 -16.26
CA LEU E 265 21.15 -20.57 -16.08
C LEU E 265 19.72 -20.48 -15.56
N ILE E 266 19.53 -19.84 -14.40
CA ILE E 266 18.18 -19.70 -13.77
C ILE E 266 17.80 -18.24 -13.93
N PRO E 267 16.79 -17.96 -14.78
CA PRO E 267 16.35 -16.59 -14.99
C PRO E 267 16.02 -15.94 -13.64
N ALA E 268 16.14 -14.61 -13.59
CA ALA E 268 15.54 -13.76 -12.55
C ALA E 268 14.01 -13.98 -12.63
N GLY E 269 13.35 -14.24 -11.51
CA GLY E 269 11.92 -14.58 -11.49
C GLY E 269 11.66 -15.90 -12.21
N GLY E 270 12.62 -16.82 -12.14
CA GLY E 270 12.51 -18.18 -12.68
C GLY E 270 13.08 -19.19 -11.70
N ALA E 271 13.07 -20.45 -12.09
CA ALA E 271 13.53 -21.57 -11.25
C ALA E 271 13.99 -22.71 -12.15
N ALA E 272 14.75 -23.65 -11.59
CA ALA E 272 15.12 -24.94 -12.22
C ALA E 272 14.92 -26.04 -11.18
N VAL E 273 14.85 -27.29 -11.63
CA VAL E 273 14.96 -28.50 -10.78
C VAL E 273 16.24 -29.21 -11.22
N VAL E 274 17.12 -29.53 -10.28
CA VAL E 274 18.33 -30.34 -10.56
C VAL E 274 18.21 -31.62 -9.76
N LYS E 275 18.65 -32.72 -10.38
CA LYS E 275 18.71 -34.06 -9.78
C LYS E 275 20.12 -34.61 -10.01
N PHE E 276 20.70 -35.18 -8.96
CA PHE E 276 21.98 -35.91 -8.96
C PHE E 276 21.95 -36.92 -7.81
N THR E 277 22.87 -37.88 -7.84
CA THR E 277 23.05 -38.90 -6.78
C THR E 277 24.40 -38.67 -6.11
N ALA E 278 24.41 -38.53 -4.78
CA ALA E 278 25.62 -38.46 -3.93
C ALA E 278 26.37 -39.79 -4.08
N ARG E 279 27.63 -39.75 -4.52
CA ARG E 279 28.40 -40.98 -4.80
C ARG E 279 29.73 -40.98 -4.03
N VAL E 280 30.18 -39.84 -3.49
CA VAL E 280 31.35 -39.84 -2.56
C VAL E 280 31.13 -38.83 -1.44
N PRO E 281 31.68 -39.10 -0.22
CA PRO E 281 31.45 -38.25 0.94
C PRO E 281 32.23 -36.92 0.83
N GLY E 282 31.74 -35.90 1.53
CA GLY E 282 32.44 -34.60 1.70
C GLY E 282 31.51 -33.42 1.51
N SER E 283 32.11 -32.24 1.40
CA SER E 283 31.42 -30.94 1.21
C SER E 283 31.24 -30.65 -0.28
N TYR E 284 30.00 -30.36 -0.65
CA TYR E 284 29.58 -29.90 -2.00
C TYR E 284 28.98 -28.51 -1.85
N VAL E 285 29.27 -27.66 -2.83
CA VAL E 285 29.02 -26.20 -2.71
C VAL E 285 28.07 -25.73 -3.81
N LEU E 286 26.86 -25.32 -3.42
CA LEU E 286 25.92 -24.62 -4.31
C LEU E 286 26.53 -23.24 -4.54
N VAL E 287 26.71 -22.85 -5.79
CA VAL E 287 27.27 -21.52 -6.16
C VAL E 287 26.50 -20.93 -7.34
N ASP E 288 26.55 -19.61 -7.44
CA ASP E 288 26.42 -18.88 -8.71
C ASP E 288 27.84 -18.80 -9.27
N HIS E 289 28.08 -19.44 -10.42
CA HIS E 289 29.40 -19.59 -11.08
C HIS E 289 29.81 -18.30 -11.81
N SER E 290 28.98 -17.25 -11.77
CA SER E 290 29.49 -15.86 -11.93
C SER E 290 30.26 -15.59 -10.64
N ILE E 291 31.51 -16.05 -10.63
CA ILE E 291 32.13 -16.75 -9.45
C ILE E 291 32.54 -15.74 -8.38
N PHE E 292 32.64 -14.46 -8.73
CA PHE E 292 32.89 -13.39 -7.72
C PHE E 292 31.64 -13.21 -6.85
N ARG E 293 30.47 -13.66 -7.31
CA ARG E 293 29.24 -13.67 -6.45
C ARG E 293 29.43 -14.74 -5.36
N ALA E 294 29.90 -15.94 -5.75
CA ALA E 294 30.09 -17.08 -4.84
C ALA E 294 31.08 -16.72 -3.73
N PHE E 295 32.25 -16.20 -4.08
CA PHE E 295 33.43 -16.11 -3.18
C PHE E 295 33.61 -14.70 -2.63
N ASN E 296 32.91 -13.68 -3.14
CA ASN E 296 33.15 -12.27 -2.72
C ASN E 296 31.84 -11.54 -2.33
N LYS E 297 30.64 -12.11 -2.60
CA LYS E 297 29.32 -11.49 -2.24
C LYS E 297 28.40 -12.45 -1.47
N GLY E 298 28.86 -13.65 -1.12
CA GLY E 298 28.15 -14.56 -0.19
C GLY E 298 27.29 -15.61 -0.89
N ALA E 299 27.43 -15.79 -2.22
CA ALA E 299 26.58 -16.70 -3.03
C ALA E 299 27.10 -18.15 -2.92
N MET E 300 27.05 -18.72 -1.72
CA MET E 300 27.36 -20.15 -1.55
C MET E 300 26.52 -20.76 -0.41
N ALA E 301 26.10 -22.00 -0.65
CA ALA E 301 25.36 -22.90 0.27
C ALA E 301 26.04 -24.26 0.21
N ILE E 302 25.97 -25.03 1.29
CA ILE E 302 26.74 -26.29 1.45
C ILE E 302 25.78 -27.47 1.57
N LEU E 303 26.04 -28.53 0.81
CA LEU E 303 25.44 -29.87 0.97
C LEU E 303 26.56 -30.80 1.41
N LYS E 304 26.39 -31.49 2.56
CA LYS E 304 27.40 -32.40 3.17
C LYS E 304 26.88 -33.82 3.00
N ILE E 305 27.68 -34.66 2.33
CA ILE E 305 27.41 -36.10 2.06
C ILE E 305 28.22 -36.91 3.08
N ASP E 306 27.56 -37.73 3.90
CA ASP E 306 28.21 -38.66 4.86
C ASP E 306 27.98 -40.09 4.34
N GLY E 307 28.89 -41.00 4.67
CA GLY E 307 28.80 -42.41 4.28
C GLY E 307 30.14 -42.95 3.84
N ALA E 308 30.16 -44.17 3.30
CA ALA E 308 31.38 -44.90 2.92
C ALA E 308 32.10 -44.14 1.80
N GLU E 309 33.42 -43.94 1.97
CA GLU E 309 34.38 -43.53 0.93
C GLU E 309 34.24 -44.50 -0.24
N ASN E 310 34.41 -44.02 -1.48
CA ASN E 310 34.58 -44.86 -2.68
C ASN E 310 35.81 -44.34 -3.45
N LYS E 311 36.93 -45.04 -3.33
CA LYS E 311 38.25 -44.55 -3.84
C LYS E 311 38.38 -44.89 -5.33
N LEU E 312 37.53 -45.77 -5.85
CA LEU E 312 37.47 -46.08 -7.30
C LEU E 312 36.79 -44.93 -8.07
N VAL E 313 35.98 -44.12 -7.38
CA VAL E 313 35.29 -42.95 -7.99
C VAL E 313 36.13 -41.69 -7.74
N TYR E 314 36.65 -41.53 -6.52
CA TYR E 314 37.42 -40.34 -6.06
C TYR E 314 38.39 -40.79 -4.96
N SER E 315 39.69 -40.67 -5.23
CA SER E 315 40.80 -41.24 -4.42
C SER E 315 41.12 -40.34 -3.22
N GLY E 316 40.98 -39.03 -3.35
CA GLY E 316 41.70 -38.07 -2.51
C GLY E 316 43.14 -37.94 -3.00
N LYS E 317 43.95 -37.08 -2.40
CA LYS E 317 45.33 -36.87 -2.85
C LYS E 317 46.12 -38.14 -2.55
N GLU E 318 46.73 -38.75 -3.56
CA GLU E 318 47.47 -40.04 -3.47
C GLU E 318 48.96 -39.77 -3.24
N LEU E 319 49.51 -38.71 -3.85
CA LEU E 319 50.96 -38.41 -3.79
C LEU E 319 51.21 -36.91 -3.99
N ASP E 320 52.08 -36.35 -3.14
CA ASP E 320 52.84 -35.10 -3.37
C ASP E 320 54.30 -35.48 -3.67
N SER E 321 54.83 -34.95 -4.77
CA SER E 321 56.21 -35.13 -5.28
C SER E 321 56.83 -33.76 -5.54
N VAL E 322 58.13 -33.61 -5.28
CA VAL E 322 58.93 -32.47 -5.80
C VAL E 322 58.99 -32.63 -7.31
N TYR E 323 58.91 -31.50 -8.02
CA TYR E 323 58.93 -31.40 -9.49
C TYR E 323 59.91 -30.28 -9.86
N LEU E 324 61.02 -30.61 -10.50
CA LEU E 324 62.06 -29.64 -10.91
C LEU E 324 61.94 -29.47 -12.43
N LEU F 5 22.19 -30.24 -48.65
CA LEU F 5 21.84 -29.04 -47.81
C LEU F 5 20.43 -29.18 -47.23
N PRO F 6 20.08 -28.44 -46.14
CA PRO F 6 18.70 -28.30 -45.71
C PRO F 6 18.02 -27.24 -46.59
N GLY F 7 16.70 -27.26 -46.66
CA GLY F 7 15.94 -26.42 -47.60
C GLY F 7 16.46 -26.60 -49.02
N ASP F 8 16.80 -27.85 -49.39
CA ASP F 8 17.04 -28.28 -50.79
C ASP F 8 15.67 -28.69 -51.34
N PHE F 9 14.78 -27.71 -51.48
CA PHE F 9 13.36 -27.94 -51.89
C PHE F 9 13.22 -27.64 -53.38
N GLY F 10 14.36 -27.35 -54.03
CA GLY F 10 14.45 -27.18 -55.48
C GLY F 10 14.41 -25.71 -55.87
N PRO F 11 14.31 -25.41 -57.18
CA PRO F 11 14.33 -24.04 -57.65
C PRO F 11 13.07 -23.31 -57.22
N PRO F 12 13.12 -21.96 -57.08
CA PRO F 12 11.91 -21.18 -56.84
C PRO F 12 10.90 -21.39 -57.97
N ARG F 13 9.63 -21.60 -57.59
CA ARG F 13 8.48 -21.82 -58.51
C ARG F 13 7.44 -20.73 -58.27
N GLY F 14 6.45 -20.66 -59.17
CA GLY F 14 5.34 -19.69 -59.08
C GLY F 14 5.81 -18.26 -59.31
N GLU F 15 4.90 -17.31 -59.15
CA GLU F 15 5.13 -15.87 -59.33
C GLU F 15 6.12 -15.39 -58.29
N PRO F 16 7.02 -14.45 -58.64
CA PRO F 16 7.83 -13.76 -57.63
C PRO F 16 6.92 -13.10 -56.60
N ILE F 17 7.21 -13.30 -55.31
CA ILE F 17 6.41 -12.73 -54.19
C ILE F 17 7.08 -11.44 -53.71
N HIS F 18 6.33 -10.33 -53.70
CA HIS F 18 6.73 -9.03 -53.13
C HIS F 18 6.35 -9.08 -51.66
N ALA F 19 7.31 -9.38 -50.80
CA ALA F 19 7.07 -9.66 -49.37
C ALA F 19 6.23 -8.51 -48.80
N VAL F 20 5.06 -8.79 -48.24
CA VAL F 20 4.31 -7.76 -47.48
C VAL F 20 4.90 -7.82 -46.07
N LEU F 21 5.62 -6.76 -45.69
CA LEU F 21 6.23 -6.60 -44.35
C LEU F 21 5.19 -5.99 -43.43
N THR F 22 5.27 -6.22 -42.12
CA THR F 22 4.37 -5.59 -41.12
C THR F 22 5.19 -4.79 -40.09
N SER F 23 4.57 -3.75 -39.54
CA SER F 23 5.10 -2.96 -38.41
C SER F 23 4.78 -3.67 -37.12
N PRO F 24 5.64 -3.56 -36.08
CA PRO F 24 5.36 -4.17 -34.78
C PRO F 24 4.12 -3.45 -34.22
N PRO F 25 3.29 -4.13 -33.40
CA PRO F 25 3.52 -5.53 -33.02
C PRO F 25 2.87 -6.57 -33.94
N LEU F 26 2.56 -6.22 -35.19
CA LEU F 26 1.83 -7.13 -36.11
C LEU F 26 2.80 -8.00 -36.93
N VAL F 27 2.30 -9.11 -37.44
CA VAL F 27 3.09 -10.16 -38.13
C VAL F 27 2.42 -10.43 -39.47
N PRO F 28 3.19 -10.70 -40.55
CA PRO F 28 2.61 -11.12 -41.83
C PRO F 28 1.91 -12.48 -41.69
N PRO F 29 0.82 -12.73 -42.45
CA PRO F 29 0.08 -13.98 -42.32
C PRO F 29 0.89 -15.17 -42.80
N PRO F 30 0.55 -16.41 -42.43
CA PRO F 30 1.34 -17.58 -42.82
C PRO F 30 1.50 -17.60 -44.35
N VAL F 31 2.67 -17.99 -44.85
CA VAL F 31 2.96 -17.94 -46.31
C VAL F 31 2.06 -18.94 -47.03
N ASN F 32 1.60 -19.98 -46.33
CA ASN F 32 0.57 -20.95 -46.82
C ASN F 32 0.97 -21.45 -48.21
N ARG F 33 1.96 -22.33 -48.29
CA ARG F 33 2.70 -22.60 -49.55
C ARG F 33 3.46 -23.92 -49.39
N THR F 34 3.35 -24.84 -50.34
CA THR F 34 4.03 -26.17 -50.32
C THR F 34 5.26 -26.19 -51.26
N TYR F 35 5.60 -25.05 -51.87
CA TYR F 35 6.70 -24.94 -52.88
C TYR F 35 7.63 -23.78 -52.49
N PRO F 36 8.93 -23.87 -52.84
CA PRO F 36 9.86 -22.75 -52.65
C PRO F 36 9.46 -21.60 -53.59
N ALA F 37 9.75 -20.36 -53.20
CA ALA F 37 9.41 -19.14 -53.96
C ALA F 37 10.64 -18.21 -54.03
N LYS F 38 10.68 -17.37 -55.06
CA LYS F 38 11.49 -16.14 -55.08
C LYS F 38 10.70 -15.05 -54.36
N VAL F 39 11.27 -14.50 -53.30
CA VAL F 39 10.63 -13.49 -52.40
C VAL F 39 11.46 -12.22 -52.48
N ILE F 40 10.87 -11.14 -53.01
CA ILE F 40 11.56 -9.83 -53.13
C ILE F 40 11.23 -9.04 -51.87
N VAL F 41 12.24 -8.69 -51.06
CA VAL F 41 12.05 -7.90 -49.81
C VAL F 41 12.59 -6.48 -50.02
N GLU F 42 11.76 -5.46 -49.85
CA GLU F 42 12.13 -4.03 -49.96
C GLU F 42 12.05 -3.42 -48.55
N LEU F 43 13.19 -2.96 -48.03
CA LEU F 43 13.33 -2.45 -46.65
C LEU F 43 14.11 -1.13 -46.69
N GLU F 44 13.49 -0.07 -46.19
CA GLU F 44 14.02 1.32 -46.25
C GLU F 44 14.56 1.71 -44.88
N VAL F 45 15.80 2.19 -44.80
CA VAL F 45 16.39 2.80 -43.58
C VAL F 45 15.95 4.26 -43.48
N VAL F 46 15.34 4.64 -42.35
CA VAL F 46 14.91 6.03 -42.02
C VAL F 46 15.50 6.39 -40.65
N GLU F 47 16.27 7.48 -40.57
CA GLU F 47 16.72 8.09 -39.29
C GLU F 47 15.65 9.12 -38.88
N LYS F 48 15.14 9.05 -37.65
CA LYS F 48 13.96 9.85 -37.21
C LYS F 48 13.95 10.02 -35.68
N GLU F 49 13.71 11.26 -35.24
CA GLU F 49 13.32 11.59 -33.84
C GLU F 49 11.98 10.91 -33.55
N MET F 50 11.85 10.27 -32.38
CA MET F 50 10.57 9.70 -31.89
C MET F 50 10.55 9.82 -30.37
N GLN F 51 9.35 9.72 -29.77
CA GLN F 51 9.14 9.62 -28.30
C GLN F 51 9.71 8.28 -27.79
N ILE F 52 10.83 8.30 -27.07
CA ILE F 52 11.39 7.11 -26.35
C ILE F 52 10.68 6.98 -25.00
N SER F 53 10.18 8.09 -24.46
CA SER F 53 9.48 8.13 -23.15
C SER F 53 8.65 9.41 -23.03
N GLU F 54 7.95 9.54 -21.91
CA GLU F 54 7.15 10.70 -21.46
C GLU F 54 8.06 11.93 -21.48
N GLY F 55 7.91 12.76 -22.52
CA GLY F 55 8.65 14.04 -22.67
C GLY F 55 10.13 13.83 -22.92
N VAL F 56 10.50 12.67 -23.49
CA VAL F 56 11.89 12.36 -23.93
C VAL F 56 11.84 12.01 -25.41
N SER F 57 12.71 12.63 -26.20
CA SER F 57 12.92 12.34 -27.65
C SER F 57 14.27 11.63 -27.84
N TYR F 58 14.41 10.90 -28.94
CA TYR F 58 15.65 10.16 -29.31
C TYR F 58 15.75 10.11 -30.83
N THR F 59 16.97 10.16 -31.38
CA THR F 59 17.19 9.98 -32.83
C THR F 59 17.38 8.48 -33.05
N PHE F 60 16.30 7.79 -33.42
CA PHE F 60 16.34 6.35 -33.78
C PHE F 60 16.83 6.23 -35.22
N TRP F 61 17.63 5.21 -35.47
CA TRP F 61 17.94 4.67 -36.82
C TRP F 61 17.11 3.38 -37.00
N THR F 62 16.21 3.34 -37.99
CA THR F 62 15.14 2.33 -38.09
C THR F 62 15.16 1.67 -39.47
N PHE F 63 14.77 0.41 -39.52
CA PHE F 63 14.38 -0.30 -40.75
C PHE F 63 12.85 -0.18 -40.87
N GLY F 64 12.36 0.52 -41.89
CA GLY F 64 10.91 0.58 -42.17
C GLY F 64 10.18 1.63 -41.34
N GLY F 65 10.87 2.39 -40.48
CA GLY F 65 10.29 3.54 -39.74
C GLY F 65 9.92 3.21 -38.29
N THR F 66 10.22 2.01 -37.80
CA THR F 66 9.79 1.50 -36.48
C THR F 66 10.96 0.81 -35.76
N VAL F 67 10.95 0.84 -34.42
CA VAL F 67 11.81 0.01 -33.55
C VAL F 67 10.89 -0.96 -32.80
N PRO F 68 11.02 -2.28 -33.04
CA PRO F 68 11.97 -2.81 -34.01
C PRO F 68 11.52 -2.59 -35.44
N GLY F 69 12.33 -3.02 -36.39
CA GLY F 69 12.03 -2.86 -37.82
C GLY F 69 10.90 -3.75 -38.29
N SER F 70 10.53 -3.58 -39.56
CA SER F 70 9.44 -4.31 -40.26
C SER F 70 9.74 -5.81 -40.14
N PHE F 71 8.72 -6.58 -39.77
CA PHE F 71 8.76 -8.06 -39.70
C PHE F 71 8.76 -8.63 -41.12
N ILE F 72 9.70 -9.54 -41.39
CA ILE F 72 9.85 -10.27 -42.69
C ILE F 72 9.41 -11.72 -42.44
N ARG F 73 8.60 -12.30 -43.33
CA ARG F 73 8.16 -13.71 -43.18
C ARG F 73 8.36 -14.48 -44.49
N VAL F 74 9.22 -15.50 -44.46
CA VAL F 74 9.52 -16.38 -45.63
C VAL F 74 9.45 -17.85 -45.20
N ARG F 75 9.73 -18.76 -46.14
CA ARG F 75 9.70 -20.23 -45.96
C ARG F 75 11.12 -20.77 -46.11
N GLN F 76 11.51 -21.73 -45.29
CA GLN F 76 12.77 -22.49 -45.50
C GLN F 76 12.75 -22.95 -46.97
N GLY F 77 13.81 -22.71 -47.72
CA GLY F 77 13.93 -23.13 -49.14
C GLY F 77 13.79 -21.95 -50.11
N ASP F 78 13.22 -20.83 -49.65
CA ASP F 78 13.00 -19.59 -50.44
C ASP F 78 14.33 -18.95 -50.83
N THR F 79 14.40 -18.41 -52.04
CA THR F 79 15.43 -17.43 -52.48
C THR F 79 14.92 -16.03 -52.18
N VAL F 80 15.66 -15.27 -51.39
CA VAL F 80 15.24 -13.93 -50.91
C VAL F 80 16.10 -12.90 -51.66
N GLU F 81 15.46 -12.11 -52.51
CA GLU F 81 16.11 -10.97 -53.21
C GLU F 81 15.88 -9.73 -52.35
N PHE F 82 16.93 -9.35 -51.62
CA PHE F 82 16.87 -8.32 -50.58
C PHE F 82 17.28 -7.00 -51.23
N HIS F 83 16.46 -5.97 -51.07
CA HIS F 83 16.76 -4.58 -51.44
C HIS F 83 16.74 -3.73 -50.17
N LEU F 84 17.92 -3.29 -49.74
CA LEU F 84 18.10 -2.32 -48.64
C LEU F 84 18.24 -0.93 -49.25
N LYS F 85 17.27 -0.06 -48.98
CA LYS F 85 17.24 1.35 -49.43
C LYS F 85 17.51 2.24 -48.22
N ASN F 86 18.48 3.15 -48.34
CA ASN F 86 18.80 4.16 -47.29
C ASN F 86 18.29 5.52 -47.75
N HIS F 87 17.30 6.07 -47.05
CA HIS F 87 16.66 7.36 -47.40
C HIS F 87 17.77 8.40 -47.57
N PRO F 88 17.70 9.25 -48.62
CA PRO F 88 18.69 10.32 -48.82
C PRO F 88 18.93 11.24 -47.59
N SER F 89 17.92 11.38 -46.72
CA SER F 89 17.97 12.24 -45.51
C SER F 89 18.92 11.67 -44.46
N SER F 90 19.29 10.38 -44.54
CA SER F 90 20.22 9.72 -43.58
C SER F 90 21.59 10.41 -43.61
N LYS F 91 22.16 10.68 -42.44
CA LYS F 91 23.54 11.21 -42.27
C LYS F 91 24.53 10.08 -42.49
N MET F 92 24.12 8.86 -42.17
CA MET F 92 25.01 7.70 -41.94
C MET F 92 24.73 6.64 -43.00
N PRO F 93 25.77 5.88 -43.47
CA PRO F 93 25.53 4.64 -44.19
C PRO F 93 25.03 3.55 -43.23
N HIS F 94 24.36 2.55 -43.78
CA HIS F 94 23.78 1.39 -43.05
C HIS F 94 23.98 0.12 -43.89
N ASN F 95 23.73 -1.04 -43.28
CA ASN F 95 23.80 -2.34 -43.99
C ASN F 95 22.86 -3.29 -43.23
N ILE F 96 22.84 -4.56 -43.60
CA ILE F 96 21.96 -5.54 -42.89
C ILE F 96 22.69 -6.88 -42.77
N ASP F 97 22.75 -7.35 -41.52
CA ASP F 97 23.13 -8.72 -41.10
C ASP F 97 21.85 -9.39 -40.61
N LEU F 98 21.33 -10.38 -41.35
CA LEU F 98 20.19 -11.22 -40.90
C LEU F 98 20.78 -12.56 -40.43
N HIS F 99 20.41 -12.97 -39.22
CA HIS F 99 20.88 -14.22 -38.58
C HIS F 99 20.38 -15.42 -39.39
N GLY F 100 19.29 -15.24 -40.15
CA GLY F 100 18.78 -16.26 -41.09
C GLY F 100 19.66 -16.49 -42.31
N VAL F 101 20.68 -15.66 -42.57
CA VAL F 101 21.47 -15.75 -43.82
C VAL F 101 22.69 -16.64 -43.55
N THR F 102 23.02 -17.51 -44.50
CA THR F 102 24.25 -18.32 -44.47
C THR F 102 25.28 -17.64 -45.38
N GLY F 103 26.30 -17.01 -44.80
CA GLY F 103 27.30 -16.28 -45.59
C GLY F 103 27.84 -15.04 -44.90
N PRO F 104 28.94 -14.47 -45.42
CA PRO F 104 29.67 -13.41 -44.72
C PRO F 104 28.80 -12.25 -44.22
N GLY F 105 28.97 -11.90 -42.94
CA GLY F 105 28.27 -10.78 -42.29
C GLY F 105 26.76 -10.97 -42.21
N GLY F 106 26.26 -12.20 -42.40
CA GLY F 106 24.83 -12.44 -42.62
C GLY F 106 24.25 -11.47 -43.64
N GLY F 107 25.08 -11.00 -44.58
CA GLY F 107 24.69 -10.03 -45.63
C GLY F 107 25.26 -8.65 -45.40
N ALA F 108 25.97 -8.40 -44.30
CA ALA F 108 26.58 -7.08 -43.99
C ALA F 108 27.53 -6.69 -45.14
N ALA F 109 28.23 -7.69 -45.70
CA ALA F 109 29.25 -7.55 -46.77
C ALA F 109 28.62 -7.20 -48.12
N SER F 110 27.31 -7.39 -48.28
CA SER F 110 26.59 -7.30 -49.58
C SER F 110 25.54 -6.17 -49.55
N SER F 111 25.54 -5.33 -48.52
CA SER F 111 24.43 -4.39 -48.24
C SER F 111 24.92 -3.02 -47.78
N PHE F 112 26.22 -2.73 -47.86
CA PHE F 112 26.76 -1.41 -47.45
C PHE F 112 26.10 -0.34 -48.32
N THR F 113 25.29 0.54 -47.73
CA THR F 113 24.38 1.44 -48.50
C THR F 113 24.52 2.87 -47.96
N ALA F 114 25.18 3.75 -48.72
CA ALA F 114 25.28 5.20 -48.41
C ALA F 114 23.90 5.84 -48.53
N PRO F 115 23.69 7.02 -47.88
CA PRO F 115 22.42 7.72 -48.01
C PRO F 115 22.02 7.93 -49.48
N GLY F 116 20.73 7.81 -49.78
CA GLY F 116 20.17 7.95 -51.14
C GLY F 116 20.60 6.83 -52.08
N HIS F 117 21.07 5.70 -51.56
CA HIS F 117 21.41 4.49 -52.34
C HIS F 117 20.48 3.33 -51.98
N GLU F 118 20.50 2.27 -52.78
CA GLU F 118 19.88 0.96 -52.43
C GLU F 118 20.81 -0.17 -52.90
N SER F 119 21.05 -1.14 -52.01
CA SER F 119 21.86 -2.37 -52.26
C SER F 119 20.92 -3.56 -52.50
N GLN F 120 21.17 -4.33 -53.56
CA GLN F 120 20.50 -5.63 -53.82
C GLN F 120 21.51 -6.74 -53.51
N PHE F 121 21.08 -7.74 -52.75
CA PHE F 121 21.77 -9.04 -52.61
C PHE F 121 20.70 -10.11 -52.48
N THR F 122 21.08 -11.36 -52.77
CA THR F 122 20.19 -12.55 -52.82
C THR F 122 20.83 -13.66 -51.98
N PHE F 123 20.00 -14.44 -51.28
CA PHE F 123 20.42 -15.60 -50.47
C PHE F 123 19.30 -16.63 -50.41
N LYS F 124 19.65 -17.90 -50.21
CA LYS F 124 18.71 -18.99 -49.85
C LYS F 124 18.52 -18.99 -48.34
N ALA F 125 17.27 -19.10 -47.88
CA ALA F 125 16.91 -19.31 -46.46
C ALA F 125 16.98 -20.81 -46.17
N LEU F 126 18.14 -21.28 -45.70
CA LEU F 126 18.46 -22.73 -45.53
C LEU F 126 17.80 -23.29 -44.27
N ASN F 127 17.66 -22.48 -43.23
CA ASN F 127 17.33 -23.00 -41.88
C ASN F 127 16.06 -22.32 -41.40
N GLU F 128 15.07 -23.11 -40.99
CA GLU F 128 13.86 -22.58 -40.33
C GLU F 128 14.30 -21.97 -39.00
N GLY F 129 13.54 -20.99 -38.51
CA GLY F 129 13.72 -20.37 -37.20
C GLY F 129 13.16 -18.96 -37.16
N ILE F 130 13.48 -18.24 -36.10
CA ILE F 130 13.06 -16.85 -35.87
C ILE F 130 14.34 -16.07 -35.58
N TYR F 131 14.77 -15.26 -36.55
CA TYR F 131 16.16 -14.75 -36.65
C TYR F 131 16.13 -13.22 -36.51
N VAL F 132 16.99 -12.72 -35.65
CA VAL F 132 17.28 -11.28 -35.48
C VAL F 132 18.00 -10.83 -36.75
N TYR F 133 17.63 -9.68 -37.28
CA TYR F 133 18.45 -8.95 -38.28
C TYR F 133 18.85 -7.63 -37.64
N HIS F 134 20.03 -7.10 -37.98
CA HIS F 134 20.48 -5.78 -37.47
C HIS F 134 21.47 -5.13 -38.43
N CYS F 135 21.69 -3.82 -38.25
CA CYS F 135 22.77 -3.10 -38.96
C CYS F 135 24.09 -3.59 -38.40
N ALA F 136 25.09 -3.72 -39.26
CA ALA F 136 26.49 -4.10 -38.93
C ALA F 136 27.45 -3.09 -39.54
N THR F 137 27.07 -1.80 -39.50
CA THR F 137 27.92 -0.64 -39.88
C THR F 137 28.72 -0.16 -38.66
N ALA F 138 30.02 0.03 -38.79
CA ALA F 138 30.92 0.54 -37.72
C ALA F 138 30.41 1.92 -37.31
N PRO F 139 30.27 2.25 -36.01
CA PRO F 139 30.41 1.31 -34.88
C PRO F 139 29.12 0.51 -34.63
N VAL F 140 29.23 -0.83 -34.72
CA VAL F 140 28.08 -1.79 -34.78
C VAL F 140 27.18 -1.57 -33.58
N GLY F 141 27.77 -1.47 -32.39
CA GLY F 141 27.04 -1.28 -31.12
C GLY F 141 26.14 -0.07 -31.19
N MET F 142 26.61 1.04 -31.78
CA MET F 142 25.88 2.33 -31.85
C MET F 142 24.65 2.12 -32.75
N HIS F 143 24.85 1.61 -33.96
CA HIS F 143 23.76 1.35 -34.95
C HIS F 143 22.67 0.49 -34.29
N ILE F 144 23.03 -0.61 -33.60
CA ILE F 144 22.05 -1.51 -32.92
C ILE F 144 21.35 -0.73 -31.79
N ALA F 145 22.11 -0.06 -30.91
CA ALA F 145 21.58 0.78 -29.80
C ALA F 145 20.63 1.88 -30.29
N ASN F 146 20.81 2.40 -31.52
CA ASN F 146 19.97 3.48 -32.08
C ASN F 146 18.65 2.89 -32.62
N GLY F 147 18.54 1.55 -32.67
CA GLY F 147 17.26 0.84 -32.88
C GLY F 147 17.24 0.03 -34.18
N MET F 148 18.41 -0.29 -34.73
CA MET F 148 18.51 -0.96 -36.04
C MET F 148 18.52 -2.47 -35.81
N TYR F 149 17.34 -3.04 -35.54
CA TYR F 149 17.13 -4.49 -35.39
C TYR F 149 15.68 -4.83 -35.67
N GLY F 150 15.44 -6.11 -35.95
CA GLY F 150 14.09 -6.66 -36.16
C GLY F 150 14.11 -8.17 -36.31
N LEU F 151 13.04 -8.72 -36.86
CA LEU F 151 12.92 -10.19 -36.98
C LEU F 151 12.54 -10.58 -38.42
N ILE F 152 13.18 -11.65 -38.88
CA ILE F 152 12.76 -12.45 -40.07
C ILE F 152 12.39 -13.84 -39.57
N LEU F 153 11.15 -14.26 -39.82
CA LEU F 153 10.65 -15.63 -39.55
C LEU F 153 10.89 -16.45 -40.80
N VAL F 154 11.54 -17.59 -40.65
CA VAL F 154 11.67 -18.60 -41.73
C VAL F 154 10.86 -19.83 -41.30
N GLU F 155 9.66 -19.95 -41.87
CA GLU F 155 8.70 -21.04 -41.60
C GLU F 155 9.36 -22.38 -41.93
N PRO F 156 8.99 -23.46 -41.21
CA PRO F 156 9.28 -24.81 -41.70
C PRO F 156 8.40 -25.08 -42.92
N PRO F 157 8.78 -26.05 -43.78
CA PRO F 157 8.06 -26.27 -45.03
C PRO F 157 6.55 -26.39 -44.78
N GLU F 158 6.19 -27.03 -43.68
CA GLU F 158 4.80 -27.40 -43.31
C GLU F 158 4.08 -26.21 -42.63
N GLY F 159 4.79 -25.10 -42.37
CA GLY F 159 4.24 -23.94 -41.66
C GLY F 159 4.12 -24.20 -40.17
N LEU F 160 3.91 -23.15 -39.37
CA LEU F 160 3.73 -23.30 -37.91
C LEU F 160 2.28 -23.70 -37.65
N PRO F 161 2.01 -24.44 -36.55
CA PRO F 161 0.63 -24.71 -36.13
C PRO F 161 -0.20 -23.43 -36.00
N LYS F 162 -1.43 -23.44 -36.50
CA LYS F 162 -2.35 -22.27 -36.47
C LYS F 162 -2.62 -21.84 -35.02
N VAL F 163 -2.66 -20.52 -34.81
CA VAL F 163 -3.15 -19.86 -33.56
C VAL F 163 -4.12 -18.75 -33.96
N ASP F 164 -4.77 -18.15 -32.96
CA ASP F 164 -5.71 -17.02 -33.12
C ASP F 164 -4.93 -15.71 -33.34
N HIS F 165 -3.83 -15.49 -32.61
CA HIS F 165 -3.06 -14.21 -32.65
C HIS F 165 -1.55 -14.47 -32.69
N GLU F 166 -0.85 -13.83 -33.63
CA GLU F 166 0.64 -13.80 -33.73
C GLU F 166 1.11 -12.36 -33.52
N TYR F 167 1.95 -12.13 -32.51
CA TYR F 167 2.42 -10.77 -32.13
C TYR F 167 3.96 -10.68 -32.19
N TYR F 168 4.45 -9.47 -32.46
CA TYR F 168 5.88 -9.15 -32.70
C TYR F 168 6.34 -8.13 -31.64
N VAL F 169 7.15 -8.63 -30.71
CA VAL F 169 7.70 -7.83 -29.57
C VAL F 169 9.22 -7.98 -29.61
N MET F 170 9.95 -6.87 -29.49
CA MET F 170 11.43 -6.94 -29.43
C MET F 170 11.95 -6.05 -28.30
N GLN F 171 12.70 -6.65 -27.38
CA GLN F 171 13.40 -5.92 -26.30
C GLN F 171 14.66 -5.30 -26.89
N GLY F 172 15.00 -4.09 -26.45
CA GLY F 172 16.33 -3.48 -26.62
C GLY F 172 16.71 -2.68 -25.39
N ASP F 173 18.01 -2.48 -25.17
CA ASP F 173 18.55 -1.57 -24.13
C ASP F 173 19.05 -0.32 -24.85
N PHE F 174 18.79 0.86 -24.26
CA PHE F 174 19.10 2.19 -24.84
C PHE F 174 19.94 3.01 -23.85
N TYR F 175 20.78 3.89 -24.41
CA TYR F 175 21.86 4.62 -23.71
C TYR F 175 21.79 6.09 -24.10
N THR F 176 21.10 6.88 -23.26
CA THR F 176 20.92 8.35 -23.39
C THR F 176 21.96 9.02 -22.47
N ALA F 177 22.51 10.17 -22.87
CA ALA F 177 23.43 10.98 -22.03
C ALA F 177 22.70 11.39 -20.74
N GLY F 178 21.41 11.72 -20.85
CA GLY F 178 20.53 12.02 -19.70
C GLY F 178 20.08 10.74 -19.00
N LYS F 179 19.66 10.85 -17.74
CA LYS F 179 19.16 9.67 -17.00
C LYS F 179 17.67 9.49 -17.35
N TYR F 180 17.10 8.39 -16.84
CA TYR F 180 15.70 7.96 -17.05
C TYR F 180 14.75 9.15 -16.86
N ARG F 181 14.02 9.50 -17.92
CA ARG F 181 12.97 10.56 -17.97
C ARG F 181 13.57 11.97 -17.82
N GLU F 182 14.86 12.16 -18.08
CA GLU F 182 15.45 13.52 -18.26
C GLU F 182 14.90 14.09 -19.58
N LYS F 183 14.25 15.24 -19.51
CA LYS F 183 13.34 15.80 -20.56
C LYS F 183 14.13 16.14 -21.83
N GLY F 184 13.46 16.08 -22.99
CA GLY F 184 13.97 16.61 -24.27
C GLY F 184 14.65 15.56 -25.13
N LEU F 185 15.30 16.00 -26.21
CA LEU F 185 16.05 15.13 -27.15
C LEU F 185 17.35 14.68 -26.47
N GLN F 186 17.44 13.40 -26.14
CA GLN F 186 18.61 12.76 -25.49
C GLN F 186 19.53 12.15 -26.55
N PRO F 187 20.81 12.58 -26.61
CA PRO F 187 21.79 11.89 -27.44
C PRO F 187 22.18 10.49 -26.95
N PHE F 188 22.67 9.66 -27.87
CA PHE F 188 23.29 8.33 -27.60
C PHE F 188 24.54 8.55 -26.75
N ASP F 189 24.75 7.71 -25.73
CA ASP F 189 25.91 7.76 -24.78
C ASP F 189 26.72 6.48 -24.93
N MET F 190 27.82 6.55 -25.69
CA MET F 190 28.74 5.44 -26.03
C MET F 190 29.34 4.85 -24.75
N GLU F 191 29.67 5.68 -23.77
CA GLU F 191 30.36 5.25 -22.53
C GLU F 191 29.43 4.32 -21.73
N LYS F 192 28.19 4.75 -21.55
CA LYS F 192 27.15 3.96 -20.84
C LYS F 192 26.96 2.64 -21.58
N ALA F 193 26.92 2.68 -22.92
CA ALA F 193 26.74 1.52 -23.82
C ALA F 193 27.91 0.54 -23.65
N ILE F 194 29.16 1.04 -23.64
CA ILE F 194 30.35 0.18 -23.43
C ILE F 194 30.29 -0.42 -22.02
N ASP F 195 29.78 0.32 -21.03
CA ASP F 195 29.68 -0.18 -19.63
C ASP F 195 28.42 -1.01 -19.40
N GLU F 196 27.55 -1.18 -20.41
CA GLU F 196 26.29 -1.98 -20.29
C GLU F 196 25.45 -1.40 -19.14
N ARG F 197 25.39 -0.07 -19.02
CA ARG F 197 24.61 0.67 -17.99
C ARG F 197 23.52 1.45 -18.71
N PRO F 198 22.47 0.74 -19.20
CA PRO F 198 21.42 1.36 -19.98
C PRO F 198 20.51 2.25 -19.14
N SER F 199 20.12 3.40 -19.68
CA SER F 199 19.14 4.33 -19.05
C SER F 199 17.73 3.76 -19.22
N TYR F 200 17.44 3.15 -20.39
CA TYR F 200 16.14 2.54 -20.74
C TYR F 200 16.33 1.10 -21.22
N VAL F 201 15.42 0.24 -20.78
CA VAL F 201 15.17 -1.13 -21.32
C VAL F 201 13.73 -1.17 -21.83
N LEU F 202 13.51 -1.32 -23.14
CA LEU F 202 12.17 -1.13 -23.75
C LEU F 202 11.78 -2.29 -24.67
N PHE F 203 10.47 -2.46 -24.81
CA PHE F 203 9.80 -3.29 -25.84
C PHE F 203 9.28 -2.36 -26.93
N ASN F 204 9.65 -2.63 -28.17
CA ASN F 204 9.13 -1.93 -29.37
C ASN F 204 9.43 -0.44 -29.24
N GLY F 205 10.67 -0.13 -28.84
CA GLY F 205 11.35 1.14 -29.15
C GLY F 205 11.00 2.28 -28.22
N ALA F 206 10.03 2.11 -27.32
CA ALA F 206 9.50 3.21 -26.48
C ALA F 206 8.84 2.68 -25.20
N GLU F 207 9.00 3.42 -24.10
CA GLU F 207 8.17 3.28 -22.88
C GLU F 207 6.71 3.51 -23.32
N GLY F 208 5.81 2.58 -23.01
CA GLY F 208 4.38 2.72 -23.31
C GLY F 208 4.07 2.52 -24.78
N ALA F 209 5.03 1.98 -25.57
CA ALA F 209 4.81 1.60 -26.98
C ALA F 209 3.69 0.56 -27.09
N LEU F 210 3.53 -0.31 -26.09
CA LEU F 210 2.47 -1.33 -26.06
C LEU F 210 1.65 -1.19 -24.77
N THR F 211 1.21 0.04 -24.47
CA THR F 211 0.29 0.39 -23.33
C THR F 211 -0.94 1.12 -23.87
N GLY F 212 -1.95 1.27 -23.01
CA GLY F 212 -3.28 1.82 -23.34
C GLY F 212 -3.79 1.29 -24.68
N ASP F 213 -3.98 2.21 -25.64
CA ASP F 213 -4.58 1.95 -26.97
C ASP F 213 -3.66 1.01 -27.77
N LYS F 214 -2.34 1.19 -27.61
CA LYS F 214 -1.29 0.44 -28.37
C LYS F 214 -1.14 -1.00 -27.84
N ALA F 215 -1.87 -1.38 -26.79
CA ALA F 215 -1.75 -2.69 -26.12
C ALA F 215 -2.02 -3.83 -27.12
N LEU F 216 -1.39 -5.00 -26.91
CA LEU F 216 -1.75 -6.25 -27.63
C LEU F 216 -3.14 -6.65 -27.13
N HIS F 217 -3.97 -7.26 -27.99
CA HIS F 217 -5.37 -7.64 -27.65
C HIS F 217 -5.59 -9.11 -27.99
N ALA F 218 -6.35 -9.82 -27.17
CA ALA F 218 -6.91 -11.15 -27.50
C ALA F 218 -8.18 -11.37 -26.68
N LYS F 219 -8.93 -12.40 -27.05
CA LYS F 219 -10.20 -12.76 -26.37
C LYS F 219 -9.96 -14.03 -25.54
N VAL F 220 -10.72 -14.17 -24.45
CA VAL F 220 -10.76 -15.40 -23.60
C VAL F 220 -10.99 -16.60 -24.53
N GLY F 221 -10.15 -17.61 -24.42
CA GLY F 221 -10.22 -18.85 -25.23
C GLY F 221 -9.30 -18.84 -26.45
N GLU F 222 -8.64 -17.72 -26.76
CA GLU F 222 -7.78 -17.61 -27.97
C GLU F 222 -6.33 -18.02 -27.62
N THR F 223 -5.70 -18.78 -28.50
CA THR F 223 -4.25 -19.07 -28.47
C THR F 223 -3.49 -17.85 -29.03
N VAL F 224 -2.42 -17.45 -28.32
CA VAL F 224 -1.53 -16.32 -28.66
C VAL F 224 -0.10 -16.86 -28.80
N ARG F 225 0.54 -16.55 -29.92
CA ARG F 225 1.98 -16.79 -30.19
C ARG F 225 2.65 -15.42 -30.27
N ILE F 226 3.74 -15.23 -29.52
CA ILE F 226 4.58 -14.00 -29.54
C ILE F 226 5.99 -14.41 -29.99
N PHE F 227 6.44 -13.84 -31.11
CA PHE F 227 7.85 -13.82 -31.59
C PHE F 227 8.58 -12.76 -30.77
N VAL F 228 9.48 -13.16 -29.88
CA VAL F 228 10.11 -12.24 -28.89
C VAL F 228 11.58 -12.10 -29.25
N GLY F 229 11.93 -10.97 -29.86
CA GLY F 229 13.34 -10.66 -30.15
C GLY F 229 13.99 -9.93 -29.00
N ASN F 230 15.31 -9.91 -29.03
CA ASN F 230 16.17 -9.15 -28.11
C ASN F 230 17.31 -8.62 -28.97
N GLY F 231 17.17 -7.38 -29.45
CA GLY F 231 18.21 -6.70 -30.23
C GLY F 231 19.42 -6.38 -29.38
N GLY F 232 19.26 -6.44 -28.06
CA GLY F 232 20.28 -5.95 -27.11
C GLY F 232 20.40 -4.44 -27.25
N PRO F 233 21.61 -3.86 -27.43
CA PRO F 233 22.81 -4.61 -27.77
C PRO F 233 23.44 -5.53 -26.72
N ASN F 234 23.20 -5.28 -25.42
CA ASN F 234 24.03 -5.85 -24.33
C ASN F 234 23.23 -6.77 -23.40
N LEU F 235 21.95 -6.50 -23.17
CA LEU F 235 21.21 -7.21 -22.09
C LEU F 235 20.59 -8.51 -22.61
N VAL F 236 20.45 -9.43 -21.68
CA VAL F 236 19.72 -10.72 -21.84
C VAL F 236 18.42 -10.58 -21.07
N SER F 237 17.31 -10.97 -21.68
CA SER F 237 15.97 -10.75 -21.09
C SER F 237 15.58 -12.00 -20.30
N SER F 238 15.18 -11.83 -19.04
CA SER F 238 14.48 -12.86 -18.21
C SER F 238 12.99 -12.70 -18.53
N PHE F 239 12.58 -13.14 -19.71
CA PHE F 239 11.33 -12.68 -20.36
C PHE F 239 10.17 -13.45 -19.73
N HIS F 240 9.18 -12.72 -19.22
CA HIS F 240 8.01 -13.25 -18.47
C HIS F 240 6.76 -12.42 -18.84
N VAL F 241 5.61 -13.08 -18.86
CA VAL F 241 4.27 -12.41 -18.93
C VAL F 241 3.59 -12.53 -17.57
N ILE F 242 3.51 -11.43 -16.82
CA ILE F 242 2.73 -11.37 -15.56
C ILE F 242 1.30 -11.88 -15.84
N GLY F 243 0.90 -12.94 -15.13
CA GLY F 243 -0.43 -13.55 -15.19
C GLY F 243 -0.51 -14.72 -16.16
N ALA F 244 0.53 -15.01 -16.92
CA ALA F 244 0.52 -16.13 -17.89
C ALA F 244 1.63 -17.14 -17.59
N ILE F 245 1.48 -18.33 -18.16
CA ILE F 245 2.52 -19.41 -18.21
C ILE F 245 2.72 -19.80 -19.67
N PHE F 246 3.97 -19.93 -20.10
CA PHE F 246 4.30 -20.40 -21.48
C PHE F 246 4.06 -21.93 -21.54
N ASP F 247 2.90 -22.32 -22.08
CA ASP F 247 2.56 -23.73 -22.41
C ASP F 247 3.72 -24.32 -23.21
N GLN F 248 4.20 -23.59 -24.22
CA GLN F 248 5.33 -23.95 -25.12
C GLN F 248 6.29 -22.77 -25.25
N VAL F 249 7.59 -23.03 -25.21
CA VAL F 249 8.67 -22.04 -25.51
C VAL F 249 9.61 -22.71 -26.52
N ARG F 250 9.81 -22.07 -27.66
CA ARG F 250 10.94 -22.42 -28.56
C ARG F 250 12.18 -21.69 -28.03
N TYR F 251 12.91 -22.32 -27.10
CA TYR F 251 14.00 -21.67 -26.31
C TYR F 251 15.15 -21.38 -27.27
N GLU F 252 15.65 -20.14 -27.21
CA GLU F 252 16.68 -19.57 -28.11
C GLU F 252 16.17 -19.58 -29.55
N GLY F 253 14.86 -19.76 -29.74
CA GLY F 253 14.18 -19.67 -31.05
C GLY F 253 14.32 -20.94 -31.87
N GLY F 254 14.80 -22.03 -31.26
CA GLY F 254 15.07 -23.28 -31.97
C GLY F 254 13.80 -24.04 -32.29
N THR F 255 13.91 -25.14 -33.00
CA THR F 255 12.78 -25.99 -33.44
C THR F 255 12.11 -26.72 -32.25
N ASN F 256 12.87 -27.21 -31.25
CA ASN F 256 12.32 -27.97 -30.09
C ASN F 256 11.73 -27.04 -29.03
N VAL F 257 10.74 -27.53 -28.29
CA VAL F 257 9.97 -26.76 -27.28
C VAL F 257 10.23 -27.34 -25.88
N GLN F 258 10.44 -26.44 -24.91
CA GLN F 258 10.27 -26.68 -23.45
C GLN F 258 8.82 -26.33 -23.12
N LYS F 259 8.23 -27.03 -22.15
CA LYS F 259 6.80 -26.91 -21.77
C LYS F 259 6.70 -26.33 -20.35
N ASN F 260 5.71 -25.47 -20.12
CA ASN F 260 5.31 -24.96 -18.78
C ASN F 260 6.46 -24.19 -18.14
N VAL F 261 6.86 -23.11 -18.82
CA VAL F 261 7.98 -22.21 -18.46
C VAL F 261 7.39 -20.88 -18.03
N GLN F 262 7.77 -20.39 -16.85
CA GLN F 262 7.31 -19.07 -16.31
C GLN F 262 8.14 -17.94 -16.95
N THR F 263 9.46 -18.14 -17.07
CA THR F 263 10.45 -17.10 -17.42
C THR F 263 11.51 -17.72 -18.33
N THR F 264 11.69 -17.18 -19.54
CA THR F 264 12.64 -17.73 -20.55
C THR F 264 13.73 -16.70 -20.82
N LEU F 265 14.96 -17.16 -20.93
CA LEU F 265 16.15 -16.31 -21.19
C LEU F 265 16.30 -16.12 -22.70
N ILE F 266 16.28 -14.86 -23.15
CA ILE F 266 16.45 -14.48 -24.57
C ILE F 266 17.80 -13.79 -24.73
N PRO F 267 18.74 -14.46 -25.43
CA PRO F 267 20.09 -13.92 -25.62
C PRO F 267 20.05 -12.55 -26.30
N ALA F 268 21.03 -11.70 -25.99
CA ALA F 268 21.32 -10.50 -26.79
C ALA F 268 21.55 -10.98 -28.23
N GLY F 269 20.81 -10.45 -29.22
CA GLY F 269 20.95 -10.90 -30.61
C GLY F 269 20.41 -12.32 -30.77
N GLY F 270 19.35 -12.65 -30.02
CA GLY F 270 18.67 -13.95 -30.06
C GLY F 270 17.17 -13.76 -30.05
N ALA F 271 16.41 -14.84 -30.03
CA ALA F 271 14.93 -14.75 -30.04
C ALA F 271 14.33 -16.00 -29.42
N ALA F 272 13.05 -15.91 -29.05
CA ALA F 272 12.27 -17.04 -28.54
C ALA F 272 10.87 -16.95 -29.12
N VAL F 273 10.13 -18.05 -29.05
CA VAL F 273 8.68 -18.09 -29.43
C VAL F 273 7.97 -18.66 -28.22
N VAL F 274 6.99 -17.92 -27.70
CA VAL F 274 6.12 -18.34 -26.58
C VAL F 274 4.69 -18.45 -27.14
N LYS F 275 4.00 -19.50 -26.70
CA LYS F 275 2.59 -19.80 -27.06
C LYS F 275 1.86 -19.97 -25.72
N PHE F 276 0.67 -19.40 -25.59
CA PHE F 276 -0.24 -19.66 -24.45
C PHE F 276 -1.68 -19.32 -24.85
N THR F 277 -2.63 -19.77 -24.04
CA THR F 277 -4.08 -19.60 -24.27
C THR F 277 -4.64 -18.64 -23.23
N ALA F 278 -5.24 -17.55 -23.70
CA ALA F 278 -5.98 -16.60 -22.85
C ALA F 278 -7.13 -17.37 -22.21
N ARG F 279 -7.25 -17.30 -20.88
CA ARG F 279 -8.31 -18.01 -20.11
C ARG F 279 -9.11 -17.06 -19.22
N VAL F 280 -8.55 -15.90 -18.86
CA VAL F 280 -9.14 -14.96 -17.87
C VAL F 280 -9.05 -13.54 -18.43
N PRO F 281 -10.13 -12.73 -18.34
CA PRO F 281 -10.06 -11.35 -18.82
C PRO F 281 -9.11 -10.58 -17.90
N GLY F 282 -8.55 -9.48 -18.40
CA GLY F 282 -7.74 -8.54 -17.59
C GLY F 282 -6.48 -8.14 -18.32
N SER F 283 -5.56 -7.44 -17.64
CA SER F 283 -4.30 -6.91 -18.23
C SER F 283 -3.13 -7.86 -17.93
N TYR F 284 -2.32 -8.16 -18.94
CA TYR F 284 -1.12 -9.03 -18.81
C TYR F 284 0.11 -8.20 -19.21
N VAL F 285 1.23 -8.42 -18.52
CA VAL F 285 2.38 -7.47 -18.64
C VAL F 285 3.63 -8.23 -19.12
N LEU F 286 4.07 -7.98 -20.36
CA LEU F 286 5.37 -8.50 -20.84
C LEU F 286 6.42 -7.70 -20.05
N VAL F 287 7.34 -8.40 -19.37
CA VAL F 287 8.43 -7.79 -18.55
C VAL F 287 9.75 -8.51 -18.86
N ASP F 288 10.86 -7.78 -18.68
CA ASP F 288 12.18 -8.32 -18.30
C ASP F 288 12.18 -8.48 -16.79
N HIS F 289 12.21 -9.73 -16.30
CA HIS F 289 12.05 -10.05 -14.86
C HIS F 289 13.35 -9.83 -14.11
N SER F 290 14.41 -9.40 -14.79
CA SER F 290 15.48 -8.61 -14.15
C SER F 290 14.82 -7.26 -13.81
N ILE F 291 14.09 -7.25 -12.70
CA ILE F 291 12.74 -6.60 -12.56
C ILE F 291 12.84 -5.09 -12.40
N PHE F 292 14.02 -4.57 -12.05
CA PHE F 292 14.24 -3.09 -11.98
C PHE F 292 14.19 -2.53 -13.40
N ARG F 293 14.41 -3.36 -14.42
CA ARG F 293 14.23 -2.96 -15.84
C ARG F 293 12.75 -2.71 -16.12
N ALA F 294 11.89 -3.63 -15.66
CA ALA F 294 10.43 -3.62 -15.89
C ALA F 294 9.83 -2.41 -15.18
N PHE F 295 10.14 -2.24 -13.90
CA PHE F 295 9.44 -1.26 -13.03
C PHE F 295 10.25 0.04 -12.87
N ASN F 296 11.43 0.20 -13.47
CA ASN F 296 12.28 1.41 -13.25
C ASN F 296 13.00 1.90 -14.52
N LYS F 297 13.08 1.08 -15.58
CA LYS F 297 13.76 1.46 -16.84
C LYS F 297 12.81 1.33 -18.05
N GLY F 298 11.59 0.83 -17.82
CA GLY F 298 10.48 0.89 -18.80
C GLY F 298 10.27 -0.41 -19.57
N ALA F 299 10.79 -1.55 -19.09
CA ALA F 299 10.71 -2.86 -19.80
C ALA F 299 9.35 -3.50 -19.49
N MET F 300 8.30 -2.94 -20.07
CA MET F 300 6.89 -3.24 -19.73
C MET F 300 6.02 -3.05 -20.97
N ALA F 301 5.18 -4.04 -21.28
CA ALA F 301 4.25 -4.04 -22.42
C ALA F 301 3.00 -4.84 -22.06
N ILE F 302 1.83 -4.39 -22.52
CA ILE F 302 0.51 -4.89 -22.08
C ILE F 302 -0.12 -5.76 -23.17
N LEU F 303 -0.69 -6.89 -22.76
CA LEU F 303 -1.66 -7.68 -23.57
C LEU F 303 -2.99 -7.64 -22.84
N LYS F 304 -4.04 -7.11 -23.49
CA LYS F 304 -5.40 -7.01 -22.91
C LYS F 304 -6.25 -8.17 -23.44
N ILE F 305 -6.79 -8.94 -22.50
CA ILE F 305 -7.73 -10.07 -22.78
C ILE F 305 -9.14 -9.60 -22.40
N ASP F 306 -10.06 -9.69 -23.36
CA ASP F 306 -11.51 -9.37 -23.21
C ASP F 306 -12.26 -10.70 -23.27
N GLY F 307 -13.41 -10.79 -22.61
CA GLY F 307 -14.26 -12.01 -22.61
C GLY F 307 -14.94 -12.17 -21.28
N ALA F 308 -15.66 -13.30 -21.12
CA ALA F 308 -16.37 -13.66 -19.87
C ALA F 308 -15.36 -13.91 -18.75
N GLU F 309 -15.65 -13.38 -17.56
CA GLU F 309 -14.99 -13.78 -16.30
C GLU F 309 -15.02 -15.32 -16.22
N ASN F 310 -13.97 -15.94 -15.71
CA ASN F 310 -13.90 -17.41 -15.46
C ASN F 310 -13.52 -17.57 -13.98
N LYS F 311 -14.47 -17.28 -13.09
CA LYS F 311 -14.22 -17.21 -11.63
C LYS F 311 -13.66 -18.55 -11.14
N LEU F 312 -13.90 -19.65 -11.86
CA LEU F 312 -13.42 -21.03 -11.50
C LEU F 312 -11.91 -21.14 -11.71
N VAL F 313 -11.34 -20.30 -12.59
CA VAL F 313 -9.87 -20.30 -12.85
C VAL F 313 -9.23 -19.20 -11.99
N TYR F 314 -9.94 -18.08 -11.83
CA TYR F 314 -9.44 -16.82 -11.20
C TYR F 314 -10.64 -16.00 -10.71
N SER F 315 -10.84 -15.99 -9.40
CA SER F 315 -12.06 -15.43 -8.74
C SER F 315 -12.01 -13.91 -8.71
N GLY F 316 -10.79 -13.34 -8.75
CA GLY F 316 -10.51 -11.99 -8.21
C GLY F 316 -10.54 -12.02 -6.69
N LYS F 317 -10.42 -10.85 -6.05
CA LYS F 317 -10.46 -10.73 -4.57
C LYS F 317 -11.87 -11.11 -4.11
N GLU F 318 -11.97 -12.08 -3.20
CA GLU F 318 -13.26 -12.64 -2.71
C GLU F 318 -13.58 -12.08 -1.32
N LEU F 319 -12.57 -11.64 -0.57
CA LEU F 319 -12.79 -11.21 0.84
C LEU F 319 -11.62 -10.36 1.32
N ASP F 320 -11.97 -9.26 2.02
CA ASP F 320 -11.06 -8.47 2.89
C ASP F 320 -11.52 -8.67 4.33
N SER F 321 -10.61 -9.06 5.23
CA SER F 321 -10.89 -9.31 6.67
C SER F 321 -9.81 -8.65 7.53
N VAL F 322 -10.24 -8.02 8.62
CA VAL F 322 -9.36 -7.52 9.73
C VAL F 322 -8.55 -8.71 10.26
N TYR F 323 -7.29 -8.49 10.63
CA TYR F 323 -6.35 -9.55 11.08
C TYR F 323 -5.54 -9.07 12.29
N LEU F 324 -5.45 -9.94 13.32
CA LEU F 324 -4.81 -9.69 14.63
C LEU F 324 -3.49 -10.47 14.72
N GLY F 325 -3.49 -11.75 14.32
CA GLY F 325 -2.28 -12.59 14.22
C GLY F 325 -1.47 -12.61 15.50
CU CU G . -11.42 38.29 34.87
CU CU H . -16.08 33.28 24.34
CL CL I . -14.99 34.66 22.95
CL CL J . -29.83 8.86 32.94
O1 PG4 K . -39.80 -9.85 47.01
C1 PG4 K . -40.06 -11.24 46.92
C2 PG4 K . -38.81 -12.07 46.97
O2 PG4 K . -38.14 -11.92 48.22
C3 PG4 K . -37.56 -13.13 48.72
C4 PG4 K . -36.11 -12.96 49.07
O3 PG4 K . -35.92 -11.88 49.97
C5 PG4 K . -34.55 -11.70 50.34
C6 PG4 K . -34.07 -10.34 49.92
O1 PG4 L . -41.78 32.78 33.47
C1 PG4 L . -41.64 31.73 34.41
C2 PG4 L . -40.58 32.02 35.44
O2 PG4 L . -40.80 31.21 36.59
C3 PG4 L . -39.62 30.60 37.12
C4 PG4 L . -39.75 30.38 38.60
O3 PG4 L . -41.10 30.04 38.93
C5 PG4 L . -41.30 29.80 40.33
C6 PG4 L . -42.78 29.77 40.62
CU CU M . 0.17 9.46 4.37
CU CU N . -12.00 9.81 7.43
CL CL O . -12.13 7.60 7.42
CU CU P . -26.14 -2.88 37.09
CU CU Q . -28.80 7.84 31.30
CU CU R . 45.66 -21.07 -9.54
CU CU S . 33.72 -24.38 -11.27
CL CL T . 33.34 -25.19 -9.23
CL CL U . 26.04 -10.70 -35.93
CU CU V . 5.48 -6.52 -0.28
CU CU W . 7.12 -12.30 -11.30
CL CL X . 5.57 -11.13 -12.30
O2 PG4 Y . 35.16 -32.06 1.66
C3 PG4 Y . 35.66 -33.18 2.39
C4 PG4 Y . 35.68 -32.86 3.87
O3 PG4 Y . 34.72 -33.65 4.56
C5 PG4 Y . 35.21 -34.93 4.97
C6 PG4 Y . 34.08 -35.93 4.96
O4 PG4 Y . 32.98 -35.40 5.69
C7 PG4 Y . 31.71 -35.81 5.18
C8 PG4 Y . 30.62 -35.12 5.94
O5 PG4 Y . 30.57 -33.73 5.71
CU CU Z . 23.08 1.32 -39.39
CU CU AA . 23.97 -10.28 -35.00
#